data_1P9H
# 
_entry.id   1P9H 
# 
_audit_conform.dict_name       mmcif_pdbx.dic 
_audit_conform.dict_version    5.386 
_audit_conform.dict_location   http://mmcif.pdb.org/dictionaries/ascii/mmcif_pdbx.dic 
# 
loop_
_database_2.database_id 
_database_2.database_code 
_database_2.pdbx_database_accession 
_database_2.pdbx_DOI 
PDB   1P9H         pdb_00001p9h 10.2210/pdb1p9h/pdb 
RCSB  RCSB019175   ?            ?                   
WWPDB D_1000019175 ?            ?                   
# 
loop_
_pdbx_audit_revision_history.ordinal 
_pdbx_audit_revision_history.data_content_type 
_pdbx_audit_revision_history.major_revision 
_pdbx_audit_revision_history.minor_revision 
_pdbx_audit_revision_history.revision_date 
1 'Structure model' 1 0 2004-03-23 
2 'Structure model' 1 1 2008-04-29 
3 'Structure model' 1 2 2011-07-13 
4 'Structure model' 1 3 2024-02-14 
# 
_pdbx_audit_revision_details.ordinal             1 
_pdbx_audit_revision_details.revision_ordinal    1 
_pdbx_audit_revision_details.data_content_type   'Structure model' 
_pdbx_audit_revision_details.provider            repository 
_pdbx_audit_revision_details.type                'Initial release' 
_pdbx_audit_revision_details.description         ? 
_pdbx_audit_revision_details.details             ? 
# 
loop_
_pdbx_audit_revision_group.ordinal 
_pdbx_audit_revision_group.revision_ordinal 
_pdbx_audit_revision_group.data_content_type 
_pdbx_audit_revision_group.group 
1 2 'Structure model' 'Version format compliance' 
2 3 'Structure model' 'Derived calculations'      
3 3 'Structure model' 'Version format compliance' 
4 4 'Structure model' 'Data collection'           
5 4 'Structure model' 'Database references'       
# 
loop_
_pdbx_audit_revision_category.ordinal 
_pdbx_audit_revision_category.revision_ordinal 
_pdbx_audit_revision_category.data_content_type 
_pdbx_audit_revision_category.category 
1 4 'Structure model' chem_comp_atom     
2 4 'Structure model' chem_comp_bond     
3 4 'Structure model' database_2         
4 4 'Structure model' diffrn_source      
5 4 'Structure model' struct_ref_seq_dif 
# 
loop_
_pdbx_audit_revision_item.ordinal 
_pdbx_audit_revision_item.revision_ordinal 
_pdbx_audit_revision_item.data_content_type 
_pdbx_audit_revision_item.item 
1 4 'Structure model' '_database_2.pdbx_DOI'                 
2 4 'Structure model' '_database_2.pdbx_database_accession'  
3 4 'Structure model' '_diffrn_source.pdbx_synchrotron_site' 
4 4 'Structure model' '_struct_ref_seq_dif.details'          
# 
_pdbx_database_status.status_code                     REL 
_pdbx_database_status.entry_id                        1P9H 
_pdbx_database_status.recvd_initial_deposition_date   2003-05-12 
_pdbx_database_status.deposit_site                    RCSB 
_pdbx_database_status.process_site                    RCSB 
_pdbx_database_status.status_code_sf                  REL 
_pdbx_database_status.SG_entry                        . 
_pdbx_database_status.pdb_format_compatible           Y 
_pdbx_database_status.status_code_mr                  ? 
_pdbx_database_status.status_code_cs                  ? 
_pdbx_database_status.status_code_nmr_data            ? 
_pdbx_database_status.methods_development_category    ? 
# 
loop_
_audit_author.name 
_audit_author.pdbx_ordinal 
'Nummelin, H.'  1 
'Merckel, M.C.' 2 
'Skurnik, M.'   3 
'Goldman, A.'   4 
# 
_citation.id                        primary 
_citation.title                     
'The Yersinia adhesin YadA collagen-binding domain structure is a novel left-handed parallel beta-roll.' 
_citation.journal_abbrev            'Embo J.' 
_citation.journal_volume            23 
_citation.page_first                701 
_citation.page_last                 711 
_citation.year                      2004 
_citation.journal_id_ASTM           EMJODG 
_citation.country                   UK 
_citation.journal_id_ISSN           0261-4189 
_citation.journal_id_CSD            0897 
_citation.book_publisher            ? 
_citation.pdbx_database_id_PubMed   14765110 
_citation.pdbx_database_id_DOI      10.1038/sj.emboj.7600100 
# 
loop_
_citation_author.citation_id 
_citation_author.name 
_citation_author.ordinal 
_citation_author.identifier_ORCID 
primary 'Nummelin, H.'  1 ? 
primary 'Merckel, M.C.' 2 ? 
primary 'Leo, J.C.'     3 ? 
primary 'Lankinen, H.'  4 ? 
primary 'Skurnik, M.'   5 ? 
primary 'Goldman, A.'   6 ? 
# 
loop_
_entity.id 
_entity.type 
_entity.src_method 
_entity.pdbx_description 
_entity.formula_weight 
_entity.pdbx_number_of_molecules 
_entity.pdbx_ec 
_entity.pdbx_mutation 
_entity.pdbx_fragment 
_entity.details 
1 polymer man Invasin 22806.059 1   ? ? 'COLLAGEN-BINDING DOMAIN' ? 
2 water   nat water   18.015    105 ? ? ?                         ? 
# 
_entity_name_com.entity_id   1 
_entity_name_com.name        'Outer membrane adhesin' 
# 
_entity_poly.entity_id                      1 
_entity_poly.type                           'polypeptide(L)' 
_entity_poly.nstd_linkage                   no 
_entity_poly.nstd_monomer                   no 
_entity_poly.pdbx_seq_one_letter_code       
;MRGSHHHHHHDDYDGIPNLTAVQISPNADPALGLEYPVRPPVPGAGGLNASAKGIHSIAIGATAEAAKGAAVAVGAGSIA
TGVNSVAIGPLSKALGDSAVTYGAASTAQKDGVAIGARASTSDTGVAVGFNSKADAKNSVAIGHSSHVAANHGYSIAIGD
RSKTDRENSVSIGHESLNRQLTHLAAGTKDTDAVNVAQLKKEIEKTQENTNKRSAELLANANAYAD
;
_entity_poly.pdbx_seq_one_letter_code_can   
;MRGSHHHHHHDDYDGIPNLTAVQISPNADPALGLEYPVRPPVPGAGGLNASAKGIHSIAIGATAEAAKGAAVAVGAGSIA
TGVNSVAIGPLSKALGDSAVTYGAASTAQKDGVAIGARASTSDTGVAVGFNSKADAKNSVAIGHSSHVAANHGYSIAIGD
RSKTDRENSVSIGHESLNRQLTHLAAGTKDTDAVNVAQLKKEIEKTQENTNKRSAELLANANAYAD
;
_entity_poly.pdbx_strand_id                 A 
_entity_poly.pdbx_target_identifier         ? 
# 
_pdbx_entity_nonpoly.entity_id   2 
_pdbx_entity_nonpoly.name        water 
_pdbx_entity_nonpoly.comp_id     HOH 
# 
loop_
_entity_poly_seq.entity_id 
_entity_poly_seq.num 
_entity_poly_seq.mon_id 
_entity_poly_seq.hetero 
1 1   MET n 
1 2   ARG n 
1 3   GLY n 
1 4   SER n 
1 5   HIS n 
1 6   HIS n 
1 7   HIS n 
1 8   HIS n 
1 9   HIS n 
1 10  HIS n 
1 11  ASP n 
1 12  ASP n 
1 13  TYR n 
1 14  ASP n 
1 15  GLY n 
1 16  ILE n 
1 17  PRO n 
1 18  ASN n 
1 19  LEU n 
1 20  THR n 
1 21  ALA n 
1 22  VAL n 
1 23  GLN n 
1 24  ILE n 
1 25  SER n 
1 26  PRO n 
1 27  ASN n 
1 28  ALA n 
1 29  ASP n 
1 30  PRO n 
1 31  ALA n 
1 32  LEU n 
1 33  GLY n 
1 34  LEU n 
1 35  GLU n 
1 36  TYR n 
1 37  PRO n 
1 38  VAL n 
1 39  ARG n 
1 40  PRO n 
1 41  PRO n 
1 42  VAL n 
1 43  PRO n 
1 44  GLY n 
1 45  ALA n 
1 46  GLY n 
1 47  GLY n 
1 48  LEU n 
1 49  ASN n 
1 50  ALA n 
1 51  SER n 
1 52  ALA n 
1 53  LYS n 
1 54  GLY n 
1 55  ILE n 
1 56  HIS n 
1 57  SER n 
1 58  ILE n 
1 59  ALA n 
1 60  ILE n 
1 61  GLY n 
1 62  ALA n 
1 63  THR n 
1 64  ALA n 
1 65  GLU n 
1 66  ALA n 
1 67  ALA n 
1 68  LYS n 
1 69  GLY n 
1 70  ALA n 
1 71  ALA n 
1 72  VAL n 
1 73  ALA n 
1 74  VAL n 
1 75  GLY n 
1 76  ALA n 
1 77  GLY n 
1 78  SER n 
1 79  ILE n 
1 80  ALA n 
1 81  THR n 
1 82  GLY n 
1 83  VAL n 
1 84  ASN n 
1 85  SER n 
1 86  VAL n 
1 87  ALA n 
1 88  ILE n 
1 89  GLY n 
1 90  PRO n 
1 91  LEU n 
1 92  SER n 
1 93  LYS n 
1 94  ALA n 
1 95  LEU n 
1 96  GLY n 
1 97  ASP n 
1 98  SER n 
1 99  ALA n 
1 100 VAL n 
1 101 THR n 
1 102 TYR n 
1 103 GLY n 
1 104 ALA n 
1 105 ALA n 
1 106 SER n 
1 107 THR n 
1 108 ALA n 
1 109 GLN n 
1 110 LYS n 
1 111 ASP n 
1 112 GLY n 
1 113 VAL n 
1 114 ALA n 
1 115 ILE n 
1 116 GLY n 
1 117 ALA n 
1 118 ARG n 
1 119 ALA n 
1 120 SER n 
1 121 THR n 
1 122 SER n 
1 123 ASP n 
1 124 THR n 
1 125 GLY n 
1 126 VAL n 
1 127 ALA n 
1 128 VAL n 
1 129 GLY n 
1 130 PHE n 
1 131 ASN n 
1 132 SER n 
1 133 LYS n 
1 134 ALA n 
1 135 ASP n 
1 136 ALA n 
1 137 LYS n 
1 138 ASN n 
1 139 SER n 
1 140 VAL n 
1 141 ALA n 
1 142 ILE n 
1 143 GLY n 
1 144 HIS n 
1 145 SER n 
1 146 SER n 
1 147 HIS n 
1 148 VAL n 
1 149 ALA n 
1 150 ALA n 
1 151 ASN n 
1 152 HIS n 
1 153 GLY n 
1 154 TYR n 
1 155 SER n 
1 156 ILE n 
1 157 ALA n 
1 158 ILE n 
1 159 GLY n 
1 160 ASP n 
1 161 ARG n 
1 162 SER n 
1 163 LYS n 
1 164 THR n 
1 165 ASP n 
1 166 ARG n 
1 167 GLU n 
1 168 ASN n 
1 169 SER n 
1 170 VAL n 
1 171 SER n 
1 172 ILE n 
1 173 GLY n 
1 174 HIS n 
1 175 GLU n 
1 176 SER n 
1 177 LEU n 
1 178 ASN n 
1 179 ARG n 
1 180 GLN n 
1 181 LEU n 
1 182 THR n 
1 183 HIS n 
1 184 LEU n 
1 185 ALA n 
1 186 ALA n 
1 187 GLY n 
1 188 THR n 
1 189 LYS n 
1 190 ASP n 
1 191 THR n 
1 192 ASP n 
1 193 ALA n 
1 194 VAL n 
1 195 ASN n 
1 196 VAL n 
1 197 ALA n 
1 198 GLN n 
1 199 LEU n 
1 200 LYS n 
1 201 LYS n 
1 202 GLU n 
1 203 ILE n 
1 204 GLU n 
1 205 LYS n 
1 206 THR n 
1 207 GLN n 
1 208 GLU n 
1 209 ASN n 
1 210 THR n 
1 211 ASN n 
1 212 LYS n 
1 213 ARG n 
1 214 SER n 
1 215 ALA n 
1 216 GLU n 
1 217 LEU n 
1 218 LEU n 
1 219 ALA n 
1 220 ASN n 
1 221 ALA n 
1 222 ASN n 
1 223 ALA n 
1 224 TYR n 
1 225 ALA n 
1 226 ASP n 
# 
_entity_src_gen.entity_id                          1 
_entity_src_gen.pdbx_src_id                        1 
_entity_src_gen.pdbx_alt_source_flag               sample 
_entity_src_gen.pdbx_seq_type                      ? 
_entity_src_gen.pdbx_beg_seq_num                   ? 
_entity_src_gen.pdbx_end_seq_num                   ? 
_entity_src_gen.gene_src_common_name               ? 
_entity_src_gen.gene_src_genus                     Yersinia 
_entity_src_gen.pdbx_gene_src_gene                 'YADA OR YOPA OR INVA OR YOP1' 
_entity_src_gen.gene_src_species                   ? 
_entity_src_gen.gene_src_strain                    ? 
_entity_src_gen.gene_src_tissue                    ? 
_entity_src_gen.gene_src_tissue_fraction           ? 
_entity_src_gen.gene_src_details                   ? 
_entity_src_gen.pdbx_gene_src_fragment             ? 
_entity_src_gen.pdbx_gene_src_scientific_name      'Yersinia enterocolitica' 
_entity_src_gen.pdbx_gene_src_ncbi_taxonomy_id     630 
_entity_src_gen.pdbx_gene_src_variant              ? 
_entity_src_gen.pdbx_gene_src_cell_line            ? 
_entity_src_gen.pdbx_gene_src_atcc                 ? 
_entity_src_gen.pdbx_gene_src_organ                ? 
_entity_src_gen.pdbx_gene_src_organelle            ? 
_entity_src_gen.pdbx_gene_src_cell                 ? 
_entity_src_gen.pdbx_gene_src_cellular_location    ? 
_entity_src_gen.host_org_common_name               ? 
_entity_src_gen.pdbx_host_org_scientific_name      'Escherichia coli' 
_entity_src_gen.pdbx_host_org_ncbi_taxonomy_id     562 
_entity_src_gen.host_org_genus                     Escherichia 
_entity_src_gen.pdbx_host_org_gene                 ? 
_entity_src_gen.pdbx_host_org_organ                ? 
_entity_src_gen.host_org_species                   ? 
_entity_src_gen.pdbx_host_org_tissue               ? 
_entity_src_gen.pdbx_host_org_tissue_fraction      ? 
_entity_src_gen.pdbx_host_org_strain               'M15(pREP4)' 
_entity_src_gen.pdbx_host_org_variant              ? 
_entity_src_gen.pdbx_host_org_cell_line            ? 
_entity_src_gen.pdbx_host_org_atcc                 ? 
_entity_src_gen.pdbx_host_org_culture_collection   ? 
_entity_src_gen.pdbx_host_org_cell                 ? 
_entity_src_gen.pdbx_host_org_organelle            ? 
_entity_src_gen.pdbx_host_org_cellular_location    ? 
_entity_src_gen.pdbx_host_org_vector_type          plasmid 
_entity_src_gen.pdbx_host_org_vector               pQE-30 
_entity_src_gen.host_org_details                   ? 
_entity_src_gen.expression_system_id               ? 
_entity_src_gen.plasmid_name                       pHN-1 
_entity_src_gen.plasmid_details                    ? 
_entity_src_gen.pdbx_description                   ? 
# 
loop_
_chem_comp.id 
_chem_comp.type 
_chem_comp.mon_nstd_flag 
_chem_comp.name 
_chem_comp.pdbx_synonyms 
_chem_comp.formula 
_chem_comp.formula_weight 
ALA 'L-peptide linking' y ALANINE         ? 'C3 H7 N O2'     89.093  
ARG 'L-peptide linking' y ARGININE        ? 'C6 H15 N4 O2 1' 175.209 
ASN 'L-peptide linking' y ASPARAGINE      ? 'C4 H8 N2 O3'    132.118 
ASP 'L-peptide linking' y 'ASPARTIC ACID' ? 'C4 H7 N O4'     133.103 
GLN 'L-peptide linking' y GLUTAMINE       ? 'C5 H10 N2 O3'   146.144 
GLU 'L-peptide linking' y 'GLUTAMIC ACID' ? 'C5 H9 N O4'     147.129 
GLY 'peptide linking'   y GLYCINE         ? 'C2 H5 N O2'     75.067  
HIS 'L-peptide linking' y HISTIDINE       ? 'C6 H10 N3 O2 1' 156.162 
HOH non-polymer         . WATER           ? 'H2 O'           18.015  
ILE 'L-peptide linking' y ISOLEUCINE      ? 'C6 H13 N O2'    131.173 
LEU 'L-peptide linking' y LEUCINE         ? 'C6 H13 N O2'    131.173 
LYS 'L-peptide linking' y LYSINE          ? 'C6 H15 N2 O2 1' 147.195 
MET 'L-peptide linking' y METHIONINE      ? 'C5 H11 N O2 S'  149.211 
PHE 'L-peptide linking' y PHENYLALANINE   ? 'C9 H11 N O2'    165.189 
PRO 'L-peptide linking' y PROLINE         ? 'C5 H9 N O2'     115.130 
SER 'L-peptide linking' y SERINE          ? 'C3 H7 N O3'     105.093 
THR 'L-peptide linking' y THREONINE       ? 'C4 H9 N O3'     119.119 
TYR 'L-peptide linking' y TYROSINE        ? 'C9 H11 N O3'    181.189 
VAL 'L-peptide linking' y VALINE          ? 'C5 H11 N O2'    117.146 
# 
loop_
_pdbx_poly_seq_scheme.asym_id 
_pdbx_poly_seq_scheme.entity_id 
_pdbx_poly_seq_scheme.seq_id 
_pdbx_poly_seq_scheme.mon_id 
_pdbx_poly_seq_scheme.ndb_seq_num 
_pdbx_poly_seq_scheme.pdb_seq_num 
_pdbx_poly_seq_scheme.auth_seq_num 
_pdbx_poly_seq_scheme.pdb_mon_id 
_pdbx_poly_seq_scheme.auth_mon_id 
_pdbx_poly_seq_scheme.pdb_strand_id 
_pdbx_poly_seq_scheme.pdb_ins_code 
_pdbx_poly_seq_scheme.hetero 
A 1 1   MET 1   16  ?   ?   ?   A . n 
A 1 2   ARG 2   17  ?   ?   ?   A . n 
A 1 3   GLY 3   18  ?   ?   ?   A . n 
A 1 4   SER 4   19  ?   ?   ?   A . n 
A 1 5   HIS 5   20  ?   ?   ?   A . n 
A 1 6   HIS 6   21  ?   ?   ?   A . n 
A 1 7   HIS 7   22  ?   ?   ?   A . n 
A 1 8   HIS 8   23  ?   ?   ?   A . n 
A 1 9   HIS 9   24  ?   ?   ?   A . n 
A 1 10  HIS 10  25  ?   ?   ?   A . n 
A 1 11  ASP 11  26  ?   ?   ?   A . n 
A 1 12  ASP 12  27  ?   ?   ?   A . n 
A 1 13  TYR 13  28  ?   ?   ?   A . n 
A 1 14  ASP 14  29  ?   ?   ?   A . n 
A 1 15  GLY 15  30  ?   ?   ?   A . n 
A 1 16  ILE 16  31  ?   ?   ?   A . n 
A 1 17  PRO 17  32  32  PRO PRO A . n 
A 1 18  ASN 18  33  33  ASN ASN A . n 
A 1 19  LEU 19  34  34  LEU LEU A . n 
A 1 20  THR 20  35  35  THR THR A . n 
A 1 21  ALA 21  36  36  ALA ALA A . n 
A 1 22  VAL 22  37  37  VAL VAL A . n 
A 1 23  GLN 23  38  38  GLN GLN A . n 
A 1 24  ILE 24  39  39  ILE ILE A . n 
A 1 25  SER 25  40  40  SER SER A . n 
A 1 26  PRO 26  41  41  PRO PRO A . n 
A 1 27  ASN 27  42  42  ASN ASN A . n 
A 1 28  ALA 28  43  43  ALA ALA A . n 
A 1 29  ASP 29  44  44  ASP ASP A . n 
A 1 30  PRO 30  45  45  PRO PRO A . n 
A 1 31  ALA 31  46  46  ALA ALA A . n 
A 1 32  LEU 32  47  47  LEU LEU A . n 
A 1 33  GLY 33  48  48  GLY GLY A . n 
A 1 34  LEU 34  49  49  LEU LEU A . n 
A 1 35  GLU 35  50  50  GLU GLU A . n 
A 1 36  TYR 36  51  51  TYR TYR A . n 
A 1 37  PRO 37  52  ?   ?   ?   A . n 
A 1 38  VAL 38  53  ?   ?   ?   A . n 
A 1 39  ARG 39  54  ?   ?   ?   A . n 
A 1 40  PRO 40  55  ?   ?   ?   A . n 
A 1 41  PRO 41  56  ?   ?   ?   A . n 
A 1 42  VAL 42  57  ?   ?   ?   A . n 
A 1 43  PRO 43  58  ?   ?   ?   A . n 
A 1 44  GLY 44  59  ?   ?   ?   A . n 
A 1 45  ALA 45  60  ?   ?   ?   A . n 
A 1 46  GLY 46  61  ?   ?   ?   A . n 
A 1 47  GLY 47  62  62  GLY GLY A . n 
A 1 48  LEU 48  63  63  LEU LEU A . n 
A 1 49  ASN 49  64  64  ASN ASN A . n 
A 1 50  ALA 50  65  65  ALA ALA A . n 
A 1 51  SER 51  66  66  SER SER A . n 
A 1 52  ALA 52  67  67  ALA ALA A . n 
A 1 53  LYS 53  68  68  LYS LYS A . n 
A 1 54  GLY 54  69  69  GLY GLY A . n 
A 1 55  ILE 55  70  70  ILE ILE A . n 
A 1 56  HIS 56  71  71  HIS HIS A . n 
A 1 57  SER 57  72  72  SER SER A . n 
A 1 58  ILE 58  73  73  ILE ILE A . n 
A 1 59  ALA 59  74  74  ALA ALA A . n 
A 1 60  ILE 60  75  75  ILE ILE A . n 
A 1 61  GLY 61  76  76  GLY GLY A . n 
A 1 62  ALA 62  77  77  ALA ALA A . n 
A 1 63  THR 63  78  78  THR THR A . n 
A 1 64  ALA 64  79  79  ALA ALA A . n 
A 1 65  GLU 65  80  80  GLU GLU A . n 
A 1 66  ALA 66  81  81  ALA ALA A . n 
A 1 67  ALA 67  82  82  ALA ALA A . n 
A 1 68  LYS 68  83  83  LYS LYS A . n 
A 1 69  GLY 69  84  84  GLY GLY A . n 
A 1 70  ALA 70  85  85  ALA ALA A . n 
A 1 71  ALA 71  86  86  ALA ALA A . n 
A 1 72  VAL 72  87  87  VAL VAL A . n 
A 1 73  ALA 73  88  88  ALA ALA A . n 
A 1 74  VAL 74  89  89  VAL VAL A . n 
A 1 75  GLY 75  90  90  GLY GLY A . n 
A 1 76  ALA 76  91  91  ALA ALA A . n 
A 1 77  GLY 77  92  92  GLY GLY A . n 
A 1 78  SER 78  93  93  SER SER A . n 
A 1 79  ILE 79  94  94  ILE ILE A . n 
A 1 80  ALA 80  95  95  ALA ALA A . n 
A 1 81  THR 81  96  96  THR THR A . n 
A 1 82  GLY 82  97  97  GLY GLY A . n 
A 1 83  VAL 83  98  98  VAL VAL A . n 
A 1 84  ASN 84  99  99  ASN ASN A . n 
A 1 85  SER 85  100 100 SER SER A . n 
A 1 86  VAL 86  101 101 VAL VAL A . n 
A 1 87  ALA 87  102 102 ALA ALA A . n 
A 1 88  ILE 88  103 103 ILE ILE A . n 
A 1 89  GLY 89  104 104 GLY GLY A . n 
A 1 90  PRO 90  105 105 PRO PRO A . n 
A 1 91  LEU 91  106 106 LEU LEU A . n 
A 1 92  SER 92  107 107 SER SER A . n 
A 1 93  LYS 93  108 108 LYS LYS A . n 
A 1 94  ALA 94  109 109 ALA ALA A . n 
A 1 95  LEU 95  110 110 LEU LEU A . n 
A 1 96  GLY 96  111 111 GLY GLY A . n 
A 1 97  ASP 97  112 112 ASP ASP A . n 
A 1 98  SER 98  113 113 SER SER A . n 
A 1 99  ALA 99  114 114 ALA ALA A . n 
A 1 100 VAL 100 115 115 VAL VAL A . n 
A 1 101 THR 101 116 116 THR THR A . n 
A 1 102 TYR 102 117 117 TYR TYR A . n 
A 1 103 GLY 103 118 118 GLY GLY A . n 
A 1 104 ALA 104 119 119 ALA ALA A . n 
A 1 105 ALA 105 120 120 ALA ALA A . n 
A 1 106 SER 106 121 121 SER SER A . n 
A 1 107 THR 107 122 122 THR THR A . n 
A 1 108 ALA 108 123 123 ALA ALA A . n 
A 1 109 GLN 109 124 124 GLN GLN A . n 
A 1 110 LYS 110 125 125 LYS LYS A . n 
A 1 111 ASP 111 126 126 ASP ASP A . n 
A 1 112 GLY 112 127 127 GLY GLY A . n 
A 1 113 VAL 113 128 128 VAL VAL A . n 
A 1 114 ALA 114 129 129 ALA ALA A . n 
A 1 115 ILE 115 130 130 ILE ILE A . n 
A 1 116 GLY 116 131 131 GLY GLY A . n 
A 1 117 ALA 117 132 132 ALA ALA A . n 
A 1 118 ARG 118 133 133 ARG ARG A . n 
A 1 119 ALA 119 134 134 ALA ALA A . n 
A 1 120 SER 120 135 135 SER SER A . n 
A 1 121 THR 121 136 136 THR THR A . n 
A 1 122 SER 122 137 137 SER SER A . n 
A 1 123 ASP 123 138 138 ASP ASP A . n 
A 1 124 THR 124 139 139 THR THR A . n 
A 1 125 GLY 125 140 140 GLY GLY A . n 
A 1 126 VAL 126 141 141 VAL VAL A . n 
A 1 127 ALA 127 142 142 ALA ALA A . n 
A 1 128 VAL 128 143 143 VAL VAL A . n 
A 1 129 GLY 129 144 144 GLY GLY A . n 
A 1 130 PHE 130 145 145 PHE PHE A . n 
A 1 131 ASN 131 146 146 ASN ASN A . n 
A 1 132 SER 132 147 147 SER SER A . n 
A 1 133 LYS 133 148 148 LYS LYS A . n 
A 1 134 ALA 134 149 149 ALA ALA A . n 
A 1 135 ASP 135 150 150 ASP ASP A . n 
A 1 136 ALA 136 151 151 ALA ALA A . n 
A 1 137 LYS 137 152 152 LYS LYS A . n 
A 1 138 ASN 138 153 153 ASN ASN A . n 
A 1 139 SER 139 154 154 SER SER A . n 
A 1 140 VAL 140 155 155 VAL VAL A . n 
A 1 141 ALA 141 156 156 ALA ALA A . n 
A 1 142 ILE 142 157 157 ILE ILE A . n 
A 1 143 GLY 143 158 158 GLY GLY A . n 
A 1 144 HIS 144 159 159 HIS HIS A . n 
A 1 145 SER 145 160 160 SER SER A . n 
A 1 146 SER 146 161 161 SER SER A . n 
A 1 147 HIS 147 162 162 HIS HIS A . n 
A 1 148 VAL 148 163 163 VAL VAL A . n 
A 1 149 ALA 149 164 164 ALA ALA A . n 
A 1 150 ALA 150 165 165 ALA ALA A . n 
A 1 151 ASN 151 166 166 ASN ASN A . n 
A 1 152 HIS 152 167 167 HIS HIS A . n 
A 1 153 GLY 153 168 168 GLY GLY A . n 
A 1 154 TYR 154 169 169 TYR TYR A . n 
A 1 155 SER 155 170 170 SER SER A . n 
A 1 156 ILE 156 171 171 ILE ILE A . n 
A 1 157 ALA 157 172 172 ALA ALA A . n 
A 1 158 ILE 158 173 173 ILE ILE A . n 
A 1 159 GLY 159 174 174 GLY GLY A . n 
A 1 160 ASP 160 175 175 ASP ASP A . n 
A 1 161 ARG 161 176 176 ARG ARG A . n 
A 1 162 SER 162 177 177 SER SER A . n 
A 1 163 LYS 163 178 178 LYS ALA A . n 
A 1 164 THR 164 179 179 THR THR A . n 
A 1 165 ASP 165 180 180 ASP ASP A . n 
A 1 166 ARG 166 181 181 ARG ARG A . n 
A 1 167 GLU 167 182 182 GLU GLU A . n 
A 1 168 ASN 168 183 183 ASN ASN A . n 
A 1 169 SER 169 184 184 SER SER A . n 
A 1 170 VAL 170 185 185 VAL VAL A . n 
A 1 171 SER 171 186 186 SER SER A . n 
A 1 172 ILE 172 187 187 ILE ILE A . n 
A 1 173 GLY 173 188 188 GLY GLY A . n 
A 1 174 HIS 174 189 189 HIS HIS A . n 
A 1 175 GLU 175 190 190 GLU GLU A . n 
A 1 176 SER 176 191 191 SER SER A . n 
A 1 177 LEU 177 192 192 LEU LEU A . n 
A 1 178 ASN 178 193 193 ASN ASN A . n 
A 1 179 ARG 179 194 194 ARG ARG A . n 
A 1 180 GLN 180 195 195 GLN GLN A . n 
A 1 181 LEU 181 196 196 LEU LEU A . n 
A 1 182 THR 182 197 197 THR THR A . n 
A 1 183 HIS 183 198 198 HIS HIS A . n 
A 1 184 LEU 184 199 199 LEU LEU A . n 
A 1 185 ALA 185 200 200 ALA ALA A . n 
A 1 186 ALA 186 201 201 ALA ALA A . n 
A 1 187 GLY 187 202 202 GLY GLY A . n 
A 1 188 THR 188 203 203 THR THR A . n 
A 1 189 LYS 189 204 204 LYS LYS A . n 
A 1 190 ASP 190 205 205 ASP ASP A . n 
A 1 191 THR 191 206 206 THR THR A . n 
A 1 192 ASP 192 207 207 ASP ASP A . n 
A 1 193 ALA 193 208 208 ALA ALA A . n 
A 1 194 VAL 194 209 209 VAL VAL A . n 
A 1 195 ASN 195 210 210 ASN ASN A . n 
A 1 196 VAL 196 211 211 VAL VAL A . n 
A 1 197 ALA 197 212 212 ALA ALA A . n 
A 1 198 GLN 198 213 213 GLN GLN A . n 
A 1 199 LEU 199 214 214 LEU LEU A . n 
A 1 200 LYS 200 215 215 LYS LYS A . n 
A 1 201 LYS 201 216 216 LYS ALA A . n 
A 1 202 GLU 202 217 217 GLU GLU A . n 
A 1 203 ILE 203 218 218 ILE ILE A . n 
A 1 204 GLU 204 219 219 GLU ALA A . n 
A 1 205 LYS 205 220 220 LYS LYS A . n 
A 1 206 THR 206 221 ?   ?   ?   A . n 
A 1 207 GLN 207 222 ?   ?   ?   A . n 
A 1 208 GLU 208 223 ?   ?   ?   A . n 
A 1 209 ASN 209 224 ?   ?   ?   A . n 
A 1 210 THR 210 225 ?   ?   ?   A . n 
A 1 211 ASN 211 226 ?   ?   ?   A . n 
A 1 212 LYS 212 227 ?   ?   ?   A . n 
A 1 213 ARG 213 228 ?   ?   ?   A . n 
A 1 214 SER 214 229 ?   ?   ?   A . n 
A 1 215 ALA 215 230 ?   ?   ?   A . n 
A 1 216 GLU 216 231 ?   ?   ?   A . n 
A 1 217 LEU 217 232 ?   ?   ?   A . n 
A 1 218 LEU 218 233 ?   ?   ?   A . n 
A 1 219 ALA 219 234 ?   ?   ?   A . n 
A 1 220 ASN 220 235 ?   ?   ?   A . n 
A 1 221 ALA 221 236 ?   ?   ?   A . n 
A 1 222 ASN 222 237 ?   ?   ?   A . n 
A 1 223 ALA 223 238 ?   ?   ?   A . n 
A 1 224 TYR 224 239 ?   ?   ?   A . n 
A 1 225 ALA 225 240 ?   ?   ?   A . n 
A 1 226 ASP 226 241 ?   ?   ?   A . n 
# 
loop_
_pdbx_nonpoly_scheme.asym_id 
_pdbx_nonpoly_scheme.entity_id 
_pdbx_nonpoly_scheme.mon_id 
_pdbx_nonpoly_scheme.ndb_seq_num 
_pdbx_nonpoly_scheme.pdb_seq_num 
_pdbx_nonpoly_scheme.auth_seq_num 
_pdbx_nonpoly_scheme.pdb_mon_id 
_pdbx_nonpoly_scheme.auth_mon_id 
_pdbx_nonpoly_scheme.pdb_strand_id 
_pdbx_nonpoly_scheme.pdb_ins_code 
B 2 HOH 1   242 221 HOH WAT A . 
B 2 HOH 2   243 222 HOH WAT A . 
B 2 HOH 3   244 223 HOH WAT A . 
B 2 HOH 4   245 224 HOH WAT A . 
B 2 HOH 5   246 225 HOH WAT A . 
B 2 HOH 6   247 226 HOH WAT A . 
B 2 HOH 7   248 227 HOH WAT A . 
B 2 HOH 8   249 228 HOH WAT A . 
B 2 HOH 9   250 229 HOH WAT A . 
B 2 HOH 10  251 230 HOH WAT A . 
B 2 HOH 11  252 231 HOH WAT A . 
B 2 HOH 12  253 232 HOH WAT A . 
B 2 HOH 13  254 233 HOH WAT A . 
B 2 HOH 14  255 234 HOH WAT A . 
B 2 HOH 15  256 235 HOH WAT A . 
B 2 HOH 16  257 236 HOH WAT A . 
B 2 HOH 17  258 237 HOH WAT A . 
B 2 HOH 18  259 238 HOH WAT A . 
B 2 HOH 19  260 239 HOH WAT A . 
B 2 HOH 20  261 240 HOH WAT A . 
B 2 HOH 21  262 241 HOH WAT A . 
B 2 HOH 22  263 242 HOH WAT A . 
B 2 HOH 23  264 243 HOH WAT A . 
B 2 HOH 24  265 244 HOH WAT A . 
B 2 HOH 25  266 245 HOH WAT A . 
B 2 HOH 26  267 246 HOH WAT A . 
B 2 HOH 27  268 247 HOH WAT A . 
B 2 HOH 28  269 248 HOH WAT A . 
B 2 HOH 29  270 249 HOH WAT A . 
B 2 HOH 30  271 250 HOH WAT A . 
B 2 HOH 31  272 251 HOH WAT A . 
B 2 HOH 32  273 252 HOH WAT A . 
B 2 HOH 33  274 253 HOH WAT A . 
B 2 HOH 34  275 254 HOH WAT A . 
B 2 HOH 35  276 255 HOH WAT A . 
B 2 HOH 36  277 256 HOH WAT A . 
B 2 HOH 37  278 257 HOH WAT A . 
B 2 HOH 38  279 258 HOH WAT A . 
B 2 HOH 39  280 259 HOH WAT A . 
B 2 HOH 40  281 260 HOH WAT A . 
B 2 HOH 41  282 261 HOH WAT A . 
B 2 HOH 42  283 262 HOH WAT A . 
B 2 HOH 43  284 263 HOH WAT A . 
B 2 HOH 44  285 264 HOH WAT A . 
B 2 HOH 45  286 265 HOH WAT A . 
B 2 HOH 46  287 266 HOH WAT A . 
B 2 HOH 47  288 267 HOH WAT A . 
B 2 HOH 48  289 268 HOH WAT A . 
B 2 HOH 49  290 269 HOH WAT A . 
B 2 HOH 50  291 270 HOH WAT A . 
B 2 HOH 51  292 271 HOH WAT A . 
B 2 HOH 52  293 272 HOH WAT A . 
B 2 HOH 53  294 273 HOH WAT A . 
B 2 HOH 54  295 274 HOH WAT A . 
B 2 HOH 55  296 275 HOH WAT A . 
B 2 HOH 56  297 276 HOH WAT A . 
B 2 HOH 57  298 277 HOH WAT A . 
B 2 HOH 58  299 278 HOH WAT A . 
B 2 HOH 59  300 279 HOH WAT A . 
B 2 HOH 60  301 280 HOH WAT A . 
B 2 HOH 61  302 281 HOH WAT A . 
B 2 HOH 62  303 282 HOH WAT A . 
B 2 HOH 63  304 283 HOH WAT A . 
B 2 HOH 64  305 284 HOH WAT A . 
B 2 HOH 65  306 285 HOH WAT A . 
B 2 HOH 66  307 286 HOH WAT A . 
B 2 HOH 67  308 287 HOH WAT A . 
B 2 HOH 68  309 288 HOH WAT A . 
B 2 HOH 69  310 289 HOH WAT A . 
B 2 HOH 70  311 290 HOH WAT A . 
B 2 HOH 71  312 291 HOH WAT A . 
B 2 HOH 72  313 292 HOH WAT A . 
B 2 HOH 73  314 293 HOH WAT A . 
B 2 HOH 74  315 294 HOH WAT A . 
B 2 HOH 75  316 295 HOH WAT A . 
B 2 HOH 76  317 296 HOH WAT A . 
B 2 HOH 77  318 297 HOH WAT A . 
B 2 HOH 78  319 298 HOH WAT A . 
B 2 HOH 79  320 299 HOH WAT A . 
B 2 HOH 80  321 300 HOH WAT A . 
B 2 HOH 81  322 301 HOH WAT A . 
B 2 HOH 82  323 302 HOH WAT A . 
B 2 HOH 83  324 303 HOH WAT A . 
B 2 HOH 84  325 304 HOH WAT A . 
B 2 HOH 85  326 305 HOH WAT A . 
B 2 HOH 86  327 306 HOH WAT A . 
B 2 HOH 87  328 307 HOH WAT A . 
B 2 HOH 88  329 308 HOH WAT A . 
B 2 HOH 89  330 309 HOH WAT A . 
B 2 HOH 90  331 310 HOH WAT A . 
B 2 HOH 91  332 311 HOH WAT A . 
B 2 HOH 92  333 312 HOH WAT A . 
B 2 HOH 93  334 313 HOH WAT A . 
B 2 HOH 94  335 314 HOH WAT A . 
B 2 HOH 95  336 315 HOH WAT A . 
B 2 HOH 96  337 316 HOH WAT A . 
B 2 HOH 97  338 317 HOH WAT A . 
B 2 HOH 98  339 318 HOH WAT A . 
B 2 HOH 99  340 319 HOH WAT A . 
B 2 HOH 100 341 320 HOH WAT A . 
B 2 HOH 101 342 321 HOH WAT A . 
B 2 HOH 102 343 322 HOH WAT A . 
B 2 HOH 103 344 323 HOH WAT A . 
B 2 HOH 104 345 324 HOH WAT A . 
B 2 HOH 105 346 325 HOH WAT A . 
# 
loop_
_pdbx_unobs_or_zero_occ_atoms.id 
_pdbx_unobs_or_zero_occ_atoms.PDB_model_num 
_pdbx_unobs_or_zero_occ_atoms.polymer_flag 
_pdbx_unobs_or_zero_occ_atoms.occupancy_flag 
_pdbx_unobs_or_zero_occ_atoms.auth_asym_id 
_pdbx_unobs_or_zero_occ_atoms.auth_comp_id 
_pdbx_unobs_or_zero_occ_atoms.auth_seq_id 
_pdbx_unobs_or_zero_occ_atoms.PDB_ins_code 
_pdbx_unobs_or_zero_occ_atoms.auth_atom_id 
_pdbx_unobs_or_zero_occ_atoms.label_alt_id 
_pdbx_unobs_or_zero_occ_atoms.label_asym_id 
_pdbx_unobs_or_zero_occ_atoms.label_comp_id 
_pdbx_unobs_or_zero_occ_atoms.label_seq_id 
_pdbx_unobs_or_zero_occ_atoms.label_atom_id 
1  1 Y 1 A LYS 178 ? CG  ? A LYS 163 CG  
2  1 Y 1 A LYS 178 ? CD  ? A LYS 163 CD  
3  1 Y 1 A LYS 178 ? CE  ? A LYS 163 CE  
4  1 Y 1 A LYS 178 ? NZ  ? A LYS 163 NZ  
5  1 Y 1 A LYS 216 ? CG  ? A LYS 201 CG  
6  1 Y 1 A LYS 216 ? CD  ? A LYS 201 CD  
7  1 Y 1 A LYS 216 ? CE  ? A LYS 201 CE  
8  1 Y 1 A LYS 216 ? NZ  ? A LYS 201 NZ  
9  1 Y 1 A GLU 219 ? CG  ? A GLU 204 CG  
10 1 Y 1 A GLU 219 ? CD  ? A GLU 204 CD  
11 1 Y 1 A GLU 219 ? OE1 ? A GLU 204 OE1 
12 1 Y 1 A GLU 219 ? OE2 ? A GLU 204 OE2 
# 
loop_
_software.name 
_software.classification 
_software.version 
_software.citation_id 
_software.pdbx_ordinal 
CNS       refinement       1.1 ? 1 
HKL-2000  'data reduction' .   ? 2 
SCALEPACK 'data scaling'   .   ? 3 
SOLVE     phasing          .   ? 4 
# 
_cell.entry_id           1P9H 
_cell.length_a           67.050 
_cell.length_b           67.050 
_cell.length_c           221.953 
_cell.angle_alpha        90.00 
_cell.angle_beta         90.00 
_cell.angle_gamma        120.00 
_cell.Z_PDB              18 
_cell.pdbx_unique_axis   ? 
# 
_symmetry.entry_id                         1P9H 
_symmetry.space_group_name_H-M             'H 3 2' 
_symmetry.pdbx_full_space_group_name_H-M   ? 
_symmetry.cell_setting                     ? 
_symmetry.Int_Tables_number                155 
# 
_exptl.entry_id          1P9H 
_exptl.method            'X-RAY DIFFRACTION' 
_exptl.crystals_number   1 
# 
_exptl_crystal.id                    1 
_exptl_crystal.density_meas          ? 
_exptl_crystal.density_Matthews      2.43 
_exptl_crystal.density_percent_sol   48.92 
_exptl_crystal.description           ? 
# 
_exptl_crystal_grow.crystal_id      1 
_exptl_crystal_grow.method          'VAPOR DIFFUSION, SITTING DROP' 
_exptl_crystal_grow.temp            298 
_exptl_crystal_grow.temp_details    ? 
_exptl_crystal_grow.pH              6.5 
_exptl_crystal_grow.pdbx_details    
'PEG 8000, sodium acetate, sodium-cacotylate, pH 6.5, VAPOR DIFFUSION, SITTING DROP, temperature 298K' 
_exptl_crystal_grow.pdbx_pH_range   . 
# 
_diffrn.id                     1 
_diffrn.ambient_temp           100 
_diffrn.ambient_temp_details   ? 
_diffrn.crystal_id             1 
# 
_diffrn_detector.diffrn_id              1 
_diffrn_detector.detector               CCD 
_diffrn_detector.type                   MARRESEARCH 
_diffrn_detector.pdbx_collection_date   2000-06-19 
_diffrn_detector.details                mirrors 
# 
_diffrn_radiation.diffrn_id                        1 
_diffrn_radiation.wavelength_id                    1 
_diffrn_radiation.pdbx_monochromatic_or_laue_m_l   M 
_diffrn_radiation.monochromator                    ? 
_diffrn_radiation.pdbx_diffrn_protocol             'SINGLE WAVELENGTH' 
_diffrn_radiation.pdbx_scattering_type             x-ray 
# 
_diffrn_radiation_wavelength.id           1 
_diffrn_radiation_wavelength.wavelength   0.91020 
_diffrn_radiation_wavelength.wt           1.0 
# 
_diffrn_source.diffrn_id                   1 
_diffrn_source.source                      SYNCHROTRON 
_diffrn_source.type                        'EMBL/DESY, HAMBURG BEAMLINE X11' 
_diffrn_source.pdbx_synchrotron_site       'EMBL/DESY, HAMBURG' 
_diffrn_source.pdbx_synchrotron_beamline   X11 
_diffrn_source.pdbx_wavelength             ? 
_diffrn_source.pdbx_wavelength_list        0.91020 
# 
_reflns.entry_id                     1P9H 
_reflns.observed_criterion_sigma_I   -3.0 
_reflns.observed_criterion_sigma_F   ? 
_reflns.d_resolution_low             20.0 
_reflns.d_resolution_high            1.55 
_reflns.number_obs                   28240 
_reflns.number_all                   28431 
_reflns.percent_possible_obs         99.4 
_reflns.pdbx_Rmerge_I_obs            0.058 
_reflns.pdbx_Rsym_value              ? 
_reflns.pdbx_netI_over_sigmaI        24.0 
_reflns.B_iso_Wilson_estimate        18.6 
_reflns.pdbx_redundancy              ? 
_reflns.R_free_details               ? 
_reflns.limit_h_max                  ? 
_reflns.limit_h_min                  ? 
_reflns.limit_k_max                  ? 
_reflns.limit_k_min                  ? 
_reflns.limit_l_max                  ? 
_reflns.limit_l_min                  ? 
_reflns.observed_criterion_F_max     ? 
_reflns.observed_criterion_F_min     ? 
_reflns.pdbx_ordinal                 1 
_reflns.pdbx_diffrn_id               1 
# 
_reflns_shell.d_res_high             1.55 
_reflns_shell.d_res_low              1.61 
_reflns_shell.percent_possible_all   99.4 
_reflns_shell.Rmerge_I_obs           0.429 
_reflns_shell.pdbx_Rsym_value        ? 
_reflns_shell.meanI_over_sigI_obs    4.5 
_reflns_shell.pdbx_redundancy        ? 
_reflns_shell.percent_possible_obs   ? 
_reflns_shell.number_unique_all      2763 
_reflns_shell.pdbx_ordinal           1 
_reflns_shell.pdbx_diffrn_id         1 
# 
_refine.entry_id                                 1P9H 
_refine.ls_number_reflns_obs                     27177 
_refine.ls_number_reflns_all                     28429 
_refine.pdbx_ls_sigma_I                          ? 
_refine.pdbx_ls_sigma_F                          0.0 
_refine.pdbx_data_cutoff_high_absF               263358.66 
_refine.pdbx_data_cutoff_low_absF                0.000000 
_refine.pdbx_data_cutoff_high_rms_absF           263358.66 
_refine.ls_d_res_low                             19.87 
_refine.ls_d_res_high                            1.55 
_refine.ls_percent_reflns_obs                    95.9 
_refine.ls_R_factor_obs                          ? 
_refine.ls_R_factor_all                          ? 
_refine.ls_R_factor_R_work                       0.1956 
_refine.ls_R_factor_R_free                       0.2038 
_refine.ls_R_factor_R_free_error                 0.004 
_refine.ls_R_factor_R_free_error_details         ? 
_refine.ls_percent_reflns_R_free                 9.9 
_refine.ls_number_reflns_R_free                  2694 
_refine.ls_number_parameters                     ? 
_refine.ls_number_restraints                     ? 
_refine.occupancy_min                            ? 
_refine.occupancy_max                            ? 
_refine.correlation_coeff_Fo_to_Fc               ? 
_refine.correlation_coeff_Fo_to_Fc_free          ? 
_refine.B_iso_mean                               17.0 
_refine.aniso_B[1][1]                            0.31 
_refine.aniso_B[2][2]                            0.31 
_refine.aniso_B[3][3]                            -0.63 
_refine.aniso_B[1][2]                            0.62 
_refine.aniso_B[1][3]                            0.00 
_refine.aniso_B[2][3]                            0.00 
_refine.solvent_model_details                    'FLAT MODEL' 
_refine.solvent_model_param_ksol                 0.704203 
_refine.solvent_model_param_bsol                 124.626 
_refine.pdbx_solvent_vdw_probe_radii             ? 
_refine.pdbx_solvent_ion_probe_radii             ? 
_refine.pdbx_solvent_shrinkage_radii             ? 
_refine.pdbx_ls_cross_valid_method               THROUGHOUT 
_refine.details                                  ? 
_refine.pdbx_starting_model                      ? 
_refine.pdbx_method_to_determine_struct          MAD 
_refine.pdbx_isotropic_thermal_model             RESTRAINED 
_refine.pdbx_stereochemistry_target_values       'Engh & Huber' 
_refine.pdbx_stereochem_target_val_spec_case     ? 
_refine.pdbx_R_Free_selection_details            RANDOM 
_refine.pdbx_overall_ESU_R                       ? 
_refine.pdbx_overall_ESU_R_Free                  ? 
_refine.overall_SU_ML                            ? 
_refine.overall_SU_B                             ? 
_refine.ls_redundancy_reflns_obs                 ? 
_refine.B_iso_min                                ? 
_refine.B_iso_max                                ? 
_refine.overall_SU_R_Cruickshank_DPI             ? 
_refine.overall_SU_R_free                        ? 
_refine.pdbx_refine_id                           'X-RAY DIFFRACTION' 
_refine.pdbx_diffrn_id                           1 
_refine.pdbx_TLS_residual_ADP_flag               ? 
_refine.pdbx_overall_phase_error                 ? 
_refine.pdbx_overall_SU_R_free_Cruickshank_DPI   ? 
_refine.pdbx_overall_SU_R_Blow_DPI               ? 
_refine.pdbx_overall_SU_R_free_Blow_DPI          ? 
# 
_refine_analyze.entry_id                        1P9H 
_refine_analyze.Luzzati_coordinate_error_obs    0.16 
_refine_analyze.Luzzati_sigma_a_obs             0.09 
_refine_analyze.Luzzati_d_res_low_obs           5.00 
_refine_analyze.Luzzati_coordinate_error_free   0.18 
_refine_analyze.Luzzati_sigma_a_free            0.12 
_refine_analyze.Luzzati_d_res_low_free          ? 
_refine_analyze.number_disordered_residues      ? 
_refine_analyze.occupancy_sum_hydrogen          ? 
_refine_analyze.occupancy_sum_non_hydrogen      ? 
_refine_analyze.pdbx_Luzzati_d_res_high_obs     ? 
_refine_analyze.pdbx_refine_id                  'X-RAY DIFFRACTION' 
# 
_refine_hist.pdbx_refine_id                   'X-RAY DIFFRACTION' 
_refine_hist.cycle_id                         LAST 
_refine_hist.pdbx_number_atoms_protein        1228 
_refine_hist.pdbx_number_atoms_nucleic_acid   0 
_refine_hist.pdbx_number_atoms_ligand         0 
_refine_hist.number_atoms_solvent             105 
_refine_hist.number_atoms_total               1333 
_refine_hist.d_res_high                       1.55 
_refine_hist.d_res_low                        19.87 
# 
loop_
_refine_ls_restr.type 
_refine_ls_restr.dev_ideal 
_refine_ls_restr.dev_ideal_target 
_refine_ls_restr.weight 
_refine_ls_restr.number 
_refine_ls_restr.pdbx_refine_id 
_refine_ls_restr.pdbx_restraint_function 
c_bond_d           0.004 ? ? ? 'X-RAY DIFFRACTION' ? 
c_angle_deg        1.4   ? ? ? 'X-RAY DIFFRACTION' ? 
c_dihedral_angle_d 26.9  ? ? ? 'X-RAY DIFFRACTION' ? 
c_improper_angle_d 0.66  ? ? ? 'X-RAY DIFFRACTION' ? 
# 
_refine_ls_shell.pdbx_total_number_of_bins_used   6 
_refine_ls_shell.d_res_high                       1.55 
_refine_ls_shell.d_res_low                        1.65 
_refine_ls_shell.number_reflns_R_work             3665 
_refine_ls_shell.R_factor_R_work                  0.233 
_refine_ls_shell.percent_reflns_obs               87.9 
_refine_ls_shell.R_factor_R_free                  0.275 
_refine_ls_shell.R_factor_R_free_error            0.013 
_refine_ls_shell.percent_reflns_R_free            10.2 
_refine_ls_shell.number_reflns_R_free             417 
_refine_ls_shell.number_reflns_obs                ? 
_refine_ls_shell.redundancy_reflns_obs            ? 
_refine_ls_shell.number_reflns_all                ? 
_refine_ls_shell.pdbx_refine_id                   'X-RAY DIFFRACTION' 
_refine_ls_shell.R_factor_all                     ? 
# 
loop_
_pdbx_xplor_file.serial_no 
_pdbx_xplor_file.param_file 
_pdbx_xplor_file.topol_file 
_pdbx_xplor_file.pdbx_refine_id 
1 PROTEIN_REP.PARAM PROTEIN.TOP 'X-RAY DIFFRACTION' 
2 WATER.PARAM       WATER.TOP   'X-RAY DIFFRACTION' 
# 
_struct.entry_id                  1P9H 
_struct.title                     'CRYSTAL STRUCTURE OF THE COLLAGEN-BINDING DOMAIN OF YERSINIA ADHESIN YadA' 
_struct.pdbx_model_details        ? 
_struct.pdbx_CASP_flag            ? 
_struct.pdbx_model_type_details   ? 
# 
_struct_keywords.entry_id        1P9H 
_struct_keywords.pdbx_keywords   'CELL ADHESION' 
_struct_keywords.text            'collagen-binding, left-handed beta-roll, CELL ADHESION' 
# 
loop_
_struct_asym.id 
_struct_asym.pdbx_blank_PDB_chainid_flag 
_struct_asym.pdbx_modified 
_struct_asym.entity_id 
_struct_asym.details 
A N N 1 ? 
B N N 2 ? 
# 
_struct_ref.id                         1 
_struct_ref.db_name                    UNP 
_struct_ref.db_code                    YADA1_YEREN 
_struct_ref.pdbx_db_accession          P31489 
_struct_ref.entity_id                  1 
_struct_ref.pdbx_seq_one_letter_code   
;DDYDGIPNLTAVQISPNADPALGLEYPVRPPVPGAGGLNASAKGIHSIAIGATAEAAKGAAVAVGAGSIATGVNSVAIGP
LSKALGDSAVTYGAASTAQKDGVAIGARASTSDTGVAVGFNSKADAKNSVAIGHSSHVAANHGYSIAIGDRSKTDRENSV
SIGHESLNRQLTHLAAGTKDTDAVNVAQLKKEIEKTQENTNKRSAELLANANAYAD
;
_struct_ref.pdbx_align_begin           26 
_struct_ref.pdbx_db_isoform            ? 
# 
_struct_ref_seq.align_id                      1 
_struct_ref_seq.ref_id                        1 
_struct_ref_seq.pdbx_PDB_id_code              1P9H 
_struct_ref_seq.pdbx_strand_id                A 
_struct_ref_seq.seq_align_beg                 11 
_struct_ref_seq.pdbx_seq_align_beg_ins_code   ? 
_struct_ref_seq.seq_align_end                 226 
_struct_ref_seq.pdbx_seq_align_end_ins_code   ? 
_struct_ref_seq.pdbx_db_accession             P31489 
_struct_ref_seq.db_align_beg                  26 
_struct_ref_seq.pdbx_db_align_beg_ins_code    ? 
_struct_ref_seq.db_align_end                  241 
_struct_ref_seq.pdbx_db_align_end_ins_code    ? 
_struct_ref_seq.pdbx_auth_seq_align_beg       26 
_struct_ref_seq.pdbx_auth_seq_align_end       241 
# 
loop_
_struct_ref_seq_dif.align_id 
_struct_ref_seq_dif.pdbx_pdb_id_code 
_struct_ref_seq_dif.mon_id 
_struct_ref_seq_dif.pdbx_pdb_strand_id 
_struct_ref_seq_dif.seq_num 
_struct_ref_seq_dif.pdbx_pdb_ins_code 
_struct_ref_seq_dif.pdbx_seq_db_name 
_struct_ref_seq_dif.pdbx_seq_db_accession_code 
_struct_ref_seq_dif.db_mon_id 
_struct_ref_seq_dif.pdbx_seq_db_seq_num 
_struct_ref_seq_dif.details 
_struct_ref_seq_dif.pdbx_auth_seq_num 
_struct_ref_seq_dif.pdbx_ordinal 
1 1P9H MET A 1  ? UNP P31489 ? ? 'expression tag' 16 1  
1 1P9H ARG A 2  ? UNP P31489 ? ? 'expression tag' 17 2  
1 1P9H GLY A 3  ? UNP P31489 ? ? 'expression tag' 18 3  
1 1P9H SER A 4  ? UNP P31489 ? ? 'expression tag' 19 4  
1 1P9H HIS A 5  ? UNP P31489 ? ? 'expression tag' 20 5  
1 1P9H HIS A 6  ? UNP P31489 ? ? 'expression tag' 21 6  
1 1P9H HIS A 7  ? UNP P31489 ? ? 'expression tag' 22 7  
1 1P9H HIS A 8  ? UNP P31489 ? ? 'expression tag' 23 8  
1 1P9H HIS A 9  ? UNP P31489 ? ? 'expression tag' 24 9  
1 1P9H HIS A 10 ? UNP P31489 ? ? 'expression tag' 25 10 
# 
_pdbx_struct_assembly.id                   1 
_pdbx_struct_assembly.details              author_and_software_defined_assembly 
_pdbx_struct_assembly.method_details       PISA,PQS 
_pdbx_struct_assembly.oligomeric_details   trimeric 
_pdbx_struct_assembly.oligomeric_count     3 
# 
loop_
_pdbx_struct_assembly_prop.biol_id 
_pdbx_struct_assembly_prop.type 
_pdbx_struct_assembly_prop.value 
_pdbx_struct_assembly_prop.details 
1 'ABSA (A^2)' 15080 ? 
1 MORE         -95   ? 
1 'SSA (A^2)'  16840 ? 
# 
_pdbx_struct_assembly_gen.assembly_id       1 
_pdbx_struct_assembly_gen.oper_expression   1,2,3 
_pdbx_struct_assembly_gen.asym_id_list      A,B 
# 
loop_
_pdbx_struct_oper_list.id 
_pdbx_struct_oper_list.type 
_pdbx_struct_oper_list.name 
_pdbx_struct_oper_list.symmetry_operation 
_pdbx_struct_oper_list.matrix[1][1] 
_pdbx_struct_oper_list.matrix[1][2] 
_pdbx_struct_oper_list.matrix[1][3] 
_pdbx_struct_oper_list.vector[1] 
_pdbx_struct_oper_list.matrix[2][1] 
_pdbx_struct_oper_list.matrix[2][2] 
_pdbx_struct_oper_list.matrix[2][3] 
_pdbx_struct_oper_list.vector[2] 
_pdbx_struct_oper_list.matrix[3][1] 
_pdbx_struct_oper_list.matrix[3][2] 
_pdbx_struct_oper_list.matrix[3][3] 
_pdbx_struct_oper_list.vector[3] 
1 'identity operation'         1_555 x,y,z       1.0000000000  0.0000000000  0.0000000000  0.0000000000   0.0000000000  1.0000000000  0.0000000000  0.0000000000  0.0000000000  0.0000000000  1.0000000000 0.0000000000  
2 'crystal symmetry operation' 2_565 -y,x-y+1,z  -0.4424838459 0.6013959906  0.6652299667  -11.2071932081 -0.8820016267 -0.1577503995 -0.4440584894 -6.3329691344 -0.1621147021 -0.7832226209 0.6002342455 -0.9697132331 
3 'crystal symmetry operation' 3_455 -x+y-1,-x,z -0.4424838459 -0.8820016267 -0.1621147021 -10.7018958034 0.6013959906  -0.1577503995 -0.7832226209 4.9814313110  0.6652299667  -0.4440584894 0.6002342455 5.2252071487 
# 
_struct_biol.id                    1 
_struct_biol.pdbx_parent_biol_id   ? 
_struct_biol.details               ? 
# 
_struct_conf.conf_type_id            HELX_P 
_struct_conf.id                      HELX_P1 
_struct_conf.pdbx_PDB_helix_id       1 
_struct_conf.beg_label_comp_id       ASN 
_struct_conf.beg_label_asym_id       A 
_struct_conf.beg_label_seq_id        195 
_struct_conf.pdbx_beg_PDB_ins_code   ? 
_struct_conf.end_label_comp_id       LYS 
_struct_conf.end_label_asym_id       A 
_struct_conf.end_label_seq_id        205 
_struct_conf.pdbx_end_PDB_ins_code   ? 
_struct_conf.beg_auth_comp_id        ASN 
_struct_conf.beg_auth_asym_id        A 
_struct_conf.beg_auth_seq_id         210 
_struct_conf.end_auth_comp_id        LYS 
_struct_conf.end_auth_asym_id        A 
_struct_conf.end_auth_seq_id         220 
_struct_conf.pdbx_PDB_helix_class    1 
_struct_conf.details                 ? 
_struct_conf.pdbx_PDB_helix_length   11 
# 
_struct_conf_type.id          HELX_P 
_struct_conf_type.criteria    ? 
_struct_conf_type.reference   ? 
# 
loop_
_struct_sheet.id 
_struct_sheet.type 
_struct_sheet.number_strands 
_struct_sheet.details 
A ? 10 ? 
B ? 8  ? 
# 
loop_
_struct_sheet_order.sheet_id 
_struct_sheet_order.range_id_1 
_struct_sheet_order.range_id_2 
_struct_sheet_order.offset 
_struct_sheet_order.sense 
A 1 2  ? parallel 
A 2 3  ? parallel 
A 3 4  ? parallel 
A 4 5  ? parallel 
A 5 6  ? parallel 
A 6 7  ? parallel 
A 7 8  ? parallel 
A 8 9  ? parallel 
A 9 10 ? parallel 
B 1 2  ? parallel 
B 2 3  ? parallel 
B 3 4  ? parallel 
B 4 5  ? parallel 
B 5 6  ? parallel 
B 6 7  ? parallel 
B 7 8  ? parallel 
# 
loop_
_struct_sheet_range.sheet_id 
_struct_sheet_range.id 
_struct_sheet_range.beg_label_comp_id 
_struct_sheet_range.beg_label_asym_id 
_struct_sheet_range.beg_label_seq_id 
_struct_sheet_range.pdbx_beg_PDB_ins_code 
_struct_sheet_range.end_label_comp_id 
_struct_sheet_range.end_label_asym_id 
_struct_sheet_range.end_label_seq_id 
_struct_sheet_range.pdbx_end_PDB_ins_code 
_struct_sheet_range.beg_auth_comp_id 
_struct_sheet_range.beg_auth_asym_id 
_struct_sheet_range.beg_auth_seq_id 
_struct_sheet_range.end_auth_comp_id 
_struct_sheet_range.end_auth_asym_id 
_struct_sheet_range.end_auth_seq_id 
A 1  VAL A 22  ? ILE A 24  ? VAL A 37  ILE A 39  
A 2  ILE A 58  ? ILE A 60  ? ILE A 73  ILE A 75  
A 3  VAL A 72  ? VAL A 74  ? VAL A 87  VAL A 89  
A 4  VAL A 86  ? ILE A 88  ? VAL A 101 ILE A 103 
A 5  VAL A 100 ? TYR A 102 ? VAL A 115 TYR A 117 
A 6  VAL A 113 ? ILE A 115 ? VAL A 128 ILE A 130 
A 7  VAL A 126 ? VAL A 128 ? VAL A 141 VAL A 143 
A 8  VAL A 140 ? ILE A 142 ? VAL A 155 ILE A 157 
A 9  ILE A 156 ? ILE A 158 ? ILE A 171 ILE A 173 
A 10 VAL A 170 ? SER A 171 ? VAL A 185 SER A 186 
B 1  SER A 51  ? ALA A 52  ? SER A 66  ALA A 67  
B 2  GLU A 65  ? ALA A 66  ? GLU A 80  ALA A 81  
B 3  ILE A 79  ? ALA A 80  ? ILE A 94  ALA A 95  
B 4  LYS A 93  ? ALA A 94  ? LYS A 108 ALA A 109 
B 5  THR A 107 ? ALA A 108 ? THR A 122 ALA A 123 
B 6  SER A 120 ? THR A 121 ? SER A 135 THR A 136 
B 7  LYS A 133 ? ALA A 134 ? LYS A 148 ALA A 149 
B 8  HIS A 147 ? VAL A 148 ? HIS A 162 VAL A 163 
# 
loop_
_pdbx_struct_sheet_hbond.sheet_id 
_pdbx_struct_sheet_hbond.range_id_1 
_pdbx_struct_sheet_hbond.range_id_2 
_pdbx_struct_sheet_hbond.range_1_label_atom_id 
_pdbx_struct_sheet_hbond.range_1_label_comp_id 
_pdbx_struct_sheet_hbond.range_1_label_asym_id 
_pdbx_struct_sheet_hbond.range_1_label_seq_id 
_pdbx_struct_sheet_hbond.range_1_PDB_ins_code 
_pdbx_struct_sheet_hbond.range_1_auth_atom_id 
_pdbx_struct_sheet_hbond.range_1_auth_comp_id 
_pdbx_struct_sheet_hbond.range_1_auth_asym_id 
_pdbx_struct_sheet_hbond.range_1_auth_seq_id 
_pdbx_struct_sheet_hbond.range_2_label_atom_id 
_pdbx_struct_sheet_hbond.range_2_label_comp_id 
_pdbx_struct_sheet_hbond.range_2_label_asym_id 
_pdbx_struct_sheet_hbond.range_2_label_seq_id 
_pdbx_struct_sheet_hbond.range_2_PDB_ins_code 
_pdbx_struct_sheet_hbond.range_2_auth_atom_id 
_pdbx_struct_sheet_hbond.range_2_auth_comp_id 
_pdbx_struct_sheet_hbond.range_2_auth_asym_id 
_pdbx_struct_sheet_hbond.range_2_auth_seq_id 
A 1 2  N ILE A 24  ? N ILE A 39  O ALA A 59  ? O ALA A 74  
A 2 3  N ILE A 58  ? N ILE A 73  O ALA A 73  ? O ALA A 88  
A 3 4  N VAL A 72  ? N VAL A 87  O ALA A 87  ? O ALA A 102 
A 4 5  N VAL A 86  ? N VAL A 101 O THR A 101 ? O THR A 116 
A 5 6  N TYR A 102 ? N TYR A 117 O ALA A 114 ? O ALA A 129 
A 6 7  N ILE A 115 ? N ILE A 130 O ALA A 127 ? O ALA A 142 
A 7 8  N VAL A 126 ? N VAL A 141 O ALA A 141 ? O ALA A 156 
A 8 9  N ILE A 142 ? N ILE A 157 O ALA A 157 ? O ALA A 172 
A 9 10 N ILE A 156 ? N ILE A 171 O SER A 171 ? O SER A 186 
B 1 2  N SER A 51  ? N SER A 66  O ALA A 66  ? O ALA A 81  
B 2 3  N GLU A 65  ? N GLU A 80  O ALA A 80  ? O ALA A 95  
B 3 4  N ILE A 79  ? N ILE A 94  O ALA A 94  ? O ALA A 109 
B 4 5  N LYS A 93  ? N LYS A 108 O ALA A 108 ? O ALA A 123 
B 5 6  N THR A 107 ? N THR A 122 O THR A 121 ? O THR A 136 
B 6 7  N SER A 120 ? N SER A 135 O ALA A 134 ? O ALA A 149 
B 7 8  N LYS A 133 ? N LYS A 148 O VAL A 148 ? O VAL A 163 
# 
loop_
_pdbx_validate_torsion.id 
_pdbx_validate_torsion.PDB_model_num 
_pdbx_validate_torsion.auth_comp_id 
_pdbx_validate_torsion.auth_asym_id 
_pdbx_validate_torsion.auth_seq_id 
_pdbx_validate_torsion.PDB_ins_code 
_pdbx_validate_torsion.label_alt_id 
_pdbx_validate_torsion.phi 
_pdbx_validate_torsion.psi 
1  1 THR A 78  ? A 54.97   15.33 
2  1 ALA A 85  ? ? 56.80   9.64  
3  1 ASN A 99  ? ? 59.59   17.13 
4  1 SER A 113 ? ? 62.38   -0.10 
5  1 ASP A 126 ? ? 57.26   17.97 
6  1 THR A 139 ? ? 49.53   24.94 
7  1 ALA A 149 ? ? -103.46 76.71 
8  1 HIS A 167 ? ? -101.82 71.70 
9  1 TYR A 169 ? ? 49.70   28.97 
10 1 ARG A 176 ? ? 58.41   11.72 
# 
loop_
_pdbx_unobs_or_zero_occ_residues.id 
_pdbx_unobs_or_zero_occ_residues.PDB_model_num 
_pdbx_unobs_or_zero_occ_residues.polymer_flag 
_pdbx_unobs_or_zero_occ_residues.occupancy_flag 
_pdbx_unobs_or_zero_occ_residues.auth_asym_id 
_pdbx_unobs_or_zero_occ_residues.auth_comp_id 
_pdbx_unobs_or_zero_occ_residues.auth_seq_id 
_pdbx_unobs_or_zero_occ_residues.PDB_ins_code 
_pdbx_unobs_or_zero_occ_residues.label_asym_id 
_pdbx_unobs_or_zero_occ_residues.label_comp_id 
_pdbx_unobs_or_zero_occ_residues.label_seq_id 
1  1 Y 1 A MET 16  ? A MET 1   
2  1 Y 1 A ARG 17  ? A ARG 2   
3  1 Y 1 A GLY 18  ? A GLY 3   
4  1 Y 1 A SER 19  ? A SER 4   
5  1 Y 1 A HIS 20  ? A HIS 5   
6  1 Y 1 A HIS 21  ? A HIS 6   
7  1 Y 1 A HIS 22  ? A HIS 7   
8  1 Y 1 A HIS 23  ? A HIS 8   
9  1 Y 1 A HIS 24  ? A HIS 9   
10 1 Y 1 A HIS 25  ? A HIS 10  
11 1 Y 1 A ASP 26  ? A ASP 11  
12 1 Y 1 A ASP 27  ? A ASP 12  
13 1 Y 1 A TYR 28  ? A TYR 13  
14 1 Y 1 A ASP 29  ? A ASP 14  
15 1 Y 1 A GLY 30  ? A GLY 15  
16 1 Y 1 A ILE 31  ? A ILE 16  
17 1 Y 1 A PRO 52  ? A PRO 37  
18 1 Y 1 A VAL 53  ? A VAL 38  
19 1 Y 1 A ARG 54  ? A ARG 39  
20 1 Y 1 A PRO 55  ? A PRO 40  
21 1 Y 1 A PRO 56  ? A PRO 41  
22 1 Y 1 A VAL 57  ? A VAL 42  
23 1 Y 1 A PRO 58  ? A PRO 43  
24 1 Y 1 A GLY 59  ? A GLY 44  
25 1 Y 1 A ALA 60  ? A ALA 45  
26 1 Y 1 A GLY 61  ? A GLY 46  
27 1 Y 1 A THR 221 ? A THR 206 
28 1 Y 1 A GLN 222 ? A GLN 207 
29 1 Y 1 A GLU 223 ? A GLU 208 
30 1 Y 1 A ASN 224 ? A ASN 209 
31 1 Y 1 A THR 225 ? A THR 210 
32 1 Y 1 A ASN 226 ? A ASN 211 
33 1 Y 1 A LYS 227 ? A LYS 212 
34 1 Y 1 A ARG 228 ? A ARG 213 
35 1 Y 1 A SER 229 ? A SER 214 
36 1 Y 1 A ALA 230 ? A ALA 215 
37 1 Y 1 A GLU 231 ? A GLU 216 
38 1 Y 1 A LEU 232 ? A LEU 217 
39 1 Y 1 A LEU 233 ? A LEU 218 
40 1 Y 1 A ALA 234 ? A ALA 219 
41 1 Y 1 A ASN 235 ? A ASN 220 
42 1 Y 1 A ALA 236 ? A ALA 221 
43 1 Y 1 A ASN 237 ? A ASN 222 
44 1 Y 1 A ALA 238 ? A ALA 223 
45 1 Y 1 A TYR 239 ? A TYR 224 
46 1 Y 1 A ALA 240 ? A ALA 225 
47 1 Y 1 A ASP 241 ? A ASP 226 
# 
loop_
_chem_comp_atom.comp_id 
_chem_comp_atom.atom_id 
_chem_comp_atom.type_symbol 
_chem_comp_atom.pdbx_aromatic_flag 
_chem_comp_atom.pdbx_stereo_config 
_chem_comp_atom.pdbx_ordinal 
ALA N    N N N 1   
ALA CA   C N S 2   
ALA C    C N N 3   
ALA O    O N N 4   
ALA CB   C N N 5   
ALA OXT  O N N 6   
ALA H    H N N 7   
ALA H2   H N N 8   
ALA HA   H N N 9   
ALA HB1  H N N 10  
ALA HB2  H N N 11  
ALA HB3  H N N 12  
ALA HXT  H N N 13  
ARG N    N N N 14  
ARG CA   C N S 15  
ARG C    C N N 16  
ARG O    O N N 17  
ARG CB   C N N 18  
ARG CG   C N N 19  
ARG CD   C N N 20  
ARG NE   N N N 21  
ARG CZ   C N N 22  
ARG NH1  N N N 23  
ARG NH2  N N N 24  
ARG OXT  O N N 25  
ARG H    H N N 26  
ARG H2   H N N 27  
ARG HA   H N N 28  
ARG HB2  H N N 29  
ARG HB3  H N N 30  
ARG HG2  H N N 31  
ARG HG3  H N N 32  
ARG HD2  H N N 33  
ARG HD3  H N N 34  
ARG HE   H N N 35  
ARG HH11 H N N 36  
ARG HH12 H N N 37  
ARG HH21 H N N 38  
ARG HH22 H N N 39  
ARG HXT  H N N 40  
ASN N    N N N 41  
ASN CA   C N S 42  
ASN C    C N N 43  
ASN O    O N N 44  
ASN CB   C N N 45  
ASN CG   C N N 46  
ASN OD1  O N N 47  
ASN ND2  N N N 48  
ASN OXT  O N N 49  
ASN H    H N N 50  
ASN H2   H N N 51  
ASN HA   H N N 52  
ASN HB2  H N N 53  
ASN HB3  H N N 54  
ASN HD21 H N N 55  
ASN HD22 H N N 56  
ASN HXT  H N N 57  
ASP N    N N N 58  
ASP CA   C N S 59  
ASP C    C N N 60  
ASP O    O N N 61  
ASP CB   C N N 62  
ASP CG   C N N 63  
ASP OD1  O N N 64  
ASP OD2  O N N 65  
ASP OXT  O N N 66  
ASP H    H N N 67  
ASP H2   H N N 68  
ASP HA   H N N 69  
ASP HB2  H N N 70  
ASP HB3  H N N 71  
ASP HD2  H N N 72  
ASP HXT  H N N 73  
GLN N    N N N 74  
GLN CA   C N S 75  
GLN C    C N N 76  
GLN O    O N N 77  
GLN CB   C N N 78  
GLN CG   C N N 79  
GLN CD   C N N 80  
GLN OE1  O N N 81  
GLN NE2  N N N 82  
GLN OXT  O N N 83  
GLN H    H N N 84  
GLN H2   H N N 85  
GLN HA   H N N 86  
GLN HB2  H N N 87  
GLN HB3  H N N 88  
GLN HG2  H N N 89  
GLN HG3  H N N 90  
GLN HE21 H N N 91  
GLN HE22 H N N 92  
GLN HXT  H N N 93  
GLU N    N N N 94  
GLU CA   C N S 95  
GLU C    C N N 96  
GLU O    O N N 97  
GLU CB   C N N 98  
GLU CG   C N N 99  
GLU CD   C N N 100 
GLU OE1  O N N 101 
GLU OE2  O N N 102 
GLU OXT  O N N 103 
GLU H    H N N 104 
GLU H2   H N N 105 
GLU HA   H N N 106 
GLU HB2  H N N 107 
GLU HB3  H N N 108 
GLU HG2  H N N 109 
GLU HG3  H N N 110 
GLU HE2  H N N 111 
GLU HXT  H N N 112 
GLY N    N N N 113 
GLY CA   C N N 114 
GLY C    C N N 115 
GLY O    O N N 116 
GLY OXT  O N N 117 
GLY H    H N N 118 
GLY H2   H N N 119 
GLY HA2  H N N 120 
GLY HA3  H N N 121 
GLY HXT  H N N 122 
HIS N    N N N 123 
HIS CA   C N S 124 
HIS C    C N N 125 
HIS O    O N N 126 
HIS CB   C N N 127 
HIS CG   C Y N 128 
HIS ND1  N Y N 129 
HIS CD2  C Y N 130 
HIS CE1  C Y N 131 
HIS NE2  N Y N 132 
HIS OXT  O N N 133 
HIS H    H N N 134 
HIS H2   H N N 135 
HIS HA   H N N 136 
HIS HB2  H N N 137 
HIS HB3  H N N 138 
HIS HD1  H N N 139 
HIS HD2  H N N 140 
HIS HE1  H N N 141 
HIS HE2  H N N 142 
HIS HXT  H N N 143 
HOH O    O N N 144 
HOH H1   H N N 145 
HOH H2   H N N 146 
ILE N    N N N 147 
ILE CA   C N S 148 
ILE C    C N N 149 
ILE O    O N N 150 
ILE CB   C N S 151 
ILE CG1  C N N 152 
ILE CG2  C N N 153 
ILE CD1  C N N 154 
ILE OXT  O N N 155 
ILE H    H N N 156 
ILE H2   H N N 157 
ILE HA   H N N 158 
ILE HB   H N N 159 
ILE HG12 H N N 160 
ILE HG13 H N N 161 
ILE HG21 H N N 162 
ILE HG22 H N N 163 
ILE HG23 H N N 164 
ILE HD11 H N N 165 
ILE HD12 H N N 166 
ILE HD13 H N N 167 
ILE HXT  H N N 168 
LEU N    N N N 169 
LEU CA   C N S 170 
LEU C    C N N 171 
LEU O    O N N 172 
LEU CB   C N N 173 
LEU CG   C N N 174 
LEU CD1  C N N 175 
LEU CD2  C N N 176 
LEU OXT  O N N 177 
LEU H    H N N 178 
LEU H2   H N N 179 
LEU HA   H N N 180 
LEU HB2  H N N 181 
LEU HB3  H N N 182 
LEU HG   H N N 183 
LEU HD11 H N N 184 
LEU HD12 H N N 185 
LEU HD13 H N N 186 
LEU HD21 H N N 187 
LEU HD22 H N N 188 
LEU HD23 H N N 189 
LEU HXT  H N N 190 
LYS N    N N N 191 
LYS CA   C N S 192 
LYS C    C N N 193 
LYS O    O N N 194 
LYS CB   C N N 195 
LYS CG   C N N 196 
LYS CD   C N N 197 
LYS CE   C N N 198 
LYS NZ   N N N 199 
LYS OXT  O N N 200 
LYS H    H N N 201 
LYS H2   H N N 202 
LYS HA   H N N 203 
LYS HB2  H N N 204 
LYS HB3  H N N 205 
LYS HG2  H N N 206 
LYS HG3  H N N 207 
LYS HD2  H N N 208 
LYS HD3  H N N 209 
LYS HE2  H N N 210 
LYS HE3  H N N 211 
LYS HZ1  H N N 212 
LYS HZ2  H N N 213 
LYS HZ3  H N N 214 
LYS HXT  H N N 215 
MET N    N N N 216 
MET CA   C N S 217 
MET C    C N N 218 
MET O    O N N 219 
MET CB   C N N 220 
MET CG   C N N 221 
MET SD   S N N 222 
MET CE   C N N 223 
MET OXT  O N N 224 
MET H    H N N 225 
MET H2   H N N 226 
MET HA   H N N 227 
MET HB2  H N N 228 
MET HB3  H N N 229 
MET HG2  H N N 230 
MET HG3  H N N 231 
MET HE1  H N N 232 
MET HE2  H N N 233 
MET HE3  H N N 234 
MET HXT  H N N 235 
PHE N    N N N 236 
PHE CA   C N S 237 
PHE C    C N N 238 
PHE O    O N N 239 
PHE CB   C N N 240 
PHE CG   C Y N 241 
PHE CD1  C Y N 242 
PHE CD2  C Y N 243 
PHE CE1  C Y N 244 
PHE CE2  C Y N 245 
PHE CZ   C Y N 246 
PHE OXT  O N N 247 
PHE H    H N N 248 
PHE H2   H N N 249 
PHE HA   H N N 250 
PHE HB2  H N N 251 
PHE HB3  H N N 252 
PHE HD1  H N N 253 
PHE HD2  H N N 254 
PHE HE1  H N N 255 
PHE HE2  H N N 256 
PHE HZ   H N N 257 
PHE HXT  H N N 258 
PRO N    N N N 259 
PRO CA   C N S 260 
PRO C    C N N 261 
PRO O    O N N 262 
PRO CB   C N N 263 
PRO CG   C N N 264 
PRO CD   C N N 265 
PRO OXT  O N N 266 
PRO H    H N N 267 
PRO HA   H N N 268 
PRO HB2  H N N 269 
PRO HB3  H N N 270 
PRO HG2  H N N 271 
PRO HG3  H N N 272 
PRO HD2  H N N 273 
PRO HD3  H N N 274 
PRO HXT  H N N 275 
SER N    N N N 276 
SER CA   C N S 277 
SER C    C N N 278 
SER O    O N N 279 
SER CB   C N N 280 
SER OG   O N N 281 
SER OXT  O N N 282 
SER H    H N N 283 
SER H2   H N N 284 
SER HA   H N N 285 
SER HB2  H N N 286 
SER HB3  H N N 287 
SER HG   H N N 288 
SER HXT  H N N 289 
THR N    N N N 290 
THR CA   C N S 291 
THR C    C N N 292 
THR O    O N N 293 
THR CB   C N R 294 
THR OG1  O N N 295 
THR CG2  C N N 296 
THR OXT  O N N 297 
THR H    H N N 298 
THR H2   H N N 299 
THR HA   H N N 300 
THR HB   H N N 301 
THR HG1  H N N 302 
THR HG21 H N N 303 
THR HG22 H N N 304 
THR HG23 H N N 305 
THR HXT  H N N 306 
TYR N    N N N 307 
TYR CA   C N S 308 
TYR C    C N N 309 
TYR O    O N N 310 
TYR CB   C N N 311 
TYR CG   C Y N 312 
TYR CD1  C Y N 313 
TYR CD2  C Y N 314 
TYR CE1  C Y N 315 
TYR CE2  C Y N 316 
TYR CZ   C Y N 317 
TYR OH   O N N 318 
TYR OXT  O N N 319 
TYR H    H N N 320 
TYR H2   H N N 321 
TYR HA   H N N 322 
TYR HB2  H N N 323 
TYR HB3  H N N 324 
TYR HD1  H N N 325 
TYR HD2  H N N 326 
TYR HE1  H N N 327 
TYR HE2  H N N 328 
TYR HH   H N N 329 
TYR HXT  H N N 330 
VAL N    N N N 331 
VAL CA   C N S 332 
VAL C    C N N 333 
VAL O    O N N 334 
VAL CB   C N N 335 
VAL CG1  C N N 336 
VAL CG2  C N N 337 
VAL OXT  O N N 338 
VAL H    H N N 339 
VAL H2   H N N 340 
VAL HA   H N N 341 
VAL HB   H N N 342 
VAL HG11 H N N 343 
VAL HG12 H N N 344 
VAL HG13 H N N 345 
VAL HG21 H N N 346 
VAL HG22 H N N 347 
VAL HG23 H N N 348 
VAL HXT  H N N 349 
# 
loop_
_chem_comp_bond.comp_id 
_chem_comp_bond.atom_id_1 
_chem_comp_bond.atom_id_2 
_chem_comp_bond.value_order 
_chem_comp_bond.pdbx_aromatic_flag 
_chem_comp_bond.pdbx_stereo_config 
_chem_comp_bond.pdbx_ordinal 
ALA N   CA   sing N N 1   
ALA N   H    sing N N 2   
ALA N   H2   sing N N 3   
ALA CA  C    sing N N 4   
ALA CA  CB   sing N N 5   
ALA CA  HA   sing N N 6   
ALA C   O    doub N N 7   
ALA C   OXT  sing N N 8   
ALA CB  HB1  sing N N 9   
ALA CB  HB2  sing N N 10  
ALA CB  HB3  sing N N 11  
ALA OXT HXT  sing N N 12  
ARG N   CA   sing N N 13  
ARG N   H    sing N N 14  
ARG N   H2   sing N N 15  
ARG CA  C    sing N N 16  
ARG CA  CB   sing N N 17  
ARG CA  HA   sing N N 18  
ARG C   O    doub N N 19  
ARG C   OXT  sing N N 20  
ARG CB  CG   sing N N 21  
ARG CB  HB2  sing N N 22  
ARG CB  HB3  sing N N 23  
ARG CG  CD   sing N N 24  
ARG CG  HG2  sing N N 25  
ARG CG  HG3  sing N N 26  
ARG CD  NE   sing N N 27  
ARG CD  HD2  sing N N 28  
ARG CD  HD3  sing N N 29  
ARG NE  CZ   sing N N 30  
ARG NE  HE   sing N N 31  
ARG CZ  NH1  sing N N 32  
ARG CZ  NH2  doub N N 33  
ARG NH1 HH11 sing N N 34  
ARG NH1 HH12 sing N N 35  
ARG NH2 HH21 sing N N 36  
ARG NH2 HH22 sing N N 37  
ARG OXT HXT  sing N N 38  
ASN N   CA   sing N N 39  
ASN N   H    sing N N 40  
ASN N   H2   sing N N 41  
ASN CA  C    sing N N 42  
ASN CA  CB   sing N N 43  
ASN CA  HA   sing N N 44  
ASN C   O    doub N N 45  
ASN C   OXT  sing N N 46  
ASN CB  CG   sing N N 47  
ASN CB  HB2  sing N N 48  
ASN CB  HB3  sing N N 49  
ASN CG  OD1  doub N N 50  
ASN CG  ND2  sing N N 51  
ASN ND2 HD21 sing N N 52  
ASN ND2 HD22 sing N N 53  
ASN OXT HXT  sing N N 54  
ASP N   CA   sing N N 55  
ASP N   H    sing N N 56  
ASP N   H2   sing N N 57  
ASP CA  C    sing N N 58  
ASP CA  CB   sing N N 59  
ASP CA  HA   sing N N 60  
ASP C   O    doub N N 61  
ASP C   OXT  sing N N 62  
ASP CB  CG   sing N N 63  
ASP CB  HB2  sing N N 64  
ASP CB  HB3  sing N N 65  
ASP CG  OD1  doub N N 66  
ASP CG  OD2  sing N N 67  
ASP OD2 HD2  sing N N 68  
ASP OXT HXT  sing N N 69  
GLN N   CA   sing N N 70  
GLN N   H    sing N N 71  
GLN N   H2   sing N N 72  
GLN CA  C    sing N N 73  
GLN CA  CB   sing N N 74  
GLN CA  HA   sing N N 75  
GLN C   O    doub N N 76  
GLN C   OXT  sing N N 77  
GLN CB  CG   sing N N 78  
GLN CB  HB2  sing N N 79  
GLN CB  HB3  sing N N 80  
GLN CG  CD   sing N N 81  
GLN CG  HG2  sing N N 82  
GLN CG  HG3  sing N N 83  
GLN CD  OE1  doub N N 84  
GLN CD  NE2  sing N N 85  
GLN NE2 HE21 sing N N 86  
GLN NE2 HE22 sing N N 87  
GLN OXT HXT  sing N N 88  
GLU N   CA   sing N N 89  
GLU N   H    sing N N 90  
GLU N   H2   sing N N 91  
GLU CA  C    sing N N 92  
GLU CA  CB   sing N N 93  
GLU CA  HA   sing N N 94  
GLU C   O    doub N N 95  
GLU C   OXT  sing N N 96  
GLU CB  CG   sing N N 97  
GLU CB  HB2  sing N N 98  
GLU CB  HB3  sing N N 99  
GLU CG  CD   sing N N 100 
GLU CG  HG2  sing N N 101 
GLU CG  HG3  sing N N 102 
GLU CD  OE1  doub N N 103 
GLU CD  OE2  sing N N 104 
GLU OE2 HE2  sing N N 105 
GLU OXT HXT  sing N N 106 
GLY N   CA   sing N N 107 
GLY N   H    sing N N 108 
GLY N   H2   sing N N 109 
GLY CA  C    sing N N 110 
GLY CA  HA2  sing N N 111 
GLY CA  HA3  sing N N 112 
GLY C   O    doub N N 113 
GLY C   OXT  sing N N 114 
GLY OXT HXT  sing N N 115 
HIS N   CA   sing N N 116 
HIS N   H    sing N N 117 
HIS N   H2   sing N N 118 
HIS CA  C    sing N N 119 
HIS CA  CB   sing N N 120 
HIS CA  HA   sing N N 121 
HIS C   O    doub N N 122 
HIS C   OXT  sing N N 123 
HIS CB  CG   sing N N 124 
HIS CB  HB2  sing N N 125 
HIS CB  HB3  sing N N 126 
HIS CG  ND1  sing Y N 127 
HIS CG  CD2  doub Y N 128 
HIS ND1 CE1  doub Y N 129 
HIS ND1 HD1  sing N N 130 
HIS CD2 NE2  sing Y N 131 
HIS CD2 HD2  sing N N 132 
HIS CE1 NE2  sing Y N 133 
HIS CE1 HE1  sing N N 134 
HIS NE2 HE2  sing N N 135 
HIS OXT HXT  sing N N 136 
HOH O   H1   sing N N 137 
HOH O   H2   sing N N 138 
ILE N   CA   sing N N 139 
ILE N   H    sing N N 140 
ILE N   H2   sing N N 141 
ILE CA  C    sing N N 142 
ILE CA  CB   sing N N 143 
ILE CA  HA   sing N N 144 
ILE C   O    doub N N 145 
ILE C   OXT  sing N N 146 
ILE CB  CG1  sing N N 147 
ILE CB  CG2  sing N N 148 
ILE CB  HB   sing N N 149 
ILE CG1 CD1  sing N N 150 
ILE CG1 HG12 sing N N 151 
ILE CG1 HG13 sing N N 152 
ILE CG2 HG21 sing N N 153 
ILE CG2 HG22 sing N N 154 
ILE CG2 HG23 sing N N 155 
ILE CD1 HD11 sing N N 156 
ILE CD1 HD12 sing N N 157 
ILE CD1 HD13 sing N N 158 
ILE OXT HXT  sing N N 159 
LEU N   CA   sing N N 160 
LEU N   H    sing N N 161 
LEU N   H2   sing N N 162 
LEU CA  C    sing N N 163 
LEU CA  CB   sing N N 164 
LEU CA  HA   sing N N 165 
LEU C   O    doub N N 166 
LEU C   OXT  sing N N 167 
LEU CB  CG   sing N N 168 
LEU CB  HB2  sing N N 169 
LEU CB  HB3  sing N N 170 
LEU CG  CD1  sing N N 171 
LEU CG  CD2  sing N N 172 
LEU CG  HG   sing N N 173 
LEU CD1 HD11 sing N N 174 
LEU CD1 HD12 sing N N 175 
LEU CD1 HD13 sing N N 176 
LEU CD2 HD21 sing N N 177 
LEU CD2 HD22 sing N N 178 
LEU CD2 HD23 sing N N 179 
LEU OXT HXT  sing N N 180 
LYS N   CA   sing N N 181 
LYS N   H    sing N N 182 
LYS N   H2   sing N N 183 
LYS CA  C    sing N N 184 
LYS CA  CB   sing N N 185 
LYS CA  HA   sing N N 186 
LYS C   O    doub N N 187 
LYS C   OXT  sing N N 188 
LYS CB  CG   sing N N 189 
LYS CB  HB2  sing N N 190 
LYS CB  HB3  sing N N 191 
LYS CG  CD   sing N N 192 
LYS CG  HG2  sing N N 193 
LYS CG  HG3  sing N N 194 
LYS CD  CE   sing N N 195 
LYS CD  HD2  sing N N 196 
LYS CD  HD3  sing N N 197 
LYS CE  NZ   sing N N 198 
LYS CE  HE2  sing N N 199 
LYS CE  HE3  sing N N 200 
LYS NZ  HZ1  sing N N 201 
LYS NZ  HZ2  sing N N 202 
LYS NZ  HZ3  sing N N 203 
LYS OXT HXT  sing N N 204 
MET N   CA   sing N N 205 
MET N   H    sing N N 206 
MET N   H2   sing N N 207 
MET CA  C    sing N N 208 
MET CA  CB   sing N N 209 
MET CA  HA   sing N N 210 
MET C   O    doub N N 211 
MET C   OXT  sing N N 212 
MET CB  CG   sing N N 213 
MET CB  HB2  sing N N 214 
MET CB  HB3  sing N N 215 
MET CG  SD   sing N N 216 
MET CG  HG2  sing N N 217 
MET CG  HG3  sing N N 218 
MET SD  CE   sing N N 219 
MET CE  HE1  sing N N 220 
MET CE  HE2  sing N N 221 
MET CE  HE3  sing N N 222 
MET OXT HXT  sing N N 223 
PHE N   CA   sing N N 224 
PHE N   H    sing N N 225 
PHE N   H2   sing N N 226 
PHE CA  C    sing N N 227 
PHE CA  CB   sing N N 228 
PHE CA  HA   sing N N 229 
PHE C   O    doub N N 230 
PHE C   OXT  sing N N 231 
PHE CB  CG   sing N N 232 
PHE CB  HB2  sing N N 233 
PHE CB  HB3  sing N N 234 
PHE CG  CD1  doub Y N 235 
PHE CG  CD2  sing Y N 236 
PHE CD1 CE1  sing Y N 237 
PHE CD1 HD1  sing N N 238 
PHE CD2 CE2  doub Y N 239 
PHE CD2 HD2  sing N N 240 
PHE CE1 CZ   doub Y N 241 
PHE CE1 HE1  sing N N 242 
PHE CE2 CZ   sing Y N 243 
PHE CE2 HE2  sing N N 244 
PHE CZ  HZ   sing N N 245 
PHE OXT HXT  sing N N 246 
PRO N   CA   sing N N 247 
PRO N   CD   sing N N 248 
PRO N   H    sing N N 249 
PRO CA  C    sing N N 250 
PRO CA  CB   sing N N 251 
PRO CA  HA   sing N N 252 
PRO C   O    doub N N 253 
PRO C   OXT  sing N N 254 
PRO CB  CG   sing N N 255 
PRO CB  HB2  sing N N 256 
PRO CB  HB3  sing N N 257 
PRO CG  CD   sing N N 258 
PRO CG  HG2  sing N N 259 
PRO CG  HG3  sing N N 260 
PRO CD  HD2  sing N N 261 
PRO CD  HD3  sing N N 262 
PRO OXT HXT  sing N N 263 
SER N   CA   sing N N 264 
SER N   H    sing N N 265 
SER N   H2   sing N N 266 
SER CA  C    sing N N 267 
SER CA  CB   sing N N 268 
SER CA  HA   sing N N 269 
SER C   O    doub N N 270 
SER C   OXT  sing N N 271 
SER CB  OG   sing N N 272 
SER CB  HB2  sing N N 273 
SER CB  HB3  sing N N 274 
SER OG  HG   sing N N 275 
SER OXT HXT  sing N N 276 
THR N   CA   sing N N 277 
THR N   H    sing N N 278 
THR N   H2   sing N N 279 
THR CA  C    sing N N 280 
THR CA  CB   sing N N 281 
THR CA  HA   sing N N 282 
THR C   O    doub N N 283 
THR C   OXT  sing N N 284 
THR CB  OG1  sing N N 285 
THR CB  CG2  sing N N 286 
THR CB  HB   sing N N 287 
THR OG1 HG1  sing N N 288 
THR CG2 HG21 sing N N 289 
THR CG2 HG22 sing N N 290 
THR CG2 HG23 sing N N 291 
THR OXT HXT  sing N N 292 
TYR N   CA   sing N N 293 
TYR N   H    sing N N 294 
TYR N   H2   sing N N 295 
TYR CA  C    sing N N 296 
TYR CA  CB   sing N N 297 
TYR CA  HA   sing N N 298 
TYR C   O    doub N N 299 
TYR C   OXT  sing N N 300 
TYR CB  CG   sing N N 301 
TYR CB  HB2  sing N N 302 
TYR CB  HB3  sing N N 303 
TYR CG  CD1  doub Y N 304 
TYR CG  CD2  sing Y N 305 
TYR CD1 CE1  sing Y N 306 
TYR CD1 HD1  sing N N 307 
TYR CD2 CE2  doub Y N 308 
TYR CD2 HD2  sing N N 309 
TYR CE1 CZ   doub Y N 310 
TYR CE1 HE1  sing N N 311 
TYR CE2 CZ   sing Y N 312 
TYR CE2 HE2  sing N N 313 
TYR CZ  OH   sing N N 314 
TYR OH  HH   sing N N 315 
TYR OXT HXT  sing N N 316 
VAL N   CA   sing N N 317 
VAL N   H    sing N N 318 
VAL N   H2   sing N N 319 
VAL CA  C    sing N N 320 
VAL CA  CB   sing N N 321 
VAL CA  HA   sing N N 322 
VAL C   O    doub N N 323 
VAL C   OXT  sing N N 324 
VAL CB  CG1  sing N N 325 
VAL CB  CG2  sing N N 326 
VAL CB  HB   sing N N 327 
VAL CG1 HG11 sing N N 328 
VAL CG1 HG12 sing N N 329 
VAL CG1 HG13 sing N N 330 
VAL CG2 HG21 sing N N 331 
VAL CG2 HG22 sing N N 332 
VAL CG2 HG23 sing N N 333 
VAL OXT HXT  sing N N 334 
# 
_atom_sites.entry_id                    1P9H 
_atom_sites.fract_transf_matrix[1][1]   -0.01681331 
_atom_sites.fract_transf_matrix[1][2]   -0.00304840 
_atom_sites.fract_transf_matrix[1][3]   0.00214399 
_atom_sites.fract_transf_matrix[2][1]   -0.00978079 
_atom_sites.fract_transf_matrix[2][2]   0.01130933 
_atom_sites.fract_transf_matrix[2][3]   0.00854390 
_atom_sites.fract_transf_matrix[3][1]   -0.00088215 
_atom_sites.fract_transf_matrix[3][2]   0.00215189 
_atom_sites.fract_transf_matrix[3][3]   -0.00385826 
_atom_sites.fract_transf_vector[1]      -0.460523 
_atom_sites.fract_transf_vector[2]      0.254870 
_atom_sites.fract_transf_vector[3]      -0.337189 
# 
loop_
_atom_type.symbol 
C 
N 
O 
# 
loop_
_atom_site.group_PDB 
_atom_site.id 
_atom_site.type_symbol 
_atom_site.label_atom_id 
_atom_site.label_alt_id 
_atom_site.label_comp_id 
_atom_site.label_asym_id 
_atom_site.label_entity_id 
_atom_site.label_seq_id 
_atom_site.pdbx_PDB_ins_code 
_atom_site.Cartn_x 
_atom_site.Cartn_y 
_atom_site.Cartn_z 
_atom_site.occupancy 
_atom_site.B_iso_or_equiv 
_atom_site.pdbx_formal_charge 
_atom_site.auth_seq_id 
_atom_site.auth_comp_id 
_atom_site.auth_asym_id 
_atom_site.auth_atom_id 
_atom_site.pdbx_PDB_model_num 
ATOM   1    N N   . PRO A 1 17  ? -6.125  3.324   -37.255 1.00 40.55 ? 32  PRO A N   1 
ATOM   2    C CA  . PRO A 1 17  ? -5.645  3.215   -35.858 1.00 39.85 ? 32  PRO A CA  1 
ATOM   3    C C   . PRO A 1 17  ? -6.595  2.361   -35.025 1.00 39.41 ? 32  PRO A C   1 
ATOM   4    O O   . PRO A 1 17  ? -7.813  2.510   -35.112 1.00 40.52 ? 32  PRO A O   1 
ATOM   5    C CB  . PRO A 1 17  ? -5.574  4.629   -35.302 1.00 40.15 ? 32  PRO A CB  1 
ATOM   6    C CG  . PRO A 1 17  ? -5.422  5.454   -36.581 1.00 40.79 ? 32  PRO A CG  1 
ATOM   7    C CD  . PRO A 1 17  ? -6.314  4.743   -37.606 1.00 40.74 ? 32  PRO A CD  1 
ATOM   8    N N   . ASN A 1 18  ? -6.032  1.463   -34.223 1.00 37.62 ? 33  ASN A N   1 
ATOM   9    C CA  . ASN A 1 18  ? -6.833  0.594   -33.370 1.00 35.68 ? 33  ASN A CA  1 
ATOM   10   C C   . ASN A 1 18  ? -6.875  1.183   -31.964 1.00 33.60 ? 33  ASN A C   1 
ATOM   11   O O   . ASN A 1 18  ? -5.892  1.123   -31.223 1.00 32.94 ? 33  ASN A O   1 
ATOM   12   C CB  . ASN A 1 18  ? -6.235  -0.815  -33.338 1.00 38.43 ? 33  ASN A CB  1 
ATOM   13   C CG  . ASN A 1 18  ? -7.106  -1.801  -32.586 1.00 40.94 ? 33  ASN A CG  1 
ATOM   14   O OD1 . ASN A 1 18  ? -8.298  -1.937  -32.868 1.00 42.92 ? 33  ASN A OD1 1 
ATOM   15   N ND2 . ASN A 1 18  ? -6.513  -2.502  -31.625 1.00 42.71 ? 33  ASN A ND2 1 
ATOM   16   N N   . LEU A 1 19  ? -8.018  1.758   -31.606 1.00 29.60 ? 34  LEU A N   1 
ATOM   17   C CA  . LEU A 1 19  ? -8.188  2.376   -30.297 1.00 25.35 ? 34  LEU A CA  1 
ATOM   18   C C   . LEU A 1 19  ? -8.539  1.357   -29.218 1.00 22.30 ? 34  LEU A C   1 
ATOM   19   O O   . LEU A 1 19  ? -9.641  0.807   -29.201 1.00 20.91 ? 34  LEU A O   1 
ATOM   20   C CB  . LEU A 1 19  ? -9.278  3.450   -30.369 1.00 24.89 ? 34  LEU A CB  1 
ATOM   21   C CG  . LEU A 1 19  ? -9.152  4.457   -31.516 1.00 26.76 ? 34  LEU A CG  1 
ATOM   22   C CD1 . LEU A 1 19  ? -10.300 5.449   -31.444 1.00 26.75 ? 34  LEU A CD1 1 
ATOM   23   C CD2 . LEU A 1 19  ? -7.815  5.176   -31.437 1.00 27.14 ? 34  LEU A CD2 1 
ATOM   24   N N   . THR A 1 20  ? -7.593  1.110   -28.314 1.00 18.79 ? 35  THR A N   1 
ATOM   25   C CA  . THR A 1 20  ? -7.802  0.163   -27.227 1.00 18.79 ? 35  THR A CA  1 
ATOM   26   C C   . THR A 1 20  ? -7.508  0.799   -25.874 1.00 16.69 ? 35  THR A C   1 
ATOM   27   O O   . THR A 1 20  ? -7.893  0.266   -24.835 1.00 16.95 ? 35  THR A O   1 
ATOM   28   C CB  . THR A 1 20  ? -6.884  -1.067  -27.365 1.00 21.42 ? 35  THR A CB  1 
ATOM   29   O OG1 . THR A 1 20  ? -5.514  -0.646  -27.324 1.00 23.52 ? 35  THR A OG1 1 
ATOM   30   C CG2 . THR A 1 20  ? -7.154  -1.795  -28.676 1.00 20.92 ? 35  THR A CG2 1 
ATOM   31   N N   . ALA A 1 21  ? -6.833  1.943   -25.889 1.00 15.10 ? 36  ALA A N   1 
ATOM   32   C CA  . ALA A 1 21  ? -6.471  2.616   -24.650 1.00 13.63 ? 36  ALA A CA  1 
ATOM   33   C C   . ALA A 1 21  ? -7.190  3.939   -24.440 1.00 12.46 ? 36  ALA A C   1 
ATOM   34   O O   . ALA A 1 21  ? -7.782  4.494   -25.362 1.00 13.37 ? 36  ALA A O   1 
ATOM   35   C CB  . ALA A 1 21  ? -4.961  2.844   -24.614 1.00 13.73 ? 36  ALA A CB  1 
ATOM   36   N N   . VAL A 1 22  ? -7.147  4.427   -23.205 1.00 11.15 ? 37  VAL A N   1 
ATOM   37   C CA  . VAL A 1 22  ? -7.747  5.708   -22.864 1.00 9.29  ? 37  VAL A CA  1 
ATOM   38   C C   . VAL A 1 22  ? -6.617  6.606   -22.390 1.00 11.33 ? 37  VAL A C   1 
ATOM   39   O O   . VAL A 1 22  ? -5.922  6.288   -21.423 1.00 11.02 ? 37  VAL A O   1 
ATOM   40   C CB  . VAL A 1 22  ? -8.788  5.592   -21.728 1.00 10.32 ? 37  VAL A CB  1 
ATOM   41   C CG1 . VAL A 1 22  ? -9.217  6.992   -21.275 1.00 11.19 ? 37  VAL A CG1 1 
ATOM   42   C CG2 . VAL A 1 22  ? -10.000 4.800   -22.209 1.00 11.58 ? 37  VAL A CG2 1 
ATOM   43   N N   . GLN A 1 23  ? -6.424  7.717   -23.088 1.00 10.74 ? 38  GLN A N   1 
ATOM   44   C CA  . GLN A 1 23  ? -5.378  8.662   -22.736 1.00 11.22 ? 38  GLN A CA  1 
ATOM   45   C C   . GLN A 1 23  ? -6.030  10.027  -22.649 1.00 12.08 ? 38  GLN A C   1 
ATOM   46   O O   . GLN A 1 23  ? -6.541  10.544  -23.643 1.00 13.40 ? 38  GLN A O   1 
ATOM   47   C CB  . GLN A 1 23  ? -4.281  8.654   -23.802 1.00 13.02 ? 38  GLN A CB  1 
ATOM   48   C CG  . GLN A 1 23  ? -3.096  9.558   -23.507 1.00 11.17 ? 38  GLN A CG  1 
ATOM   49   C CD  . GLN A 1 23  ? -2.005  9.415   -24.551 1.00 13.75 ? 38  GLN A CD  1 
ATOM   50   O OE1 . GLN A 1 23  ? -1.338  8.382   -24.632 1.00 14.42 ? 38  GLN A OE1 1 
ATOM   51   N NE2 . GLN A 1 23  ? -1.829  10.447  -25.369 1.00 17.33 ? 38  GLN A NE2 1 
ATOM   52   N N   . ILE A 1 24  ? -6.029  10.605  -21.453 1.00 11.75 ? 39  ILE A N   1 
ATOM   53   C CA  . ILE A 1 24  ? -6.648  11.905  -21.258 1.00 11.48 ? 39  ILE A CA  1 
ATOM   54   C C   . ILE A 1 24  ? -5.677  12.914  -20.668 1.00 11.32 ? 39  ILE A C   1 
ATOM   55   O O   . ILE A 1 24  ? -5.382  12.890  -19.471 1.00 11.35 ? 39  ILE A O   1 
ATOM   56   C CB  . ILE A 1 24  ? -7.884  11.795  -20.340 1.00 11.49 ? 39  ILE A CB  1 
ATOM   57   C CG1 . ILE A 1 24  ? -8.877  10.788  -20.930 1.00 13.45 ? 39  ILE A CG1 1 
ATOM   58   C CG2 . ILE A 1 24  ? -8.542  13.162  -20.188 1.00 11.91 ? 39  ILE A CG2 1 
ATOM   59   C CD1 . ILE A 1 24  ? -10.070 10.498  -20.044 1.00 16.12 ? 39  ILE A CD1 1 
ATOM   60   N N   . SER A 1 25  ? -5.169  13.790  -21.527 1.00 12.25 ? 40  SER A N   1 
ATOM   61   C CA  . SER A 1 25  ? -4.246  14.836  -21.110 1.00 12.57 ? 40  SER A CA  1 
ATOM   62   C C   . SER A 1 25  ? -5.068  16.011  -20.581 1.00 12.38 ? 40  SER A C   1 
ATOM   63   O O   . SER A 1 25  ? -6.283  16.062  -20.784 1.00 13.30 ? 40  SER A O   1 
ATOM   64   C CB  . SER A 1 25  ? -3.394  15.286  -22.302 1.00 12.88 ? 40  SER A CB  1 
ATOM   65   O OG  . SER A 1 25  ? -2.581  14.225  -22.775 1.00 15.20 ? 40  SER A OG  1 
ATOM   66   N N   . PRO A 1 26  ? -4.422  16.966  -19.890 1.00 12.32 ? 41  PRO A N   1 
ATOM   67   C CA  . PRO A 1 26  ? -5.139  18.125  -19.352 1.00 13.48 ? 41  PRO A CA  1 
ATOM   68   C C   . PRO A 1 26  ? -6.055  18.760  -20.393 1.00 14.21 ? 41  PRO A C   1 
ATOM   69   O O   . PRO A 1 26  ? -5.648  18.983  -21.535 1.00 15.10 ? 41  PRO A O   1 
ATOM   70   C CB  . PRO A 1 26  ? -4.007  19.050  -18.921 1.00 13.41 ? 41  PRO A CB  1 
ATOM   71   C CG  . PRO A 1 26  ? -2.989  18.074  -18.417 1.00 12.43 ? 41  PRO A CG  1 
ATOM   72   C CD  . PRO A 1 26  ? -3.003  16.998  -19.489 1.00 12.72 ? 41  PRO A CD  1 
ATOM   73   N N   . ASN A 1 27  ? -7.289  19.045  -19.993 1.00 13.54 ? 42  ASN A N   1 
ATOM   74   C CA  . ASN A 1 27  ? -8.268  19.638  -20.900 1.00 14.41 ? 42  ASN A CA  1 
ATOM   75   C C   . ASN A 1 27  ? -8.911  20.883  -20.306 1.00 16.49 ? 42  ASN A C   1 
ATOM   76   O O   . ASN A 1 27  ? -9.902  21.386  -20.838 1.00 18.41 ? 42  ASN A O   1 
ATOM   77   C CB  . ASN A 1 27  ? -9.360  18.615  -21.223 1.00 15.86 ? 42  ASN A CB  1 
ATOM   78   C CG  . ASN A 1 27  ? -10.305 18.388  -20.057 1.00 17.03 ? 42  ASN A CG  1 
ATOM   79   O OD1 . ASN A 1 27  ? -9.910  18.494  -18.898 1.00 15.33 ? 42  ASN A OD1 1 
ATOM   80   N ND2 . ASN A 1 27  ? -11.561 18.067  -20.359 1.00 18.82 ? 42  ASN A ND2 1 
ATOM   81   N N   . ALA A 1 28  ? -8.352  21.388  -19.211 1.00 15.93 ? 43  ALA A N   1 
ATOM   82   C CA  . ALA A 1 28  ? -8.923  22.564  -18.572 1.00 18.08 ? 43  ALA A CA  1 
ATOM   83   C C   . ALA A 1 28  ? -7.915  23.424  -17.825 1.00 19.00 ? 43  ALA A C   1 
ATOM   84   O O   . ALA A 1 28  ? -6.895  22.938  -17.339 1.00 17.51 ? 43  ALA A O   1 
ATOM   85   C CB  . ALA A 1 28  ? -10.034 22.135  -17.616 1.00 19.62 ? 43  ALA A CB  1 
ATOM   86   N N   . ASP A 1 29  ? -8.216  24.717  -17.752 1.00 22.25 ? 44  ASP A N   1 
ATOM   87   C CA  . ASP A 1 29  ? -7.385  25.667  -17.031 1.00 25.81 ? 44  ASP A CA  1 
ATOM   88   C C   . ASP A 1 29  ? -8.174  25.924  -15.752 1.00 26.87 ? 44  ASP A C   1 
ATOM   89   O O   . ASP A 1 29  ? -9.244  26.532  -15.789 1.00 28.19 ? 44  ASP A O   1 
ATOM   90   C CB  . ASP A 1 29  ? -7.237  26.971  -17.820 1.00 29.49 ? 44  ASP A CB  1 
ATOM   91   C CG  . ASP A 1 29  ? -6.293  27.952  -17.150 1.00 33.05 ? 44  ASP A CG  1 
ATOM   92   O OD1 . ASP A 1 29  ? -6.451  28.195  -15.933 1.00 33.88 ? 44  ASP A OD1 1 
ATOM   93   O OD2 . ASP A 1 29  ? -5.396  28.486  -17.839 1.00 34.72 ? 44  ASP A OD2 1 
ATOM   94   N N   . PRO A 1 30  ? -7.663  25.452  -14.607 1.00 26.88 ? 45  PRO A N   1 
ATOM   95   C CA  . PRO A 1 30  ? -8.341  25.636  -13.320 1.00 30.01 ? 45  PRO A CA  1 
ATOM   96   C C   . PRO A 1 30  ? -8.622  27.087  -12.947 1.00 33.30 ? 45  PRO A C   1 
ATOM   97   O O   . PRO A 1 30  ? -9.410  27.359  -12.042 1.00 35.44 ? 45  PRO A O   1 
ATOM   98   C CB  . PRO A 1 30  ? -7.401  24.943  -12.335 1.00 27.07 ? 45  PRO A CB  1 
ATOM   99   C CG  . PRO A 1 30  ? -6.060  25.115  -12.973 1.00 28.07 ? 45  PRO A CG  1 
ATOM   100  C CD  . PRO A 1 30  ? -6.352  24.809  -14.418 1.00 24.20 ? 45  PRO A CD  1 
ATOM   101  N N   . ALA A 1 31  ? -7.983  28.015  -13.651 1.00 36.31 ? 46  ALA A N   1 
ATOM   102  C CA  . ALA A 1 31  ? -8.174  29.436  -13.386 1.00 39.51 ? 46  ALA A CA  1 
ATOM   103  C C   . ALA A 1 31  ? -9.353  29.984  -14.186 1.00 41.28 ? 46  ALA A C   1 
ATOM   104  O O   . ALA A 1 31  ? -9.753  31.135  -14.009 1.00 42.61 ? 46  ALA A O   1 
ATOM   105  C CB  . ALA A 1 31  ? -6.906  30.207  -13.730 1.00 39.61 ? 46  ALA A CB  1 
ATOM   106  N N   . LEU A 1 32  ? -9.906  29.154  -15.066 1.00 41.90 ? 47  LEU A N   1 
ATOM   107  C CA  . LEU A 1 32  ? -11.040 29.557  -15.891 1.00 42.95 ? 47  LEU A CA  1 
ATOM   108  C C   . LEU A 1 32  ? -12.223 28.613  -15.699 1.00 43.43 ? 47  LEU A C   1 
ATOM   109  O O   . LEU A 1 32  ? -13.376 29.000  -15.890 1.00 44.66 ? 47  LEU A O   1 
ATOM   110  C CB  . LEU A 1 32  ? -10.633 29.586  -17.366 1.00 43.48 ? 47  LEU A CB  1 
ATOM   111  C CG  . LEU A 1 32  ? -9.447  30.489  -17.723 1.00 43.52 ? 47  LEU A CG  1 
ATOM   112  C CD1 . LEU A 1 32  ? -9.165  30.392  -19.213 1.00 42.93 ? 47  LEU A CD1 1 
ATOM   113  C CD2 . LEU A 1 32  ? -9.750  31.925  -17.327 1.00 43.11 ? 47  LEU A CD2 1 
ATOM   114  N N   . GLY A 1 33  ? -11.930 27.371  -15.326 1.00 43.51 ? 48  GLY A N   1 
ATOM   115  C CA  . GLY A 1 33  ? -12.979 26.392  -15.100 1.00 42.03 ? 48  GLY A CA  1 
ATOM   116  C C   . GLY A 1 33  ? -13.661 25.884  -16.356 1.00 41.82 ? 48  GLY A C   1 
ATOM   117  O O   . GLY A 1 33  ? -14.738 25.289  -16.283 1.00 40.53 ? 48  GLY A O   1 
ATOM   118  N N   . LEU A 1 34  ? -13.040 26.111  -17.509 1.00 40.98 ? 49  LEU A N   1 
ATOM   119  C CA  . LEU A 1 34  ? -13.606 25.662  -18.776 1.00 40.02 ? 49  LEU A CA  1 
ATOM   120  C C   . LEU A 1 34  ? -12.883 24.432  -19.307 1.00 38.87 ? 49  LEU A C   1 
ATOM   121  O O   . LEU A 1 34  ? -11.665 24.443  -19.484 1.00 39.20 ? 49  LEU A O   1 
ATOM   122  C CB  . LEU A 1 34  ? -13.539 26.783  -19.816 1.00 40.66 ? 49  LEU A CB  1 
ATOM   123  C CG  . LEU A 1 34  ? -14.398 28.019  -19.542 1.00 40.74 ? 49  LEU A CG  1 
ATOM   124  C CD1 . LEU A 1 34  ? -14.176 29.047  -20.638 1.00 41.13 ? 49  LEU A CD1 1 
ATOM   125  C CD2 . LEU A 1 34  ? -15.865 27.622  -19.471 1.00 41.06 ? 49  LEU A CD2 1 
ATOM   126  N N   . GLU A 1 35  ? -13.642 23.370  -19.559 1.00 37.52 ? 50  GLU A N   1 
ATOM   127  C CA  . GLU A 1 35  ? -13.070 22.133  -20.076 1.00 36.69 ? 50  GLU A CA  1 
ATOM   128  C C   . GLU A 1 35  ? -13.249 22.074  -21.591 1.00 37.02 ? 50  GLU A C   1 
ATOM   129  O O   . GLU A 1 35  ? -14.309 22.418  -22.115 1.00 37.80 ? 50  GLU A O   1 
ATOM   130  C CB  . GLU A 1 35  ? -13.738 20.924  -19.412 1.00 35.94 ? 50  GLU A CB  1 
ATOM   131  C CG  . GLU A 1 35  ? -15.185 20.695  -19.811 1.00 31.45 ? 50  GLU A CG  1 
ATOM   132  C CD  . GLU A 1 35  ? -15.906 19.744  -18.871 1.00 29.99 ? 50  GLU A CD  1 
ATOM   133  O OE1 . GLU A 1 35  ? -16.221 20.162  -17.734 1.00 24.26 ? 50  GLU A OE1 1 
ATOM   134  O OE2 . GLU A 1 35  ? -16.154 18.583  -19.265 1.00 26.84 ? 50  GLU A OE2 1 
ATOM   135  N N   . TYR A 1 36  ? -12.202 21.647  -22.289 1.00 37.52 ? 51  TYR A N   1 
ATOM   136  C CA  . TYR A 1 36  ? -12.246 21.548  -23.741 1.00 36.69 ? 51  TYR A CA  1 
ATOM   137  C C   . TYR A 1 36  ? -12.324 20.091  -24.186 1.00 37.02 ? 51  TYR A C   1 
ATOM   138  O O   . TYR A 1 36  ? -12.951 19.817  -25.208 1.00 37.80 ? 51  TYR A O   1 
ATOM   139  C CB  . TYR A 1 36  ? -11.008 22.209  -24.356 1.00 35.94 ? 51  TYR A CB  1 
ATOM   140  C CG  . TYR A 1 36  ? -10.849 23.673  -24.007 1.00 31.45 ? 51  TYR A CG  1 
ATOM   141  C CD1 . TYR A 1 36  ? -10.401 24.069  -22.746 1.00 20.03 ? 51  TYR A CD1 1 
ATOM   142  C CD2 . TYR A 1 36  ? -11.152 24.667  -24.939 1.00 20.03 ? 51  TYR A CD2 1 
ATOM   143  C CE1 . TYR A 1 36  ? -10.257 25.419  -22.424 1.00 20.03 ? 51  TYR A CE1 1 
ATOM   144  C CE2 . TYR A 1 36  ? -11.014 26.016  -24.626 1.00 20.03 ? 51  TYR A CE2 1 
ATOM   145  C CZ  . TYR A 1 36  ? -10.566 26.386  -23.370 1.00 20.03 ? 51  TYR A CZ  1 
ATOM   146  O OH  . TYR A 1 36  ? -10.420 27.722  -23.069 1.00 20.03 ? 51  TYR A OH  1 
ATOM   147  N N   . GLY A 1 47  ? 4.140   19.981  -22.352 1.00 29.56 ? 62  GLY A N   1 
ATOM   148  C CA  . GLY A 1 47  ? 4.743   18.705  -22.020 1.00 27.57 ? 62  GLY A CA  1 
ATOM   149  C C   . GLY A 1 47  ? 4.031   18.008  -20.876 1.00 26.56 ? 62  GLY A C   1 
ATOM   150  O O   . GLY A 1 47  ? 4.637   17.226  -20.144 1.00 28.45 ? 62  GLY A O   1 
ATOM   151  N N   . LEU A 1 48  ? 2.740   18.287  -20.724 1.00 23.58 ? 63  LEU A N   1 
ATOM   152  C CA  . LEU A 1 48  ? 1.950   17.680  -19.659 1.00 19.49 ? 63  LEU A CA  1 
ATOM   153  C C   . LEU A 1 48  ? 1.063   16.553  -20.173 1.00 17.62 ? 63  LEU A C   1 
ATOM   154  O O   . LEU A 1 48  ? 0.167   16.091  -19.469 1.00 15.42 ? 63  LEU A O   1 
ATOM   155  C CB  . LEU A 1 48  ? 1.072   18.735  -18.985 1.00 20.61 ? 63  LEU A CB  1 
ATOM   156  C CG  . LEU A 1 48  ? 1.770   19.938  -18.346 1.00 21.28 ? 63  LEU A CG  1 
ATOM   157  C CD1 . LEU A 1 48  ? 0.727   20.819  -17.679 1.00 22.43 ? 63  LEU A CD1 1 
ATOM   158  C CD2 . LEU A 1 48  ? 2.799   19.468  -17.328 1.00 23.53 ? 63  LEU A CD2 1 
ATOM   159  N N   . ASN A 1 49  ? 1.310   16.112  -21.399 1.00 16.13 ? 64  ASN A N   1 
ATOM   160  C CA  . ASN A 1 49  ? 0.512   15.043  -21.985 1.00 14.95 ? 64  ASN A CA  1 
ATOM   161  C C   . ASN A 1 49  ? 0.547   13.751  -21.179 1.00 16.00 ? 64  ASN A C   1 
ATOM   162  O O   . ASN A 1 49  ? 1.575   13.384  -20.607 1.00 15.38 ? 64  ASN A O   1 
ATOM   163  C CB  . ASN A 1 49  ? 0.977   14.741  -23.412 1.00 19.21 ? 64  ASN A CB  1 
ATOM   164  C CG  . ASN A 1 49  ? 0.440   15.729  -24.428 1.00 22.86 ? 64  ASN A CG  1 
ATOM   165  O OD1 . ASN A 1 49  ? 0.697   15.601  -25.625 1.00 29.26 ? 64  ASN A OD1 1 
ATOM   166  N ND2 . ASN A 1 49  ? -0.310  16.717  -23.961 1.00 23.71 ? 64  ASN A ND2 1 
ATOM   167  N N   . ALA A 1 50  ? -0.595  13.072  -21.138 1.00 14.44 ? 65  ALA A N   1 
ATOM   168  C CA  . ALA A 1 50  ? -0.708  11.793  -20.453 1.00 13.46 ? 65  ALA A CA  1 
ATOM   169  C C   . ALA A 1 50  ? -0.216  10.774  -21.469 1.00 14.07 ? 65  ALA A C   1 
ATOM   170  O O   . ALA A 1 50  ? -0.193  11.054  -22.670 1.00 15.14 ? 65  ALA A O   1 
ATOM   171  C CB  . ALA A 1 50  ? -2.158  11.518  -20.086 1.00 13.54 ? 65  ALA A CB  1 
ATOM   172  N N   . SER A 1 51  ? 0.176   9.598   -20.998 1.00 11.94 ? 66  SER A N   1 
ATOM   173  C CA  . SER A 1 51  ? 0.687   8.570   -21.889 1.00 13.28 ? 66  SER A CA  1 
ATOM   174  C C   . SER A 1 51  ? 0.193   7.169   -21.539 1.00 13.32 ? 66  SER A C   1 
ATOM   175  O O   . SER A 1 51  ? 0.594   6.594   -20.528 1.00 13.65 ? 66  SER A O   1 
ATOM   176  C CB  . SER A 1 51  ? 2.219   8.592   -21.869 1.00 16.44 ? 66  SER A CB  1 
ATOM   177  O OG  . SER A 1 51  ? 2.763   7.588   -22.707 1.00 20.27 ? 66  SER A OG  1 
ATOM   178  N N   . ALA A 1 52  ? -0.687  6.633   -22.381 1.00 11.34 ? 67  ALA A N   1 
ATOM   179  C CA  . ALA A 1 52  ? -1.218  5.286   -22.202 1.00 13.06 ? 67  ALA A CA  1 
ATOM   180  C C   . ALA A 1 52  ? -0.489  4.429   -23.234 1.00 13.34 ? 67  ALA A C   1 
ATOM   181  O O   . ALA A 1 52  ? -0.913  4.335   -24.386 1.00 15.09 ? 67  ALA A O   1 
ATOM   182  C CB  . ALA A 1 52  ? -2.720  5.272   -22.459 1.00 12.14 ? 67  ALA A CB  1 
ATOM   183  N N   . LYS A 1 53  ? 0.615   3.815   -22.816 1.00 13.67 ? 68  LYS A N   1 
ATOM   184  C CA  . LYS A 1 53  ? 1.441   3.002   -23.710 1.00 15.27 ? 68  LYS A CA  1 
ATOM   185  C C   . LYS A 1 53  ? 1.061   1.536   -23.847 1.00 15.77 ? 68  LYS A C   1 
ATOM   186  O O   . LYS A 1 53  ? 1.507   0.859   -24.776 1.00 16.92 ? 68  LYS A O   1 
ATOM   187  C CB  . LYS A 1 53  ? 2.903   3.073   -23.271 1.00 16.79 ? 68  LYS A CB  1 
ATOM   188  C CG  . LYS A 1 53  ? 3.511   4.461   -23.303 1.00 20.34 ? 68  LYS A CG  1 
ATOM   189  C CD  . LYS A 1 53  ? 4.977   4.395   -22.911 1.00 23.93 ? 68  LYS A CD  1 
ATOM   190  C CE  . LYS A 1 53  ? 5.638   5.757   -22.965 1.00 26.12 ? 68  LYS A CE  1 
ATOM   191  N NZ  . LYS A 1 53  ? 7.093   5.648   -22.655 1.00 27.94 ? 68  LYS A NZ  1 
ATOM   192  N N   . GLY A 1 54  ? 0.251   1.032   -22.927 1.00 14.95 ? 69  GLY A N   1 
ATOM   193  C CA  . GLY A 1 54  ? -0.124  -0.364  -23.007 1.00 14.91 ? 69  GLY A CA  1 
ATOM   194  C C   . GLY A 1 54  ? -1.475  -0.589  -23.641 1.00 15.23 ? 69  GLY A C   1 
ATOM   195  O O   . GLY A 1 54  ? -2.347  0.283   -23.598 1.00 14.51 ? 69  GLY A O   1 
ATOM   196  N N   A ILE A 1 55  ? -1.654  -1.758  -24.247 0.50 15.99 ? 70  ILE A N   1 
ATOM   197  N N   B ILE A 1 55  ? -1.654  -1.753  -24.255 0.50 20.03 ? 70  ILE A N   1 
ATOM   198  C CA  A ILE A 1 55  ? -2.925  -2.092  -24.866 0.50 17.37 ? 70  ILE A CA  1 
ATOM   199  C CA  B ILE A 1 55  ? -2.931  -2.070  -24.871 0.50 20.03 ? 70  ILE A CA  1 
ATOM   200  C C   A ILE A 1 55  ? -3.960  -2.136  -23.747 0.50 16.17 ? 70  ILE A C   1 
ATOM   201  C C   B ILE A 1 55  ? -3.956  -2.125  -23.746 0.50 20.03 ? 70  ILE A C   1 
ATOM   202  O O   A ILE A 1 55  ? -3.723  -2.749  -22.706 0.50 18.25 ? 70  ILE A O   1 
ATOM   203  O O   B ILE A 1 55  ? -3.709  -2.729  -22.702 0.50 20.03 ? 70  ILE A O   1 
ATOM   204  C CB  A ILE A 1 55  ? -2.866  -3.474  -25.550 0.50 19.95 ? 70  ILE A CB  1 
ATOM   205  C CB  B ILE A 1 55  ? -2.894  -3.432  -25.600 0.50 20.03 ? 70  ILE A CB  1 
ATOM   206  C CG1 A ILE A 1 55  ? -1.752  -3.487  -26.598 0.50 25.03 ? 70  ILE A CG1 1 
ATOM   207  C CG1 B ILE A 1 55  ? -2.505  -4.544  -24.623 0.50 20.03 ? 70  ILE A CG1 1 
ATOM   208  C CG2 A ILE A 1 55  ? -4.209  -3.795  -26.195 0.50 22.38 ? 70  ILE A CG2 1 
ATOM   209  C CG2 B ILE A 1 55  ? -1.915  -3.369  -26.762 0.50 20.03 ? 70  ILE A CG2 1 
ATOM   210  C CD1 A ILE A 1 55  ? -1.557  -4.828  -27.274 0.50 28.88 ? 70  ILE A CD1 1 
ATOM   211  C CD1 B ILE A 1 55  ? -2.566  -5.938  -25.220 0.50 20.03 ? 70  ILE A CD1 1 
ATOM   212  N N   . HIS A 1 56  ? -5.094  -1.473  -23.955 1.00 16.26 ? 71  HIS A N   1 
ATOM   213  C CA  . HIS A 1 56  ? -6.164  -1.436  -22.961 1.00 12.95 ? 71  HIS A CA  1 
ATOM   214  C C   . HIS A 1 56  ? -5.807  -0.626  -21.716 1.00 13.07 ? 71  HIS A C   1 
ATOM   215  O O   . HIS A 1 56  ? -6.556  -0.635  -20.741 1.00 12.80 ? 71  HIS A O   1 
ATOM   216  C CB  . HIS A 1 56  ? -6.548  -2.859  -22.541 1.00 15.28 ? 71  HIS A CB  1 
ATOM   217  C CG  . HIS A 1 56  ? -7.057  -3.705  -23.666 1.00 17.24 ? 71  HIS A CG  1 
ATOM   218  N ND1 . HIS A 1 56  ? -6.903  -5.074  -23.692 1.00 22.05 ? 71  HIS A ND1 1 
ATOM   219  C CD2 . HIS A 1 56  ? -7.730  -3.380  -24.795 1.00 20.46 ? 71  HIS A CD2 1 
ATOM   220  C CE1 . HIS A 1 56  ? -7.460  -5.557  -24.789 1.00 21.26 ? 71  HIS A CE1 1 
ATOM   221  N NE2 . HIS A 1 56  ? -7.968  -4.549  -25.476 1.00 22.26 ? 71  HIS A NE2 1 
ATOM   222  N N   . SER A 1 57  ? -4.677  0.076   -21.741 1.00 11.66 ? 72  SER A N   1 
ATOM   223  C CA  . SER A 1 57  ? -4.276  0.866   -20.581 1.00 10.89 ? 72  SER A CA  1 
ATOM   224  C C   . SER A 1 57  ? -5.060  2.171   -20.495 1.00 10.37 ? 72  SER A C   1 
ATOM   225  O O   . SER A 1 57  ? -5.722  2.578   -21.451 1.00 11.34 ? 72  SER A O   1 
ATOM   226  C CB  . SER A 1 57  ? -2.768  1.159   -20.605 1.00 11.69 ? 72  SER A CB  1 
ATOM   227  O OG  . SER A 1 57  ? -2.414  2.040   -21.657 1.00 13.13 ? 72  SER A OG  1 
ATOM   228  N N   . ILE A 1 58  ? -4.983  2.811   -19.332 1.00 10.04 ? 73  ILE A N   1 
ATOM   229  C CA  . ILE A 1 58  ? -5.682  4.063   -19.075 1.00 10.14 ? 73  ILE A CA  1 
ATOM   230  C C   . ILE A 1 58  ? -4.740  5.026   -18.354 1.00 10.75 ? 73  ILE A C   1 
ATOM   231  O O   . ILE A 1 58  ? -4.184  4.690   -17.308 1.00 10.93 ? 73  ILE A O   1 
ATOM   232  C CB  . ILE A 1 58  ? -6.919  3.821   -18.175 1.00 10.51 ? 73  ILE A CB  1 
ATOM   233  C CG1 . ILE A 1 58  ? -7.908  2.894   -18.882 1.00 9.28  ? 73  ILE A CG1 1 
ATOM   234  C CG2 . ILE A 1 58  ? -7.585  5.152   -17.818 1.00 9.20  ? 73  ILE A CG2 1 
ATOM   235  C CD1 . ILE A 1 58  ? -9.043  2.430   -17.989 1.00 10.68 ? 73  ILE A CD1 1 
ATOM   236  N N   . ALA A 1 59  ? -4.555  6.214   -18.922 1.00 9.84  ? 74  ALA A N   1 
ATOM   237  C CA  . ALA A 1 59  ? -3.696  7.230   -18.319 1.00 9.61  ? 74  ALA A CA  1 
ATOM   238  C C   . ALA A 1 59  ? -4.461  8.543   -18.348 1.00 10.28 ? 74  ALA A C   1 
ATOM   239  O O   . ALA A 1 59  ? -4.801  9.046   -19.421 1.00 10.79 ? 74  ALA A O   1 
ATOM   240  C CB  . ALA A 1 59  ? -2.389  7.359   -19.095 1.00 9.82  ? 74  ALA A CB  1 
ATOM   241  N N   . ILE A 1 60  ? -4.730  9.090   -17.167 1.00 9.02  ? 75  ILE A N   1 
ATOM   242  C CA  . ILE A 1 60  ? -5.484  10.331  -17.039 1.00 9.13  ? 75  ILE A CA  1 
ATOM   243  C C   . ILE A 1 60  ? -4.782  11.319  -16.114 1.00 10.32 ? 75  ILE A C   1 
ATOM   244  O O   . ILE A 1 60  ? -4.457  10.986  -14.975 1.00 8.40  ? 75  ILE A O   1 
ATOM   245  C CB  . ILE A 1 60  ? -6.896  10.048  -16.470 1.00 9.57  ? 75  ILE A CB  1 
ATOM   246  C CG1 . ILE A 1 60  ? -7.636  9.056   -17.375 1.00 10.50 ? 75  ILE A CG1 1 
ATOM   247  C CG2 . ILE A 1 60  ? -7.685  11.353  -16.334 1.00 9.99  ? 75  ILE A CG2 1 
ATOM   248  C CD1 . ILE A 1 60  ? -8.986  8.627   -16.824 1.00 11.45 ? 75  ILE A CD1 1 
ATOM   249  N N   . GLY A 1 61  ? -4.560  12.536  -16.606 1.00 9.45  ? 76  GLY A N   1 
ATOM   250  C CA  . GLY A 1 61  ? -3.917  13.564  -15.805 1.00 10.17 ? 76  GLY A CA  1 
ATOM   251  C C   . GLY A 1 61  ? -2.595  14.064  -16.354 1.00 9.87  ? 76  GLY A C   1 
ATOM   252  O O   . GLY A 1 61  ? -1.958  13.409  -17.179 1.00 11.01 ? 76  GLY A O   1 
ATOM   253  N N   . ALA A 1 62  ? -2.181  15.240  -15.891 1.00 10.70 ? 77  ALA A N   1 
ATOM   254  C CA  . ALA A 1 62  ? -0.921  15.823  -16.329 1.00 11.88 ? 77  ALA A CA  1 
ATOM   255  C C   . ALA A 1 62  ? 0.232   14.848  -16.113 1.00 12.24 ? 77  ALA A C   1 
ATOM   256  O O   . ALA A 1 62  ? 0.444   14.366  -15.002 1.00 12.87 ? 77  ALA A O   1 
ATOM   257  C CB  . ALA A 1 62  ? -0.654  17.117  -15.571 1.00 12.44 ? 77  ALA A CB  1 
ATOM   258  N N   A THR A 1 63  ? 0.935   14.555  -17.211 0.50 11.85 ? 78  THR A N   1 
ATOM   259  N N   B THR A 1 63  ? 0.978   14.574  -17.172 0.50 12.73 ? 78  THR A N   1 
ATOM   260  C CA  A THR A 1 63  ? 2.087   13.642  -17.293 0.50 11.47 ? 78  THR A CA  1 
ATOM   261  C CA  B THR A 1 63  ? 2.131   13.692  -17.088 0.50 13.05 ? 78  THR A CA  1 
ATOM   262  C C   A THR A 1 63  ? 1.883   12.218  -16.779 0.50 11.60 ? 78  THR A C   1 
ATOM   263  C C   B THR A 1 63  ? 1.856   12.321  -16.467 0.50 12.50 ? 78  THR A C   1 
ATOM   264  O O   A THR A 1 63  ? 2.846   11.476  -16.587 0.50 12.54 ? 78  THR A O   1 
ATOM   265  O O   B THR A 1 63  ? 2.743   11.730  -15.855 0.50 12.69 ? 78  THR A O   1 
ATOM   266  C CB  A THR A 1 63  ? 3.352   14.230  -16.600 0.50 11.36 ? 78  THR A CB  1 
ATOM   267  C CB  B THR A 1 63  ? 3.272   14.375  -16.300 0.50 14.83 ? 78  THR A CB  1 
ATOM   268  O OG1 A THR A 1 63  ? 3.120   14.398  -15.197 0.50 10.26 ? 78  THR A OG1 1 
ATOM   269  O OG1 B THR A 1 63  ? 3.343   15.760  -16.669 0.50 16.44 ? 78  THR A OG1 1 
ATOM   270  C CG2 A THR A 1 63  ? 3.721   15.569  -17.225 0.50 12.14 ? 78  THR A CG2 1 
ATOM   271  C CG2 B THR A 1 63  ? 4.607   13.716  -16.617 0.50 16.80 ? 78  THR A CG2 1 
ATOM   272  N N   . ALA A 1 64  ? 0.629   11.823  -16.597 1.00 11.90 ? 79  ALA A N   1 
ATOM   273  C CA  . ALA A 1 64  ? 0.308   10.492  -16.087 1.00 10.91 ? 79  ALA A CA  1 
ATOM   274  C C   . ALA A 1 64  ? 0.753   9.454   -17.118 1.00 12.64 ? 79  ALA A C   1 
ATOM   275  O O   . ALA A 1 64  ? 0.646   9.691   -18.321 1.00 12.48 ? 79  ALA A O   1 
ATOM   276  C CB  . ALA A 1 64  ? -1.190  10.367  -15.842 1.00 10.94 ? 79  ALA A CB  1 
ATOM   277  N N   . GLU A 1 65  ? 1.264   8.314   -16.661 1.00 9.82  ? 80  GLU A N   1 
ATOM   278  C CA  . GLU A 1 65  ? 1.681   7.274   -17.593 1.00 10.30 ? 80  GLU A CA  1 
ATOM   279  C C   . GLU A 1 65  ? 1.355   5.859   -17.137 1.00 10.83 ? 80  GLU A C   1 
ATOM   280  O O   . GLU A 1 65  ? 1.673   5.466   -16.014 1.00 10.74 ? 80  GLU A O   1 
ATOM   281  C CB  . GLU A 1 65  ? 3.190   7.345   -17.892 1.00 11.54 ? 80  GLU A CB  1 
ATOM   282  C CG  . GLU A 1 65  ? 3.626   6.271   -18.906 1.00 14.36 ? 80  GLU A CG  1 
ATOM   283  C CD  . GLU A 1 65  ? 5.110   6.287   -19.231 1.00 16.59 ? 80  GLU A CD  1 
ATOM   284  O OE1 . GLU A 1 65  ? 5.659   7.375   -19.477 1.00 16.54 ? 80  GLU A OE1 1 
ATOM   285  O OE2 . GLU A 1 65  ? 5.720   5.197   -19.261 1.00 19.92 ? 80  GLU A OE2 1 
ATOM   286  N N   . ALA A 1 66  ? 0.702   5.113   -18.022 1.00 10.67 ? 81  ALA A N   1 
ATOM   287  C CA  . ALA A 1 66  ? 0.365   3.709   -17.796 1.00 11.62 ? 81  ALA A CA  1 
ATOM   288  C C   . ALA A 1 66  ? 1.242   3.053   -18.859 1.00 12.44 ? 81  ALA A C   1 
ATOM   289  O O   . ALA A 1 66  ? 0.926   3.098   -20.047 1.00 12.35 ? 81  ALA A O   1 
ATOM   290  C CB  . ALA A 1 66  ? -1.114  3.458   -18.080 1.00 11.69 ? 81  ALA A CB  1 
ATOM   291  N N   . ALA A 1 67  ? 2.344   2.452   -18.421 1.00 11.99 ? 82  ALA A N   1 
ATOM   292  C CA  . ALA A 1 67  ? 3.330   1.872   -19.329 1.00 13.20 ? 82  ALA A CA  1 
ATOM   293  C C   . ALA A 1 67  ? 3.078   0.525   -19.985 1.00 15.08 ? 82  ALA A C   1 
ATOM   294  O O   . ALA A 1 67  ? 3.544   0.290   -21.102 1.00 15.80 ? 82  ALA A O   1 
ATOM   295  C CB  . ALA A 1 67  ? 4.688   1.837   -18.628 1.00 14.90 ? 82  ALA A CB  1 
ATOM   296  N N   . LYS A 1 68  ? 2.360   -0.365  -19.315 1.00 14.12 ? 83  LYS A N   1 
ATOM   297  C CA  . LYS A 1 68  ? 2.138   -1.682  -19.888 1.00 15.18 ? 83  LYS A CA  1 
ATOM   298  C C   . LYS A 1 68  ? 0.684   -2.110  -19.987 1.00 16.20 ? 83  LYS A C   1 
ATOM   299  O O   . LYS A 1 68  ? -0.229  -1.368  -19.617 1.00 16.47 ? 83  LYS A O   1 
ATOM   300  C CB  . LYS A 1 68  ? 2.952   -2.720  -19.107 1.00 16.30 ? 83  LYS A CB  1 
ATOM   301  C CG  . LYS A 1 68  ? 4.461   -2.482  -19.192 1.00 17.14 ? 83  LYS A CG  1 
ATOM   302  C CD  . LYS A 1 68  ? 5.262   -3.566  -18.494 1.00 21.93 ? 83  LYS A CD  1 
ATOM   303  C CE  . LYS A 1 68  ? 6.756   -3.324  -18.664 1.00 23.11 ? 83  LYS A CE  1 
ATOM   304  N NZ  . LYS A 1 68  ? 7.580   -4.388  -18.026 1.00 26.88 ? 83  LYS A NZ  1 
ATOM   305  N N   . GLY A 1 69  ? 0.489   -3.317  -20.508 1.00 14.51 ? 84  GLY A N   1 
ATOM   306  C CA  . GLY A 1 69  ? -0.837  -3.868  -20.697 1.00 15.09 ? 84  GLY A CA  1 
ATOM   307  C C   . GLY A 1 69  ? -1.849  -3.678  -19.585 1.00 16.30 ? 84  GLY A C   1 
ATOM   308  O O   . GLY A 1 69  ? -1.614  -4.054  -18.437 1.00 18.63 ? 84  GLY A O   1 
ATOM   309  N N   . ALA A 1 70  ? -2.980  -3.081  -19.950 1.00 14.80 ? 85  ALA A N   1 
ATOM   310  C CA  . ALA A 1 70  ? -4.103  -2.843  -19.051 1.00 13.22 ? 85  ALA A CA  1 
ATOM   311  C C   . ALA A 1 70  ? -3.824  -2.041  -17.782 1.00 11.93 ? 85  ALA A C   1 
ATOM   312  O O   . ALA A 1 70  ? -4.689  -1.955  -16.911 1.00 13.65 ? 85  ALA A O   1 
ATOM   313  C CB  . ALA A 1 70  ? -4.748  -4.176  -18.689 1.00 15.10 ? 85  ALA A CB  1 
ATOM   314  N N   . ALA A 1 71  ? -2.638  -1.450  -17.673 1.00 11.36 ? 86  ALA A N   1 
ATOM   315  C CA  . ALA A 1 71  ? -2.303  -0.660  -16.490 1.00 10.89 ? 86  ALA A CA  1 
ATOM   316  C C   . ALA A 1 71  ? -3.186  0.585   -16.410 1.00 11.14 ? 86  ALA A C   1 
ATOM   317  O O   . ALA A 1 71  ? -3.689  1.067   -17.425 1.00 9.83  ? 86  ALA A O   1 
ATOM   318  C CB  . ALA A 1 71  ? -0.831  -0.264  -16.521 1.00 11.38 ? 86  ALA A CB  1 
ATOM   319  N N   . VAL A 1 72  ? -3.364  1.104   -15.200 1.00 9.31  ? 87  VAL A N   1 
ATOM   320  C CA  . VAL A 1 72  ? -4.199  2.280   -14.976 1.00 9.97  ? 87  VAL A CA  1 
ATOM   321  C C   . VAL A 1 72  ? -3.452  3.313   -14.144 1.00 10.00 ? 87  VAL A C   1 
ATOM   322  O O   . VAL A 1 72  ? -2.959  3.004   -13.062 1.00 9.86  ? 87  VAL A O   1 
ATOM   323  C CB  . VAL A 1 72  ? -5.497  1.894   -14.223 1.00 8.79  ? 87  VAL A CB  1 
ATOM   324  C CG1 . VAL A 1 72  ? -6.338  3.136   -13.933 1.00 11.36 ? 87  VAL A CG1 1 
ATOM   325  C CG2 . VAL A 1 72  ? -6.294  0.891   -15.044 1.00 11.17 ? 87  VAL A CG2 1 
ATOM   326  N N   . ALA A 1 73  ? -3.368  4.536   -14.655 1.00 9.22  ? 88  ALA A N   1 
ATOM   327  C CA  . ALA A 1 73  ? -2.699  5.617   -13.943 1.00 8.84  ? 88  ALA A CA  1 
ATOM   328  C C   . ALA A 1 73  ? -3.587  6.848   -13.984 1.00 10.41 ? 88  ALA A C   1 
ATOM   329  O O   . ALA A 1 73  ? -3.887  7.370   -15.054 1.00 9.74  ? 88  ALA A O   1 
ATOM   330  C CB  . ALA A 1 73  ? -1.346  5.924   -14.587 1.00 10.49 ? 88  ALA A CB  1 
ATOM   331  N N   . VAL A 1 74  ? -4.019  7.300   -12.814 1.00 9.04  ? 89  VAL A N   1 
ATOM   332  C CA  . VAL A 1 74  ? -4.863  8.484   -12.724 1.00 9.06  ? 89  VAL A CA  1 
ATOM   333  C C   . VAL A 1 74  ? -4.272  9.419   -11.680 1.00 10.07 ? 89  VAL A C   1 
ATOM   334  O O   . VAL A 1 74  ? -4.144  9.056   -10.513 1.00 10.54 ? 89  VAL A O   1 
ATOM   335  C CB  . VAL A 1 74  ? -6.312  8.124   -12.319 1.00 10.04 ? 89  VAL A CB  1 
ATOM   336  C CG1 . VAL A 1 74  ? -7.161  9.393   -12.252 1.00 10.13 ? 89  VAL A CG1 1 
ATOM   337  C CG2 . VAL A 1 74  ? -6.905  7.144   -13.324 1.00 10.20 ? 89  VAL A CG2 1 
ATOM   338  N N   . GLY A 1 75  ? -3.909  10.623  -12.108 1.00 9.33  ? 90  GLY A N   1 
ATOM   339  C CA  . GLY A 1 75  ? -3.323  11.587  -11.197 1.00 9.08  ? 90  GLY A CA  1 
ATOM   340  C C   . GLY A 1 75  ? -2.102  12.229  -11.821 1.00 9.94  ? 90  GLY A C   1 
ATOM   341  O O   . GLY A 1 75  ? -1.394  11.605  -12.616 1.00 10.09 ? 90  GLY A O   1 
ATOM   342  N N   . ALA A 1 76  ? -1.852  13.484  -11.473 1.00 10.71 ? 91  ALA A N   1 
ATOM   343  C CA  . ALA A 1 76  ? -0.706  14.192  -12.026 1.00 10.43 ? 91  ALA A CA  1 
ATOM   344  C C   . ALA A 1 76  ? 0.584   13.473  -11.659 1.00 10.52 ? 91  ALA A C   1 
ATOM   345  O O   . ALA A 1 76  ? 0.835   13.186  -10.489 1.00 10.70 ? 91  ALA A O   1 
ATOM   346  C CB  . ALA A 1 76  ? -0.672  15.623  -11.505 1.00 12.20 ? 91  ALA A CB  1 
ATOM   347  N N   . GLY A 1 77  ? 1.397   13.178  -12.666 1.00 9.35  ? 92  GLY A N   1 
ATOM   348  C CA  . GLY A 1 77  ? 2.658   12.507  -12.414 1.00 10.56 ? 92  GLY A CA  1 
ATOM   349  C C   . GLY A 1 77  ? 2.543   11.072  -11.940 1.00 12.29 ? 92  GLY A C   1 
ATOM   350  O O   . GLY A 1 77  ? 3.536   10.485  -11.507 1.00 12.91 ? 92  GLY A O   1 
ATOM   351  N N   . SER A 1 78  ? 1.345   10.497  -12.010 1.00 11.06 ? 93  SER A N   1 
ATOM   352  C CA  . SER A 1 78  ? 1.162   9.115   -11.581 1.00 10.58 ? 93  SER A CA  1 
ATOM   353  C C   . SER A 1 78  ? 1.859   8.181   -12.566 1.00 10.88 ? 93  SER A C   1 
ATOM   354  O O   . SER A 1 78  ? 1.969   8.486   -13.756 1.00 11.10 ? 93  SER A O   1 
ATOM   355  C CB  . SER A 1 78  ? -0.330  8.771   -11.484 1.00 10.47 ? 93  SER A CB  1 
ATOM   356  O OG  . SER A 1 78  ? -0.968  8.889   -12.740 1.00 10.72 ? 93  SER A OG  1 
ATOM   357  N N   . ILE A 1 79  ? 2.332   7.045   -12.068 1.00 9.77  ? 94  ILE A N   1 
ATOM   358  C CA  . ILE A 1 79  ? 3.047   6.081   -12.896 1.00 9.59  ? 94  ILE A CA  1 
ATOM   359  C C   . ILE A 1 79  ? 2.647   4.649   -12.578 1.00 10.20 ? 94  ILE A C   1 
ATOM   360  O O   . ILE A 1 79  ? 2.723   4.226   -11.430 1.00 11.47 ? 94  ILE A O   1 
ATOM   361  C CB  . ILE A 1 79  ? 4.576   6.179   -12.668 1.00 10.97 ? 94  ILE A CB  1 
ATOM   362  C CG1 . ILE A 1 79  ? 5.060   7.608   -12.919 1.00 12.12 ? 94  ILE A CG1 1 
ATOM   363  C CG2 . ILE A 1 79  ? 5.296   5.201   -13.587 1.00 12.53 ? 94  ILE A CG2 1 
ATOM   364  C CD1 . ILE A 1 79  ? 6.500   7.860   -12.484 1.00 14.50 ? 94  ILE A CD1 1 
ATOM   365  N N   . ALA A 1 80  ? 2.218   3.916   -13.599 1.00 11.26 ? 95  ALA A N   1 
ATOM   366  C CA  . ALA A 1 80  ? 1.860   2.506   -13.460 1.00 11.28 ? 95  ALA A CA  1 
ATOM   367  C C   . ALA A 1 80  ? 2.795   1.837   -14.459 1.00 12.57 ? 95  ALA A C   1 
ATOM   368  O O   . ALA A 1 80  ? 2.523   1.819   -15.660 1.00 12.76 ? 95  ALA A O   1 
ATOM   369  C CB  . ALA A 1 80  ? 0.404   2.278   -13.849 1.00 13.35 ? 95  ALA A CB  1 
ATOM   370  N N   A THR A 1 81  ? 3.896   1.299   -13.940 0.50 13.54 ? 96  THR A N   1 
ATOM   371  N N   B THR A 1 81  ? 3.904   1.287   -13.976 0.50 12.48 ? 96  THR A N   1 
ATOM   372  C CA  A THR A 1 81  ? 4.931   0.661   -14.748 0.50 14.42 ? 96  THR A CA  1 
ATOM   373  C CA  B THR A 1 81  ? 4.859   0.653   -14.878 0.50 12.11 ? 96  THR A CA  1 
ATOM   374  C C   A THR A 1 81  ? 4.693   -0.815  -15.060 0.50 14.69 ? 96  THR A C   1 
ATOM   375  C C   B THR A 1 81  ? 4.581   -0.818  -15.146 0.50 13.30 ? 96  THR A C   1 
ATOM   376  O O   A THR A 1 81  ? 5.172   -1.323  -16.073 0.50 15.90 ? 96  THR A O   1 
ATOM   377  O O   B THR A 1 81  ? 4.921   -1.330  -16.212 0.50 15.47 ? 96  THR A O   1 
ATOM   378  C CB  A THR A 1 81  ? 6.305   0.780   -14.046 0.50 15.95 ? 96  THR A CB  1 
ATOM   379  C CB  B THR A 1 81  ? 6.309   0.761   -14.354 0.50 12.34 ? 96  THR A CB  1 
ATOM   380  O OG1 A THR A 1 81  ? 6.504   2.126   -13.598 0.50 18.69 ? 96  THR A OG1 1 
ATOM   381  O OG1 B THR A 1 81  ? 6.410   0.112   -13.080 0.50 10.18 ? 96  THR A OG1 1 
ATOM   382  C CG2 A THR A 1 81  ? 7.427   0.408   -14.997 0.50 19.15 ? 96  THR A CG2 1 
ATOM   383  C CG2 B THR A 1 81  ? 6.727   2.215   -14.228 0.50 13.12 ? 96  THR A CG2 1 
ATOM   384  N N   . GLY A 1 82  ? 3.959   -1.498  -14.189 1.00 13.83 ? 97  GLY A N   1 
ATOM   385  C CA  . GLY A 1 82  ? 3.700   -2.912  -14.381 1.00 14.73 ? 97  GLY A CA  1 
ATOM   386  C C   . GLY A 1 82  ? 2.470   -3.337  -15.148 1.00 15.02 ? 97  GLY A C   1 
ATOM   387  O O   . GLY A 1 82  ? 1.499   -2.592  -15.280 1.00 14.43 ? 97  GLY A O   1 
ATOM   388  N N   . VAL A 1 83  ? 2.528   -4.556  -15.673 1.00 14.28 ? 98  VAL A N   1 
ATOM   389  C CA  . VAL A 1 83  ? 1.404   -5.123  -16.395 1.00 12.96 ? 98  VAL A CA  1 
ATOM   390  C C   . VAL A 1 83  ? 0.274   -5.205  -15.370 1.00 13.34 ? 98  VAL A C   1 
ATOM   391  O O   . VAL A 1 83  ? 0.487   -5.649  -14.240 1.00 13.52 ? 98  VAL A O   1 
ATOM   392  C CB  . VAL A 1 83  ? 1.734   -6.541  -16.901 1.00 15.62 ? 98  VAL A CB  1 
ATOM   393  C CG1 . VAL A 1 83  ? 0.505   -7.172  -17.542 1.00 16.89 ? 98  VAL A CG1 1 
ATOM   394  C CG2 . VAL A 1 83  ? 2.882   -6.475  -17.897 1.00 17.36 ? 98  VAL A CG2 1 
ATOM   395  N N   . ASN A 1 84  ? -0.912  -4.754  -15.762 1.00 13.03 ? 99  ASN A N   1 
ATOM   396  C CA  . ASN A 1 84  ? -2.083  -4.777  -14.887 1.00 11.62 ? 99  ASN A CA  1 
ATOM   397  C C   . ASN A 1 84  ? -1.944  -3.992  -13.586 1.00 11.34 ? 99  ASN A C   1 
ATOM   398  O O   . ASN A 1 84  ? -2.722  -4.210  -12.661 1.00 12.68 ? 99  ASN A O   1 
ATOM   399  C CB  . ASN A 1 84  ? -2.466  -6.218  -14.532 1.00 14.88 ? 99  ASN A CB  1 
ATOM   400  C CG  . ASN A 1 84  ? -2.896  -7.022  -15.736 1.00 19.03 ? 99  ASN A CG  1 
ATOM   401  O OD1 . ASN A 1 84  ? -3.575  -6.513  -16.623 1.00 18.91 ? 99  ASN A OD1 1 
ATOM   402  N ND2 . ASN A 1 84  ? -2.518  -8.296  -15.763 1.00 21.21 ? 99  ASN A ND2 1 
ATOM   403  N N   . SER A 1 85  ? -0.968  -3.094  -13.498 1.00 10.16 ? 100 SER A N   1 
ATOM   404  C CA  . SER A 1 85  ? -0.800  -2.314  -12.277 1.00 9.81  ? 100 SER A CA  1 
ATOM   405  C C   . SER A 1 85  ? -1.770  -1.137  -12.246 1.00 10.75 ? 100 SER A C   1 
ATOM   406  O O   . SER A 1 85  ? -2.270  -0.698  -13.285 1.00 10.70 ? 100 SER A O   1 
ATOM   407  C CB  . SER A 1 85  ? 0.642   -1.817  -12.137 1.00 11.65 ? 100 SER A CB  1 
ATOM   408  O OG  . SER A 1 85  ? 1.012   -0.959  -13.199 1.00 12.55 ? 100 SER A OG  1 
ATOM   409  N N   . VAL A 1 86  ? -2.035  -0.632  -11.046 1.00 9.07  ? 101 VAL A N   1 
ATOM   410  C CA  . VAL A 1 86  ? -2.965  0.474   -10.863 1.00 8.84  ? 101 VAL A CA  1 
ATOM   411  C C   . VAL A 1 86  ? -2.374  1.505   -9.911  1.00 10.43 ? 101 VAL A C   1 
ATOM   412  O O   . VAL A 1 86  ? -2.002  1.177   -8.786  1.00 9.68  ? 101 VAL A O   1 
ATOM   413  C CB  . VAL A 1 86  ? -4.303  -0.029  -10.275 1.00 8.64  ? 101 VAL A CB  1 
ATOM   414  C CG1 . VAL A 1 86  ? -5.280  1.131   -10.132 1.00 9.10  ? 101 VAL A CG1 1 
ATOM   415  C CG2 . VAL A 1 86  ? -4.892  -1.122  -11.172 1.00 11.24 ? 101 VAL A CG2 1 
ATOM   416  N N   . ALA A 1 87  ? -2.291  2.750   -10.364 1.00 8.92  ? 102 ALA A N   1 
ATOM   417  C CA  . ALA A 1 87  ? -1.747  3.828   -9.542  1.00 9.39  ? 102 ALA A CA  1 
ATOM   418  C C   . ALA A 1 87  ? -2.648  5.048   -9.636  1.00 10.15 ? 102 ALA A C   1 
ATOM   419  O O   . ALA A 1 87  ? -2.827  5.607   -10.715 1.00 10.93 ? 102 ALA A O   1 
ATOM   420  C CB  . ALA A 1 87  ? -0.341  4.186   -10.013 1.00 11.33 ? 102 ALA A CB  1 
ATOM   421  N N   . ILE A 1 88  ? -3.225  5.456   -8.511  1.00 9.48  ? 103 ILE A N   1 
ATOM   422  C CA  . ILE A 1 88  ? -4.086  6.630   -8.502  1.00 9.42  ? 103 ILE A CA  1 
ATOM   423  C C   . ILE A 1 88  ? -3.668  7.582   -7.396  1.00 10.98 ? 103 ILE A C   1 
ATOM   424  O O   . ILE A 1 88  ? -3.494  7.185   -6.242  1.00 10.60 ? 103 ILE A O   1 
ATOM   425  C CB  . ILE A 1 88  ? -5.569  6.250   -8.335  1.00 8.10  ? 103 ILE A CB  1 
ATOM   426  C CG1 . ILE A 1 88  ? -6.019  5.443   -9.558  1.00 8.66  ? 103 ILE A CG1 1 
ATOM   427  C CG2 . ILE A 1 88  ? -6.423  7.518   -8.181  1.00 9.79  ? 103 ILE A CG2 1 
ATOM   428  C CD1 . ILE A 1 88  ? -7.507  5.141   -9.600  1.00 10.67 ? 103 ILE A CD1 1 
ATOM   429  N N   . GLY A 1 89  ? -3.502  8.844   -7.776  1.00 10.65 ? 104 GLY A N   1 
ATOM   430  C CA  . GLY A 1 89  ? -3.084  9.868   -6.843  1.00 10.03 ? 104 GLY A CA  1 
ATOM   431  C C   . GLY A 1 89  ? -1.898  10.598  -7.442  1.00 10.59 ? 104 GLY A C   1 
ATOM   432  O O   . GLY A 1 89  ? -1.154  10.020  -8.238  1.00 10.30 ? 104 GLY A O   1 
ATOM   433  N N   . PRO A 1 90  ? -1.698  11.875  -7.097  1.00 10.64 ? 105 PRO A N   1 
ATOM   434  C CA  . PRO A 1 90  ? -0.560  12.606  -7.655  1.00 9.72  ? 105 PRO A CA  1 
ATOM   435  C C   . PRO A 1 90  ? 0.761   11.992  -7.201  1.00 12.01 ? 105 PRO A C   1 
ATOM   436  O O   . PRO A 1 90  ? 0.964   11.746  -6.013  1.00 11.39 ? 105 PRO A O   1 
ATOM   437  C CB  . PRO A 1 90  ? -0.772  14.027  -7.131  1.00 11.00 ? 105 PRO A CB  1 
ATOM   438  C CG  . PRO A 1 90  ? -1.474  13.804  -5.821  1.00 10.93 ? 105 PRO A CG  1 
ATOM   439  C CD  . PRO A 1 90  ? -2.469  12.716  -6.165  1.00 9.93  ? 105 PRO A CD  1 
ATOM   440  N N   . LEU A 1 91  ? 1.641   11.729  -8.164  1.00 10.39 ? 106 LEU A N   1 
ATOM   441  C CA  . LEU A 1 91  ? 2.953   11.140  -7.905  1.00 11.76 ? 106 LEU A CA  1 
ATOM   442  C C   . LEU A 1 91  ? 2.900   9.723   -7.339  1.00 12.76 ? 106 LEU A C   1 
ATOM   443  O O   . LEU A 1 91  ? 3.870   9.239   -6.755  1.00 14.34 ? 106 LEU A O   1 
ATOM   444  C CB  . LEU A 1 91  ? 3.773   12.050  -6.983  1.00 13.31 ? 106 LEU A CB  1 
ATOM   445  C CG  . LEU A 1 91  ? 4.025   13.454  -7.543  1.00 15.48 ? 106 LEU A CG  1 
ATOM   446  C CD1 . LEU A 1 91  ? 4.869   14.259  -6.566  1.00 17.19 ? 106 LEU A CD1 1 
ATOM   447  C CD2 . LEU A 1 91  ? 4.728   13.352  -8.889  1.00 15.42 ? 106 LEU A CD2 1 
ATOM   448  N N   A SER A 1 92  ? 1.759   9.060   -7.514  0.50 11.77 ? 107 SER A N   1 
ATOM   449  N N   B SER A 1 92  ? 1.762   9.063   -7.499  0.50 11.72 ? 107 SER A N   1 
ATOM   450  C CA  A SER A 1 92  ? 1.585   7.687   -7.045  0.50 12.06 ? 107 SER A CA  1 
ATOM   451  C CA  B SER A 1 92  ? 1.634   7.698   -7.019  0.50 11.86 ? 107 SER A CA  1 
ATOM   452  C C   A SER A 1 92  ? 2.260   6.768   -8.059  0.50 12.70 ? 107 SER A C   1 
ATOM   453  C C   B SER A 1 92  ? 2.348   6.825   -8.041  0.50 12.48 ? 107 SER A C   1 
ATOM   454  O O   A SER A 1 92  ? 2.153   6.992   -9.265  0.50 12.96 ? 107 SER A O   1 
ATOM   455  O O   B SER A 1 92  ? 2.371   7.147   -9.229  0.50 12.91 ? 107 SER A O   1 
ATOM   456  C CB  A SER A 1 92  ? 0.093   7.352   -6.944  0.50 12.10 ? 107 SER A CB  1 
ATOM   457  C CB  B SER A 1 92  ? 0.160   7.300   -6.937  0.50 12.12 ? 107 SER A CB  1 
ATOM   458  O OG  A SER A 1 92  ? -0.110  6.021   -6.498  0.50 10.78 ? 107 SER A OG  1 
ATOM   459  O OG  B SER A 1 92  ? -0.429  7.291   -8.224  0.50 9.61  ? 107 SER A OG  1 
ATOM   460  N N   . LYS A 1 93  ? 2.953   5.735   -7.587  1.00 11.66 ? 108 LYS A N   1 
ATOM   461  C CA  . LYS A 1 93  ? 3.632   4.839   -8.507  1.00 12.30 ? 108 LYS A CA  1 
ATOM   462  C C   . LYS A 1 93  ? 3.573   3.355   -8.172  1.00 11.46 ? 108 LYS A C   1 
ATOM   463  O O   . LYS A 1 93  ? 3.966   2.916   -7.089  1.00 10.51 ? 108 LYS A O   1 
ATOM   464  C CB  . LYS A 1 93  ? 5.087   5.290   -8.721  1.00 17.74 ? 108 LYS A CB  1 
ATOM   465  C CG  . LYS A 1 93  ? 5.938   5.448   -7.479  1.00 17.84 ? 108 LYS A CG  1 
ATOM   466  C CD  . LYS A 1 93  ? 7.299   6.050   -7.851  1.00 19.55 ? 108 LYS A CD  1 
ATOM   467  C CE  . LYS A 1 93  ? 8.262   6.082   -6.675  1.00 21.40 ? 108 LYS A CE  1 
ATOM   468  N NZ  . LYS A 1 93  ? 7.819   7.017   -5.604  1.00 22.02 ? 108 LYS A NZ  1 
ATOM   469  N N   . ALA A 1 94  ? 3.038   2.598   -9.121  1.00 11.14 ? 109 ALA A N   1 
ATOM   470  C CA  . ALA A 1 94  ? 2.925   1.150   -9.021  1.00 11.86 ? 109 ALA A CA  1 
ATOM   471  C C   . ALA A 1 94  ? 4.114   0.702   -9.862  1.00 13.62 ? 109 ALA A C   1 
ATOM   472  O O   . ALA A 1 94  ? 4.079   0.766   -11.093 1.00 14.93 ? 109 ALA A O   1 
ATOM   473  C CB  . ALA A 1 94  ? 1.609   0.684   -9.635  1.00 12.26 ? 109 ALA A CB  1 
ATOM   474  N N   . LEU A 1 95  ? 5.164   0.251   -9.181  1.00 12.41 ? 110 LEU A N   1 
ATOM   475  C CA  . LEU A 1 95  ? 6.427   -0.121  -9.817  1.00 13.76 ? 110 LEU A CA  1 
ATOM   476  C C   . LEU A 1 95  ? 6.659   -1.556  -10.258 1.00 15.67 ? 110 LEU A C   1 
ATOM   477  O O   . LEU A 1 95  ? 7.776   -1.913  -10.631 1.00 19.16 ? 110 LEU A O   1 
ATOM   478  C CB  . LEU A 1 95  ? 7.573   0.296   -8.896  1.00 16.83 ? 110 LEU A CB  1 
ATOM   479  C CG  . LEU A 1 95  ? 7.568   1.764   -8.466  1.00 18.84 ? 110 LEU A CG  1 
ATOM   480  C CD1 . LEU A 1 95  ? 8.686   2.008   -7.464  1.00 21.54 ? 110 LEU A CD1 1 
ATOM   481  C CD2 . LEU A 1 95  ? 7.726   2.655   -9.681  1.00 20.82 ? 110 LEU A CD2 1 
ATOM   482  N N   . GLY A 1 96  ? 5.623   -2.381  -10.217 1.00 14.07 ? 111 GLY A N   1 
ATOM   483  C CA  . GLY A 1 96  ? 5.784   -3.758  -10.633 1.00 14.13 ? 111 GLY A CA  1 
ATOM   484  C C   . GLY A 1 96  ? 4.469   -4.314  -11.125 1.00 15.47 ? 111 GLY A C   1 
ATOM   485  O O   . GLY A 1 96  ? 3.425   -3.693  -10.943 1.00 14.40 ? 111 GLY A O   1 
ATOM   486  N N   . ASP A 1 97  ? 4.513   -5.483  -11.755 1.00 14.59 ? 112 ASP A N   1 
ATOM   487  C CA  . ASP A 1 97  ? 3.296   -6.096  -12.258 1.00 14.46 ? 112 ASP A CA  1 
ATOM   488  C C   . ASP A 1 97  ? 2.268   -6.269  -11.148 1.00 13.39 ? 112 ASP A C   1 
ATOM   489  O O   . ASP A 1 97  ? 2.611   -6.610  -10.014 1.00 12.73 ? 112 ASP A O   1 
ATOM   490  C CB  . ASP A 1 97  ? 3.592   -7.467  -12.874 1.00 15.85 ? 112 ASP A CB  1 
ATOM   491  C CG  . ASP A 1 97  ? 4.463   -7.381  -14.111 1.00 19.63 ? 112 ASP A CG  1 
ATOM   492  O OD1 . ASP A 1 97  ? 4.589   -6.279  -14.689 1.00 18.06 ? 112 ASP A OD1 1 
ATOM   493  O OD2 . ASP A 1 97  ? 5.010   -8.431  -14.516 1.00 22.51 ? 112 ASP A OD2 1 
ATOM   494  N N   . SER A 1 98  ? 1.007   -6.012  -11.488 1.00 12.70 ? 113 SER A N   1 
ATOM   495  C CA  . SER A 1 98  ? -0.116  -6.171  -10.570 1.00 12.19 ? 113 SER A CA  1 
ATOM   496  C C   . SER A 1 98  ? -0.132  -5.303  -9.315  1.00 11.56 ? 113 SER A C   1 
ATOM   497  O O   . SER A 1 98  ? -1.059  -5.398  -8.516  1.00 11.21 ? 113 SER A O   1 
ATOM   498  C CB  . SER A 1 98  ? -0.233  -7.638  -10.155 1.00 13.57 ? 113 SER A CB  1 
ATOM   499  O OG  . SER A 1 98  ? -0.332  -8.476  -11.295 1.00 17.07 ? 113 SER A OG  1 
ATOM   500  N N   . ALA A 1 99  ? 0.876   -4.461  -9.137  1.00 10.07 ? 114 ALA A N   1 
ATOM   501  C CA  . ALA A 1 99  ? 0.928   -3.601  -7.959  1.00 9.97  ? 114 ALA A CA  1 
ATOM   502  C C   . ALA A 1 99  ? -0.218  -2.598  -7.965  1.00 10.72 ? 114 ALA A C   1 
ATOM   503  O O   . ALA A 1 99  ? -0.662  -2.159  -9.026  1.00 10.48 ? 114 ALA A O   1 
ATOM   504  C CB  . ALA A 1 99  ? 2.263   -2.860  -7.911  1.00 11.53 ? 114 ALA A CB  1 
ATOM   505  N N   . VAL A 1 100 ? -0.712  -2.257  -6.780  1.00 8.35  ? 115 VAL A N   1 
ATOM   506  C CA  . VAL A 1 100 ? -1.775  -1.269  -6.675  1.00 9.16  ? 115 VAL A CA  1 
ATOM   507  C C   . VAL A 1 100 ? -1.373  -0.225  -5.648  1.00 8.86  ? 115 VAL A C   1 
ATOM   508  O O   . VAL A 1 100 ? -0.881  -0.549  -4.563  1.00 9.40  ? 115 VAL A O   1 
ATOM   509  C CB  . VAL A 1 100 ? -3.142  -1.888  -6.269  1.00 11.38 ? 115 VAL A CB  1 
ATOM   510  C CG1 . VAL A 1 100 ? -3.509  -3.006  -7.229  1.00 12.66 ? 115 VAL A CG1 1 
ATOM   511  C CG2 . VAL A 1 100 ? -3.101  -2.392  -4.839  1.00 13.81 ? 115 VAL A CG2 1 
ATOM   512  N N   A THR A 1 101 ? -1.552  1.040   -6.010  0.50 8.80  ? 116 THR A N   1 
ATOM   513  N N   B THR A 1 101 ? -1.584  1.035   -5.996  0.50 9.76  ? 116 THR A N   1 
ATOM   514  C CA  A THR A 1 101 ? -1.225  2.153   -5.127  0.50 8.62  ? 116 THR A CA  1 
ATOM   515  C CA  B THR A 1 101 ? -1.242  2.119   -5.098  0.50 10.44 ? 116 THR A CA  1 
ATOM   516  C C   A THR A 1 101 ? -2.353  3.169   -5.172  0.50 9.11  ? 116 THR A C   1 
ATOM   517  C C   B THR A 1 101 ? -2.343  3.165   -5.168  0.50 10.08 ? 116 THR A C   1 
ATOM   518  O O   A THR A 1 101 ? -2.916  3.434   -6.235  0.50 8.72  ? 116 THR A O   1 
ATOM   519  O O   B THR A 1 101 ? -2.875  3.450   -6.242  0.50 9.60  ? 116 THR A O   1 
ATOM   520  C CB  A THR A 1 101 ? 0.087   2.860   -5.542  0.50 9.36  ? 116 THR A CB  1 
ATOM   521  C CB  B THR A 1 101 ? 0.105   2.735   -5.483  0.50 12.59 ? 116 THR A CB  1 
ATOM   522  O OG1 A THR A 1 101 ? 0.012   3.244   -6.920  0.50 6.10  ? 116 THR A OG1 1 
ATOM   523  O OG1 B THR A 1 101 ? 0.917   1.742   -6.123  0.50 17.26 ? 116 THR A OG1 1 
ATOM   524  C CG2 A THR A 1 101 ? 1.278   1.947   -5.333  0.50 9.25  ? 116 THR A CG2 1 
ATOM   525  C CG2 B THR A 1 101 ? 0.828   3.194   -4.243  0.50 9.32  ? 116 THR A CG2 1 
ATOM   526  N N   . TYR A 1 102 ? -2.683  3.731   -4.016  1.00 8.29  ? 117 TYR A N   1 
ATOM   527  C CA  . TYR A 1 102 ? -3.752  4.717   -3.934  1.00 8.45  ? 117 TYR A CA  1 
ATOM   528  C C   . TYR A 1 102 ? -3.380  5.801   -2.943  1.00 10.01 ? 117 TYR A C   1 
ATOM   529  O O   . TYR A 1 102 ? -3.277  5.539   -1.747  1.00 10.76 ? 117 TYR A O   1 
ATOM   530  C CB  . TYR A 1 102 ? -5.037  4.015   -3.482  1.00 9.64  ? 117 TYR A CB  1 
ATOM   531  C CG  . TYR A 1 102 ? -6.295  4.832   -3.625  1.00 8.64  ? 117 TYR A CG  1 
ATOM   532  C CD1 . TYR A 1 102 ? -6.971  5.318   -2.503  1.00 9.87  ? 117 TYR A CD1 1 
ATOM   533  C CD2 . TYR A 1 102 ? -6.833  5.088   -4.882  1.00 10.08 ? 117 TYR A CD2 1 
ATOM   534  C CE1 . TYR A 1 102 ? -8.160  6.036   -2.637  1.00 10.24 ? 117 TYR A CE1 1 
ATOM   535  C CE2 . TYR A 1 102 ? -8.016  5.805   -5.029  1.00 10.76 ? 117 TYR A CE2 1 
ATOM   536  C CZ  . TYR A 1 102 ? -8.675  6.273   -3.907  1.00 10.24 ? 117 TYR A CZ  1 
ATOM   537  O OH  . TYR A 1 102 ? -9.860  6.953   -4.060  1.00 10.20 ? 117 TYR A OH  1 
ATOM   538  N N   . GLY A 1 103 ? -3.177  7.015   -3.448  1.00 9.66  ? 118 GLY A N   1 
ATOM   539  C CA  . GLY A 1 103 ? -2.814  8.123   -2.581  1.00 10.15 ? 118 GLY A CA  1 
ATOM   540  C C   . GLY A 1 103 ? -1.611  8.890   -3.095  1.00 10.42 ? 118 GLY A C   1 
ATOM   541  O O   . GLY A 1 103 ? -0.801  8.361   -3.858  1.00 10.59 ? 118 GLY A O   1 
ATOM   542  N N   . ALA A 1 104 ? -1.499  10.145  -2.674  1.00 10.11 ? 119 ALA A N   1 
ATOM   543  C CA  . ALA A 1 104 ? -0.389  10.989  -3.088  1.00 11.21 ? 119 ALA A CA  1 
ATOM   544  C C   . ALA A 1 104 ? 0.950   10.392  -2.668  1.00 12.16 ? 119 ALA A C   1 
ATOM   545  O O   . ALA A 1 104 ? 1.152   10.050  -1.501  1.00 12.11 ? 119 ALA A O   1 
ATOM   546  C CB  . ALA A 1 104 ? -0.545  12.387  -2.484  1.00 10.09 ? 119 ALA A CB  1 
ATOM   547  N N   . ALA A 1 105 ? 1.861   10.269  -3.628  1.00 11.63 ? 120 ALA A N   1 
ATOM   548  C CA  . ALA A 1 105 ? 3.199   9.747   -3.375  1.00 12.98 ? 120 ALA A CA  1 
ATOM   549  C C   . ALA A 1 105 ? 3.234   8.351   -2.763  1.00 13.60 ? 120 ALA A C   1 
ATOM   550  O O   . ALA A 1 105 ? 4.173   8.006   -2.041  1.00 16.13 ? 120 ALA A O   1 
ATOM   551  C CB  . ALA A 1 105 ? 3.975   10.726  -2.490  1.00 14.64 ? 120 ALA A CB  1 
ATOM   552  N N   . SER A 1 106 ? 2.211   7.551   -3.044  1.00 12.08 ? 121 SER A N   1 
ATOM   553  C CA  . SER A 1 106 ? 2.166   6.184   -2.543  1.00 11.68 ? 121 SER A CA  1 
ATOM   554  C C   . SER A 1 106 ? 3.003   5.344   -3.507  1.00 11.76 ? 121 SER A C   1 
ATOM   555  O O   . SER A 1 106 ? 3.059   5.637   -4.702  1.00 13.48 ? 121 SER A O   1 
ATOM   556  C CB  . SER A 1 106 ? 0.716   5.686   -2.480  1.00 12.41 ? 121 SER A CB  1 
ATOM   557  O OG  . SER A 1 106 ? 0.050   5.855   -3.718  1.00 12.30 ? 121 SER A OG  1 
ATOM   558  N N   . THR A 1 107 ? 3.657   4.306   -2.990  1.00 10.65 ? 122 THR A N   1 
ATOM   559  C CA  . THR A 1 107 ? 4.521   3.463   -3.811  1.00 9.41  ? 122 THR A CA  1 
ATOM   560  C C   . THR A 1 107 ? 4.372   1.982   -3.492  1.00 10.00 ? 122 THR A C   1 
ATOM   561  O O   . THR A 1 107 ? 4.313   1.592   -2.328  1.00 10.74 ? 122 THR A O   1 
ATOM   562  C CB  . THR A 1 107 ? 6.003   3.846   -3.602  1.00 12.47 ? 122 THR A CB  1 
ATOM   563  O OG1 . THR A 1 107 ? 6.171   5.249   -3.830  1.00 14.14 ? 122 THR A OG1 1 
ATOM   564  C CG2 . THR A 1 107 ? 6.900   3.071   -4.557  1.00 13.69 ? 122 THR A CG2 1 
ATOM   565  N N   . ALA A 1 108 ? 4.327   1.155   -4.532  1.00 10.25 ? 123 ALA A N   1 
ATOM   566  C CA  . ALA A 1 108 ? 4.196   -0.282  -4.336  1.00 10.64 ? 123 ALA A CA  1 
ATOM   567  C C   . ALA A 1 108 ? 4.966   -1.088  -5.367  1.00 12.07 ? 123 ALA A C   1 
ATOM   568  O O   . ALA A 1 108 ? 4.878   -0.833  -6.569  1.00 13.11 ? 123 ALA A O   1 
ATOM   569  C CB  . ALA A 1 108 ? 2.720   -0.695  -4.367  1.00 12.11 ? 123 ALA A CB  1 
ATOM   570  N N   A GLN A 1 109 ? 5.733   -2.062  -4.888  0.50 11.96 ? 124 GLN A N   1 
ATOM   571  N N   B GLN A 1 109 ? 5.733   -2.061  -4.886  0.50 13.26 ? 124 GLN A N   1 
ATOM   572  C CA  A GLN A 1 109 ? 6.498   -2.930  -5.769  0.50 11.55 ? 124 GLN A CA  1 
ATOM   573  C CA  B GLN A 1 109 ? 6.503   -2.930  -5.763  0.50 13.94 ? 124 GLN A CA  1 
ATOM   574  C C   A GLN A 1 109 ? 5.573   -4.029  -6.274  0.50 12.65 ? 124 GLN A C   1 
ATOM   575  C C   B GLN A 1 109 ? 5.580   -4.037  -6.260  0.50 14.06 ? 124 GLN A C   1 
ATOM   576  O O   A GLN A 1 109 ? 4.398   -4.074  -5.909  0.50 11.98 ? 124 GLN A O   1 
ATOM   577  O O   B GLN A 1 109 ? 4.411   -4.093  -5.879  0.50 13.39 ? 124 GLN A O   1 
ATOM   578  C CB  A GLN A 1 109 ? 7.677   -3.552  -5.018  0.50 10.76 ? 124 GLN A CB  1 
ATOM   579  C CB  B GLN A 1 109 ? 7.688   -3.528  -5.004  0.50 15.75 ? 124 GLN A CB  1 
ATOM   580  C CG  A GLN A 1 109 ? 8.752   -2.558  -4.616  0.50 13.13 ? 124 GLN A CG  1 
ATOM   581  C CG  B GLN A 1 109 ? 8.752   -2.507  -4.628  0.50 20.46 ? 124 GLN A CG  1 
ATOM   582  C CD  A GLN A 1 109 ? 9.312   -1.807  -5.806  0.50 11.72 ? 124 GLN A CD  1 
ATOM   583  C CD  B GLN A 1 109 ? 9.788   -3.066  -3.675  0.50 21.76 ? 124 GLN A CD  1 
ATOM   584  O OE1 A GLN A 1 109 ? 9.655   -2.405  -6.825  0.50 14.19 ? 124 GLN A OE1 1 
ATOM   585  O OE1 B GLN A 1 109 ? 10.360  -4.131  -3.912  0.50 24.80 ? 124 GLN A OE1 1 
ATOM   586  N NE2 A GLN A 1 109 ? 9.413   -0.488  -5.681  0.50 16.36 ? 124 GLN A NE2 1 
ATOM   587  N NE2 B GLN A 1 109 ? 10.041  -2.345  -2.588  0.50 26.05 ? 124 GLN A NE2 1 
ATOM   588  N N   . LYS A 1 110 ? 6.106   -4.915  -7.108  1.00 12.75 ? 125 LYS A N   1 
ATOM   589  C CA  . LYS A 1 110 ? 5.320   -6.012  -7.667  1.00 13.55 ? 125 LYS A CA  1 
ATOM   590  C C   . LYS A 1 110 ? 4.399   -6.727  -6.679  1.00 12.33 ? 125 LYS A C   1 
ATOM   591  O O   . LYS A 1 110 ? 4.805   -7.077  -5.571  1.00 11.68 ? 125 LYS A O   1 
ATOM   592  C CB  . LYS A 1 110 ? 6.249   -7.041  -8.319  1.00 15.28 ? 125 LYS A CB  1 
ATOM   593  C CG  . LYS A 1 110 ? 5.519   -8.242  -8.900  1.00 16.93 ? 125 LYS A CG  1 
ATOM   594  C CD  . LYS A 1 110 ? 6.476   -9.193  -9.605  1.00 21.17 ? 125 LYS A CD  1 
ATOM   595  C CE  . LYS A 1 110 ? 5.736   -10.408 -10.140 1.00 23.69 ? 125 LYS A CE  1 
ATOM   596  N NZ  . LYS A 1 110 ? 6.632   -11.316 -10.909 1.00 30.15 ? 125 LYS A NZ  1 
ATOM   597  N N   . ASP A 1 111 ? 3.154   -6.941  -7.106  1.00 12.73 ? 126 ASP A N   1 
ATOM   598  C CA  . ASP A 1 111 ? 2.137   -7.631  -6.315  1.00 12.18 ? 126 ASP A CA  1 
ATOM   599  C C   . ASP A 1 111 ? 1.852   -7.009  -4.953  1.00 11.85 ? 126 ASP A C   1 
ATOM   600  O O   . ASP A 1 111 ? 1.266   -7.652  -4.083  1.00 11.66 ? 126 ASP A O   1 
ATOM   601  C CB  . ASP A 1 111 ? 2.516   -9.103  -6.119  1.00 13.46 ? 126 ASP A CB  1 
ATOM   602  C CG  . ASP A 1 111 ? 2.612   -9.862  -7.430  1.00 16.08 ? 126 ASP A CG  1 
ATOM   603  O OD1 . ASP A 1 111 ? 2.016   -9.411  -8.431  1.00 16.16 ? 126 ASP A OD1 1 
ATOM   604  O OD2 . ASP A 1 111 ? 3.275   -10.921 -7.454  1.00 17.02 ? 126 ASP A OD2 1 
ATOM   605  N N   . GLY A 1 112 ? 2.248   -5.756  -4.776  1.00 10.31 ? 127 GLY A N   1 
ATOM   606  C CA  . GLY A 1 112 ? 2.018   -5.098  -3.505  1.00 10.02 ? 127 GLY A CA  1 
ATOM   607  C C   . GLY A 1 112 ? 0.780   -4.223  -3.468  1.00 9.88  ? 127 GLY A C   1 
ATOM   608  O O   . GLY A 1 112 ? 0.147   -3.971  -4.492  1.00 10.33 ? 127 GLY A O   1 
ATOM   609  N N   . VAL A 1 113 ? 0.438   -3.774  -2.265  1.00 8.39  ? 128 VAL A N   1 
ATOM   610  C CA  . VAL A 1 113 ? -0.707  -2.895  -2.040  1.00 8.85  ? 128 VAL A CA  1 
ATOM   611  C C   . VAL A 1 113 ? -0.253  -1.748  -1.137  1.00 8.99  ? 128 VAL A C   1 
ATOM   612  O O   . VAL A 1 113 ? 0.250   -1.983  -0.039  1.00 10.91 ? 128 VAL A O   1 
ATOM   613  C CB  . VAL A 1 113 ? -1.868  -3.639  -1.327  1.00 10.20 ? 128 VAL A CB  1 
ATOM   614  C CG1 . VAL A 1 113 ? -2.965  -2.650  -0.928  1.00 10.52 ? 128 VAL A CG1 1 
ATOM   615  C CG2 . VAL A 1 113 ? -2.433  -4.725  -2.229  1.00 11.42 ? 128 VAL A CG2 1 
ATOM   616  N N   . ALA A 1 114 ? -0.404  -0.511  -1.603  1.00 8.85  ? 129 ALA A N   1 
ATOM   617  C CA  . ALA A 1 114 ? -0.035  0.654   -0.797  1.00 9.65  ? 129 ALA A CA  1 
ATOM   618  C C   . ALA A 1 114 ? -1.191  1.644   -0.858  1.00 11.05 ? 129 ALA A C   1 
ATOM   619  O O   . ALA A 1 114 ? -1.459  2.227   -1.907  1.00 11.27 ? 129 ALA A O   1 
ATOM   620  C CB  . ALA A 1 114 ? 1.250   1.294   -1.324  1.00 9.49  ? 129 ALA A CB  1 
ATOM   621  N N   . ILE A 1 115 ? -1.871  1.819   0.271   1.00 9.02  ? 130 ILE A N   1 
ATOM   622  C CA  . ILE A 1 115 ? -3.029  2.710   0.354   1.00 9.14  ? 130 ILE A CA  1 
ATOM   623  C C   . ILE A 1 115 ? -2.789  3.825   1.367   1.00 9.77  ? 130 ILE A C   1 
ATOM   624  O O   . ILE A 1 115 ? -2.542  3.560   2.544   1.00 10.28 ? 130 ILE A O   1 
ATOM   625  C CB  . ILE A 1 115 ? -4.288  1.922   0.788   1.00 10.14 ? 130 ILE A CB  1 
ATOM   626  C CG1 . ILE A 1 115 ? -4.461  0.671   -0.081  1.00 10.39 ? 130 ILE A CG1 1 
ATOM   627  C CG2 . ILE A 1 115 ? -5.518  2.814   0.698   1.00 11.26 ? 130 ILE A CG2 1 
ATOM   628  C CD1 . ILE A 1 115 ? -4.647  0.957   -1.565  1.00 13.85 ? 130 ILE A CD1 1 
ATOM   629  N N   . GLY A 1 116 ? -2.870  5.069   0.903   1.00 8.89  ? 131 GLY A N   1 
ATOM   630  C CA  . GLY A 1 116 ? -2.654  6.206   1.778   1.00 8.87  ? 131 GLY A CA  1 
ATOM   631  C C   . GLY A 1 116 ? -1.520  7.059   1.252   1.00 9.57  ? 131 GLY A C   1 
ATOM   632  O O   . GLY A 1 116 ? -0.622  6.551   0.579   1.00 10.97 ? 131 GLY A O   1 
ATOM   633  N N   . ALA A 1 117 ? -1.554  8.356   1.531   1.00 9.36  ? 132 ALA A N   1 
ATOM   634  C CA  . ALA A 1 117 ? -0.483  9.223   1.065   1.00 9.51  ? 132 ALA A CA  1 
ATOM   635  C C   . ALA A 1 117 ? 0.825   8.749   1.695   1.00 10.25 ? 132 ALA A C   1 
ATOM   636  O O   . ALA A 1 117 ? 0.864   8.411   2.881   1.00 10.05 ? 132 ALA A O   1 
ATOM   637  C CB  . ALA A 1 117 ? -0.767  10.673  1.452   1.00 10.76 ? 132 ALA A CB  1 
ATOM   638  N N   . ARG A 1 118 ? 1.881   8.706   0.887   1.00 10.62 ? 133 ARG A N   1 
ATOM   639  C CA  . ARG A 1 118 ? 3.208   8.279   1.327   1.00 11.53 ? 133 ARG A CA  1 
ATOM   640  C C   . ARG A 1 118 ? 3.312   6.819   1.762   1.00 10.76 ? 133 ARG A C   1 
ATOM   641  O O   . ARG A 1 118 ? 4.354   6.395   2.267   1.00 12.28 ? 133 ARG A O   1 
ATOM   642  C CB  . ARG A 1 118 ? 3.718   9.193   2.449   1.00 13.05 ? 133 ARG A CB  1 
ATOM   643  C CG  . ARG A 1 118 ? 3.985   10.616  1.993   1.00 17.36 ? 133 ARG A CG  1 
ATOM   644  C CD  . ARG A 1 118 ? 4.537   11.466  3.125   1.00 24.68 ? 133 ARG A CD  1 
ATOM   645  N NE  . ARG A 1 118 ? 4.801   12.839  2.705   1.00 33.45 ? 133 ARG A NE  1 
ATOM   646  C CZ  . ARG A 1 118 ? 5.226   13.798  3.521   1.00 37.87 ? 133 ARG A CZ  1 
ATOM   647  N NH1 . ARG A 1 118 ? 5.437   13.533  4.805   1.00 38.41 ? 133 ARG A NH1 1 
ATOM   648  N NH2 . ARG A 1 118 ? 5.443   15.020  3.055   1.00 40.08 ? 133 ARG A NH2 1 
ATOM   649  N N   . ALA A 1 119 ? 2.248   6.045   1.574   1.00 10.62 ? 134 ALA A N   1 
ATOM   650  C CA  . ALA A 1 119 ? 2.298   4.630   1.935   1.00 10.50 ? 134 ALA A CA  1 
ATOM   651  C C   . ALA A 1 119 ? 3.282   3.972   0.973   1.00 11.43 ? 134 ALA A C   1 
ATOM   652  O O   . ALA A 1 119 ? 3.333   4.322   -0.206  1.00 12.97 ? 134 ALA A O   1 
ATOM   653  C CB  . ALA A 1 119 ? 0.918   3.995   1.796   1.00 11.60 ? 134 ALA A CB  1 
ATOM   654  N N   A SER A 1 120 ? 4.060   3.022   1.482   0.50 9.46  ? 135 SER A N   1 
ATOM   655  N N   B SER A 1 120 ? 4.060   3.016   1.469   0.50 10.37 ? 135 SER A N   1 
ATOM   656  C CA  A SER A 1 120 ? 5.058   2.333   0.674   0.50 10.28 ? 135 SER A CA  1 
ATOM   657  C CA  B SER A 1 120 ? 5.027   2.332   0.623   0.50 11.64 ? 135 SER A CA  1 
ATOM   658  C C   A SER A 1 120 ? 5.157   0.862   1.038   0.50 10.21 ? 135 SER A C   1 
ATOM   659  C C   B SER A 1 120 ? 5.153   0.875   1.024   0.50 11.03 ? 135 SER A C   1 
ATOM   660  O O   A SER A 1 120 ? 5.150   0.505   2.218   0.50 10.54 ? 135 SER A O   1 
ATOM   661  O O   B SER A 1 120 ? 5.163   0.542   2.210   0.50 11.46 ? 135 SER A O   1 
ATOM   662  C CB  A SER A 1 120 ? 6.426   2.995   0.871   0.50 10.04 ? 135 SER A CB  1 
ATOM   663  C CB  B SER A 1 120 ? 6.393   3.016   0.718   0.50 13.56 ? 135 SER A CB  1 
ATOM   664  O OG  A SER A 1 120 ? 7.457   2.256   0.238   0.50 10.64 ? 135 SER A OG  1 
ATOM   665  O OG  B SER A 1 120 ? 6.898   2.962   2.037   0.50 15.76 ? 135 SER A OG  1 
ATOM   666  N N   . THR A 1 121 ? 5.247   0.006   0.027   1.00 10.30 ? 136 THR A N   1 
ATOM   667  C CA  . THR A 1 121 ? 5.370   -1.418  0.276   1.00 11.34 ? 136 THR A CA  1 
ATOM   668  C C   . THR A 1 121 ? 6.338   -2.105  -0.663  1.00 11.30 ? 136 THR A C   1 
ATOM   669  O O   . THR A 1 121 ? 6.490   -1.719  -1.830  1.00 11.55 ? 136 THR A O   1 
ATOM   670  C CB  . THR A 1 121 ? 4.014   -2.152  0.156   1.00 11.33 ? 136 THR A CB  1 
ATOM   671  O OG1 . THR A 1 121 ? 4.207   -3.547  0.436   1.00 12.05 ? 136 THR A OG1 1 
ATOM   672  C CG2 . THR A 1 121 ? 3.447   -2.018  -1.250  1.00 11.78 ? 136 THR A CG2 1 
ATOM   673  N N   A SER A 1 122 ? 7.046   -3.088  -0.122  0.50 11.28 ? 137 SER A N   1 
ATOM   674  N N   B SER A 1 122 ? 6.965   -3.159  -0.154  0.50 12.32 ? 137 SER A N   1 
ATOM   675  C CA  A SER A 1 122 ? 7.987   -3.856  -0.912  0.50 11.62 ? 137 SER A CA  1 
ATOM   676  C CA  B SER A 1 122 ? 7.892   -3.960  -0.939  0.50 12.47 ? 137 SER A CA  1 
ATOM   677  C C   A SER A 1 122 ? 7.147   -4.933  -1.578  0.50 11.53 ? 137 SER A C   1 
ATOM   678  C C   B SER A 1 122 ? 7.082   -5.001  -1.714  0.50 13.02 ? 137 SER A C   1 
ATOM   679  O O   A SER A 1 122 ? 5.937   -5.005  -1.357  0.50 11.53 ? 137 SER A O   1 
ATOM   680  O O   B SER A 1 122 ? 5.850   -4.988  -1.686  0.50 11.37 ? 137 SER A O   1 
ATOM   681  C CB  A SER A 1 122 ? 9.053   -4.486  -0.012  0.50 12.43 ? 137 SER A CB  1 
ATOM   682  C CB  B SER A 1 122 ? 8.897   -4.656  -0.020  0.50 13.33 ? 137 SER A CB  1 
ATOM   683  O OG  A SER A 1 122 ? 10.046  -5.138  -0.784  0.50 16.04 ? 137 SER A OG  1 
ATOM   684  O OG  B SER A 1 122 ? 8.230   -5.491  0.912   0.50 16.99 ? 137 SER A OG  1 
ATOM   685  N N   A ASP A 1 123 ? 7.784   -5.765  -2.391  0.50 10.60 ? 138 ASP A N   1 
ATOM   686  N N   B ASP A 1 123 ? 7.782   -5.905  -2.391  0.50 12.85 ? 138 ASP A N   1 
ATOM   687  C CA  A ASP A 1 123 ? 7.085   -6.829  -3.102  0.50 10.36 ? 138 ASP A CA  1 
ATOM   688  C CA  B ASP A 1 123 ? 7.161   -6.958  -3.196  0.50 13.62 ? 138 ASP A CA  1 
ATOM   689  C C   A ASP A 1 123 ? 6.085   -7.608  -2.257  0.50 9.16  ? 138 ASP A C   1 
ATOM   690  C C   B ASP A 1 123 ? 6.190   -7.846  -2.407  0.50 12.53 ? 138 ASP A C   1 
ATOM   691  O O   A ASP A 1 123 ? 6.336   -7.920  -1.094  0.50 3.74  ? 138 ASP A O   1 
ATOM   692  O O   B ASP A 1 123 ? 6.571   -8.471  -1.418  0.50 7.03  ? 138 ASP A O   1 
ATOM   693  C CB  A ASP A 1 123 ? 8.091   -7.827  -3.681  0.50 12.79 ? 138 ASP A CB  1 
ATOM   694  C CB  B ASP A 1 123 ? 8.268   -7.815  -3.824  0.50 15.23 ? 138 ASP A CB  1 
ATOM   695  C CG  A ASP A 1 123 ? 9.042   -7.194  -4.669  0.50 15.13 ? 138 ASP A CG  1 
ATOM   696  C CG  B ASP A 1 123 ? 7.750   -8.772  -4.879  0.50 16.80 ? 138 ASP A CG  1 
ATOM   697  O OD1 A ASP A 1 123 ? 9.699   -6.197  -4.309  0.50 17.13 ? 138 ASP A OD1 1 
ATOM   698  O OD1 B ASP A 1 123 ? 6.971   -9.681  -4.535  0.50 18.27 ? 138 ASP A OD1 1 
ATOM   699  O OD2 A ASP A 1 123 ? 9.138   -7.702  -5.804  0.50 17.73 ? 138 ASP A OD2 1 
ATOM   700  O OD2 B ASP A 1 123 ? 8.131   -8.619  -6.060  0.50 18.35 ? 138 ASP A OD2 1 
ATOM   701  N N   . THR A 1 124 ? 4.938   -7.900  -2.860  1.00 11.30 ? 139 THR A N   1 
ATOM   702  C CA  . THR A 1 124 ? 3.901   -8.711  -2.220  1.00 11.76 ? 139 THR A CA  1 
ATOM   703  C C   . THR A 1 124 ? 3.507   -8.300  -0.806  1.00 12.79 ? 139 THR A C   1 
ATOM   704  O O   . THR A 1 124 ? 3.016   -9.122  -0.030  1.00 13.07 ? 139 THR A O   1 
ATOM   705  C CB  . THR A 1 124 ? 4.351   -10.185 -2.191  1.00 14.90 ? 139 THR A CB  1 
ATOM   706  O OG1 . THR A 1 124 ? 5.131   -10.458 -3.362  1.00 17.21 ? 139 THR A OG1 1 
ATOM   707  C CG2 . THR A 1 124 ? 3.158   -11.117 -2.185  1.00 14.80 ? 139 THR A CG2 1 
ATOM   708  N N   . GLY A 1 125 ? 3.713   -7.032  -0.472  1.00 10.52 ? 140 GLY A N   1 
ATOM   709  C CA  . GLY A 1 125 ? 3.367   -6.562  0.855   1.00 9.37  ? 140 GLY A CA  1 
ATOM   710  C C   . GLY A 1 125 ? 2.091   -5.746  0.865   1.00 9.59  ? 140 GLY A C   1 
ATOM   711  O O   . GLY A 1 125 ? 1.452   -5.550  -0.171  1.00 10.06 ? 140 GLY A O   1 
ATOM   712  N N   . VAL A 1 126 ? 1.717   -5.279  2.051   1.00 7.29  ? 141 VAL A N   1 
ATOM   713  C CA  . VAL A 1 126 ? 0.524   -4.459  2.218   1.00 9.08  ? 141 VAL A CA  1 
ATOM   714  C C   . VAL A 1 126 ? 0.839   -3.319  3.172   1.00 9.15  ? 141 VAL A C   1 
ATOM   715  O O   . VAL A 1 126 ? 1.309   -3.543  4.287   1.00 9.37  ? 141 VAL A O   1 
ATOM   716  C CB  . VAL A 1 126 ? -0.650  -5.266  2.816   1.00 8.57  ? 141 VAL A CB  1 
ATOM   717  C CG1 . VAL A 1 126 ? -1.817  -4.327  3.120   1.00 9.51  ? 141 VAL A CG1 1 
ATOM   718  C CG2 . VAL A 1 126 ? -1.086  -6.358  1.852   1.00 9.48  ? 141 VAL A CG2 1 
ATOM   719  N N   . ALA A 1 127 ? 0.597   -2.095  2.718   1.00 8.53  ? 142 ALA A N   1 
ATOM   720  C CA  . ALA A 1 127 ? 0.819   -0.916  3.540   1.00 8.64  ? 142 ALA A CA  1 
ATOM   721  C C   . ALA A 1 127 ? -0.437  -0.064  3.442   1.00 10.36 ? 142 ALA A C   1 
ATOM   722  O O   . ALA A 1 127 ? -0.815  0.365   2.354   1.00 11.01 ? 142 ALA A O   1 
ATOM   723  C CB  . ALA A 1 127 ? 2.034   -0.128  3.036   1.00 8.46  ? 142 ALA A CB  1 
ATOM   724  N N   . VAL A 1 128 ? -1.104  0.145   4.572   1.00 8.41  ? 143 VAL A N   1 
ATOM   725  C CA  . VAL A 1 128 ? -2.306  0.968   4.597   1.00 8.48  ? 143 VAL A CA  1 
ATOM   726  C C   . VAL A 1 128 ? -2.156  2.002   5.700   1.00 9.09  ? 143 VAL A C   1 
ATOM   727  O O   . VAL A 1 128 ? -1.963  1.655   6.866   1.00 9.87  ? 143 VAL A O   1 
ATOM   728  C CB  . VAL A 1 128 ? -3.578  0.138   4.871   1.00 8.33  ? 143 VAL A CB  1 
ATOM   729  C CG1 . VAL A 1 128 ? -4.802  1.051   4.828   1.00 8.45  ? 143 VAL A CG1 1 
ATOM   730  C CG2 . VAL A 1 128 ? -3.726  -0.962  3.834   1.00 9.52  ? 143 VAL A CG2 1 
ATOM   731  N N   . GLY A 1 129 ? -2.239  3.274   5.324   1.00 8.69  ? 144 GLY A N   1 
ATOM   732  C CA  . GLY A 1 129 ? -2.102  4.346   6.290   1.00 8.93  ? 144 GLY A CA  1 
ATOM   733  C C   . GLY A 1 129 ? -1.097  5.377   5.825   1.00 9.61  ? 144 GLY A C   1 
ATOM   734  O O   . GLY A 1 129 ? -0.169  5.064   5.075   1.00 10.34 ? 144 GLY A O   1 
ATOM   735  N N   . PHE A 1 130 ? -1.281  6.617   6.260   1.00 10.35 ? 145 PHE A N   1 
ATOM   736  C CA  . PHE A 1 130 ? -0.368  7.684   5.891   1.00 10.07 ? 145 PHE A CA  1 
ATOM   737  C C   . PHE A 1 130 ? 1.041   7.325   6.358   1.00 10.22 ? 145 PHE A C   1 
ATOM   738  O O   . PHE A 1 130 ? 1.259   7.019   7.527   1.00 10.64 ? 145 PHE A O   1 
ATOM   739  C CB  . PHE A 1 130 ? -0.828  8.999   6.530   1.00 10.37 ? 145 PHE A CB  1 
ATOM   740  C CG  . PHE A 1 130 ? 0.000   10.190  6.138   1.00 12.57 ? 145 PHE A CG  1 
ATOM   741  C CD1 . PHE A 1 130 ? 1.198   10.467  6.787   1.00 16.75 ? 145 PHE A CD1 1 
ATOM   742  C CD2 . PHE A 1 130 ? -0.419  11.035  5.114   1.00 15.31 ? 145 PHE A CD2 1 
ATOM   743  C CE1 . PHE A 1 130 ? 1.969   11.573  6.423   1.00 18.04 ? 145 PHE A CE1 1 
ATOM   744  C CE2 . PHE A 1 130 ? 0.344   12.141  4.743   1.00 15.41 ? 145 PHE A CE2 1 
ATOM   745  C CZ  . PHE A 1 130 ? 1.539   12.409  5.399   1.00 15.60 ? 145 PHE A CZ  1 
ATOM   746  N N   . ASN A 1 131 ? 1.989   7.349   5.426   1.00 10.94 ? 146 ASN A N   1 
ATOM   747  C CA  . ASN A 1 131 ? 3.389   7.046   5.716   1.00 11.42 ? 146 ASN A CA  1 
ATOM   748  C C   . ASN A 1 131 ? 3.647   5.638   6.258   1.00 12.40 ? 146 ASN A C   1 
ATOM   749  O O   . ASN A 1 131 ? 4.658   5.399   6.921   1.00 12.47 ? 146 ASN A O   1 
ATOM   750  C CB  . ASN A 1 131 ? 3.963   8.087   6.685   1.00 13.20 ? 146 ASN A CB  1 
ATOM   751  C CG  . ASN A 1 131 ? 5.478   8.068   6.728   1.00 17.66 ? 146 ASN A CG  1 
ATOM   752  O OD1 . ASN A 1 131 ? 6.136   8.055   5.686   1.00 19.00 ? 146 ASN A OD1 1 
ATOM   753  N ND2 . ASN A 1 131 ? 6.040   8.074   7.932   1.00 17.78 ? 146 ASN A ND2 1 
ATOM   754  N N   . SER A 1 132 ? 2.736   4.707   5.985   1.00 10.11 ? 147 SER A N   1 
ATOM   755  C CA  . SER A 1 132 ? 2.922   3.326   6.423   1.00 10.87 ? 147 SER A CA  1 
ATOM   756  C C   . SER A 1 132 ? 4.034   2.731   5.561   1.00 10.38 ? 147 SER A C   1 
ATOM   757  O O   . SER A 1 132 ? 4.177   3.089   4.388   1.00 10.90 ? 147 SER A O   1 
ATOM   758  C CB  . SER A 1 132 ? 1.622   2.525   6.259   1.00 10.20 ? 147 SER A CB  1 
ATOM   759  O OG  . SER A 1 132 ? 1.140   2.556   4.926   1.00 11.21 ? 147 SER A OG  1 
ATOM   760  N N   . LYS A 1 133 ? 4.825   1.829   6.136   1.00 9.53  ? 148 LYS A N   1 
ATOM   761  C CA  . LYS A 1 133 ? 5.941   1.232   5.409   1.00 10.33 ? 148 LYS A CA  1 
ATOM   762  C C   . LYS A 1 133 ? 6.094   -0.270  5.630   1.00 10.87 ? 148 LYS A C   1 
ATOM   763  O O   . LYS A 1 133 ? 6.451   -0.713  6.721   1.00 11.06 ? 148 LYS A O   1 
ATOM   764  C CB  . LYS A 1 133 ? 7.253   1.915   5.819   1.00 12.43 ? 148 LYS A CB  1 
ATOM   765  C CG  . LYS A 1 133 ? 7.314   3.416   5.579   1.00 14.74 ? 148 LYS A CG  1 
ATOM   766  C CD  . LYS A 1 133 ? 8.585   3.993   6.196   1.00 20.63 ? 148 LYS A CD  1 
ATOM   767  C CE  . LYS A 1 133 ? 8.665   5.502   6.033   1.00 26.66 ? 148 LYS A CE  1 
ATOM   768  N NZ  . LYS A 1 133 ? 8.822   5.902   4.609   1.00 31.75 ? 148 LYS A NZ  1 
ATOM   769  N N   . ALA A 1 134 ? 5.821   -1.046  4.587   1.00 10.34 ? 149 ALA A N   1 
ATOM   770  C CA  . ALA A 1 134 ? 5.961   -2.498  4.636   1.00 10.03 ? 149 ALA A CA  1 
ATOM   771  C C   . ALA A 1 134 ? 7.256   -2.768  3.877   1.00 11.80 ? 149 ALA A C   1 
ATOM   772  O O   . ALA A 1 134 ? 7.237   -3.193  2.719   1.00 10.88 ? 149 ALA A O   1 
ATOM   773  C CB  . ALA A 1 134 ? 4.782   -3.162  3.939   1.00 11.33 ? 149 ALA A CB  1 
ATOM   774  N N   . ASP A 1 135 ? 8.379   -2.508  4.539   1.00 11.27 ? 150 ASP A N   1 
ATOM   775  C CA  . ASP A 1 135 ? 9.696   -2.659  3.926   1.00 12.14 ? 150 ASP A CA  1 
ATOM   776  C C   . ASP A 1 135 ? 10.158  -4.079  3.657   1.00 13.16 ? 150 ASP A C   1 
ATOM   777  O O   . ASP A 1 135 ? 10.920  -4.315  2.718   1.00 14.15 ? 150 ASP A O   1 
ATOM   778  C CB  . ASP A 1 135 ? 10.754  -1.942  4.768   1.00 11.95 ? 150 ASP A CB  1 
ATOM   779  C CG  . ASP A 1 135 ? 10.647  -0.429  4.686   1.00 14.84 ? 150 ASP A CG  1 
ATOM   780  O OD1 . ASP A 1 135 ? 9.826   0.081   3.893   1.00 16.59 ? 150 ASP A OD1 1 
ATOM   781  O OD2 . ASP A 1 135 ? 11.394  0.255   5.414   1.00 14.30 ? 150 ASP A OD2 1 
ATOM   782  N N   . ALA A 1 136 ? 9.722   -5.026  4.478   1.00 12.81 ? 151 ALA A N   1 
ATOM   783  C CA  . ALA A 1 136 ? 10.109  -6.412  4.270   1.00 15.30 ? 151 ALA A CA  1 
ATOM   784  C C   . ALA A 1 136 ? 9.159   -6.999  3.236   1.00 17.54 ? 151 ALA A C   1 
ATOM   785  O O   . ALA A 1 136 ? 7.972   -6.680  3.227   1.00 18.21 ? 151 ALA A O   1 
ATOM   786  C CB  . ALA A 1 136 ? 10.014  -7.190  5.578   1.00 15.35 ? 151 ALA A CB  1 
ATOM   787  N N   . LYS A 1 137 ? 9.674   -7.832  2.341   1.00 20.14 ? 152 LYS A N   1 
ATOM   788  C CA  . LYS A 1 137 ? 8.802   -8.436  1.345   1.00 19.81 ? 152 LYS A CA  1 
ATOM   789  C C   . LYS A 1 137 ? 7.724   -9.229  2.080   1.00 17.74 ? 152 LYS A C   1 
ATOM   790  O O   . LYS A 1 137 ? 7.980   -9.808  3.136   1.00 17.18 ? 152 LYS A O   1 
ATOM   791  C CB  . LYS A 1 137 ? 9.600   -9.350  0.410   1.00 23.92 ? 152 LYS A CB  1 
ATOM   792  C CG  . LYS A 1 137 ? 10.589  -8.604  -0.476  1.00 27.30 ? 152 LYS A CG  1 
ATOM   793  C CD  . LYS A 1 137 ? 11.196  -9.525  -1.524  1.00 32.02 ? 152 LYS A CD  1 
ATOM   794  C CE  . LYS A 1 137 ? 12.121  -8.764  -2.461  1.00 35.71 ? 152 LYS A CE  1 
ATOM   795  N NZ  . LYS A 1 137 ? 12.659  -9.641  -3.539  1.00 38.72 ? 152 LYS A NZ  1 
ATOM   796  N N   . ASN A 1 138 ? 6.517   -9.217  1.527   1.00 17.45 ? 153 ASN A N   1 
ATOM   797  C CA  . ASN A 1 138 ? 5.374   -9.921  2.099   1.00 14.01 ? 153 ASN A CA  1 
ATOM   798  C C   . ASN A 1 138 ? 4.912   -9.396  3.457   1.00 14.04 ? 153 ASN A C   1 
ATOM   799  O O   . ASN A 1 138 ? 4.041   -9.997  4.081   1.00 14.95 ? 153 ASN A O   1 
ATOM   800  C CB  . ASN A 1 138 ? 5.677   -11.418 2.215   1.00 14.57 ? 153 ASN A CB  1 
ATOM   801  C CG  . ASN A 1 138 ? 6.044   -12.039 0.881   1.00 17.29 ? 153 ASN A CG  1 
ATOM   802  O OD1 . ASN A 1 138 ? 7.040   -11.666 0.266   1.00 20.77 ? 153 ASN A OD1 1 
ATOM   803  N ND2 . ASN A 1 138 ? 5.237   -12.989 0.427   1.00 14.68 ? 153 ASN A ND2 1 
ATOM   804  N N   . SER A 1 139 ? 5.472   -8.282  3.917   1.00 12.63 ? 154 SER A N   1 
ATOM   805  C CA  . SER A 1 139 ? 5.070   -7.740  5.211   1.00 10.71 ? 154 SER A CA  1 
ATOM   806  C C   . SER A 1 139 ? 3.766   -6.950  5.130   1.00 11.13 ? 154 SER A C   1 
ATOM   807  O O   . SER A 1 139 ? 3.278   -6.637  4.040   1.00 11.91 ? 154 SER A O   1 
ATOM   808  C CB  . SER A 1 139 ? 6.182   -6.863  5.801   1.00 11.97 ? 154 SER A CB  1 
ATOM   809  O OG  . SER A 1 139 ? 6.451   -5.732  4.989   1.00 13.53 ? 154 SER A OG  1 
ATOM   810  N N   . VAL A 1 140 ? 3.204   -6.645  6.296   1.00 9.12  ? 155 VAL A N   1 
ATOM   811  C CA  . VAL A 1 140 ? 1.948   -5.906  6.401   1.00 8.43  ? 155 VAL A CA  1 
ATOM   812  C C   . VAL A 1 140 ? 2.096   -4.797  7.433   1.00 8.21  ? 155 VAL A C   1 
ATOM   813  O O   . VAL A 1 140 ? 2.479   -5.051  8.571   1.00 9.92  ? 155 VAL A O   1 
ATOM   814  C CB  . VAL A 1 140 ? 0.792   -6.838  6.849   1.00 9.22  ? 155 VAL A CB  1 
ATOM   815  C CG1 . VAL A 1 140 ? -0.485  -6.032  7.075   1.00 9.17  ? 155 VAL A CG1 1 
ATOM   816  C CG2 . VAL A 1 140 ? 0.558   -7.919  5.804   1.00 10.06 ? 155 VAL A CG2 1 
ATOM   817  N N   . ALA A 1 141 ? 1.790   -3.569  7.026   1.00 8.64  ? 156 ALA A N   1 
ATOM   818  C CA  . ALA A 1 141 ? 1.875   -2.421  7.917   1.00 8.23  ? 156 ALA A CA  1 
ATOM   819  C C   . ALA A 1 141 ? 0.565   -1.653  7.816   1.00 9.52  ? 156 ALA A C   1 
ATOM   820  O O   . ALA A 1 141 ? 0.276   -1.053  6.779   1.00 9.42  ? 156 ALA A O   1 
ATOM   821  C CB  . ALA A 1 141 ? 3.046   -1.528  7.515   1.00 10.71 ? 156 ALA A CB  1 
ATOM   822  N N   . ILE A 1 142 ? -0.227  -1.681  8.887   1.00 9.01  ? 157 ILE A N   1 
ATOM   823  C CA  . ILE A 1 142 ? -1.518  -0.994  8.911   1.00 9.04  ? 157 ILE A CA  1 
ATOM   824  C C   . ILE A 1 142 ? -1.524  0.078   9.988   1.00 9.93  ? 157 ILE A C   1 
ATOM   825  O O   . ILE A 1 142 ? -1.361  -0.223  11.171  1.00 11.11 ? 157 ILE A O   1 
ATOM   826  C CB  . ILE A 1 142 ? -2.685  -1.972  9.215   1.00 11.17 ? 157 ILE A CB  1 
ATOM   827  C CG1 . ILE A 1 142 ? -2.624  -3.192  8.290   1.00 14.25 ? 157 ILE A CG1 1 
ATOM   828  C CG2 . ILE A 1 142 ? -4.019  -1.251  9.052   1.00 11.99 ? 157 ILE A CG2 1 
ATOM   829  C CD1 . ILE A 1 142 ? -2.802  -2.876  6.816   1.00 15.20 ? 157 ILE A CD1 1 
ATOM   830  N N   . GLY A 1 143 ? -1.724  1.327   9.575   1.00 9.22  ? 158 GLY A N   1 
ATOM   831  C CA  . GLY A 1 143 ? -1.753  2.425   10.519  1.00 10.56 ? 158 GLY A CA  1 
ATOM   832  C C   . GLY A 1 143 ? -0.763  3.513   10.163  1.00 10.36 ? 158 GLY A C   1 
ATOM   833  O O   . GLY A 1 143 ? 0.234   3.260   9.479   1.00 10.01 ? 158 GLY A O   1 
ATOM   834  N N   . HIS A 1 144 ? -1.042  4.732   10.613  1.00 10.16 ? 159 HIS A N   1 
ATOM   835  C CA  . HIS A 1 144 ? -0.153  5.858   10.354  1.00 11.05 ? 159 HIS A CA  1 
ATOM   836  C C   . HIS A 1 144 ? 1.263   5.559   10.838  1.00 11.48 ? 159 HIS A C   1 
ATOM   837  O O   . HIS A 1 144 ? 1.476   5.212   11.998  1.00 10.54 ? 159 HIS A O   1 
ATOM   838  C CB  . HIS A 1 144 ? -0.659  7.116   11.062  1.00 11.14 ? 159 HIS A CB  1 
ATOM   839  C CG  . HIS A 1 144 ? 0.381   8.184   11.198  1.00 10.88 ? 159 HIS A CG  1 
ATOM   840  N ND1 . HIS A 1 144 ? 0.886   8.580   12.418  1.00 12.62 ? 159 HIS A ND1 1 
ATOM   841  C CD2 . HIS A 1 144 ? 1.029   8.922   10.265  1.00 11.36 ? 159 HIS A CD2 1 
ATOM   842  C CE1 . HIS A 1 144 ? 1.801   9.514   12.232  1.00 13.51 ? 159 HIS A CE1 1 
ATOM   843  N NE2 . HIS A 1 144 ? 1.907   9.741   10.935  1.00 13.78 ? 159 HIS A NE2 1 
ATOM   844  N N   . SER A 1 145 ? 2.226   5.708   9.935   1.00 10.96 ? 160 SER A N   1 
ATOM   845  C CA  . SER A 1 145 ? 3.630   5.475   10.238  1.00 12.22 ? 160 SER A CA  1 
ATOM   846  C C   . SER A 1 145 ? 3.940   4.109   10.843  1.00 11.23 ? 160 SER A C   1 
ATOM   847  O O   . SER A 1 145 ? 4.898   3.961   11.607  1.00 12.47 ? 160 SER A O   1 
ATOM   848  C CB  . SER A 1 145 ? 4.164   6.594   11.139  1.00 13.65 ? 160 SER A CB  1 
ATOM   849  O OG  . SER A 1 145 ? 4.252   7.809   10.406  1.00 14.20 ? 160 SER A OG  1 
ATOM   850  N N   . SER A 1 146 ? 3.124   3.111   10.508  1.00 10.74 ? 161 SER A N   1 
ATOM   851  C CA  . SER A 1 146 ? 3.375   1.754   10.978  1.00 9.71  ? 161 SER A CA  1 
ATOM   852  C C   . SER A 1 146 ? 4.592   1.321   10.170  1.00 10.48 ? 161 SER A C   1 
ATOM   853  O O   . SER A 1 146 ? 4.791   1.786   9.045   1.00 11.24 ? 161 SER A O   1 
ATOM   854  C CB  . SER A 1 146 ? 2.170   0.844   10.702  1.00 10.63 ? 161 SER A CB  1 
ATOM   855  O OG  . SER A 1 146 ? 1.749   0.905   9.350   1.00 10.53 ? 161 SER A OG  1 
ATOM   856  N N   . HIS A 1 147 ? 5.409   0.428   10.715  1.00 9.92  ? 162 HIS A N   1 
ATOM   857  C CA  . HIS A 1 147 ? 6.617   0.066   9.999   1.00 11.56 ? 162 HIS A CA  1 
ATOM   858  C C   . HIS A 1 147 ? 7.173   -1.317  10.277  1.00 10.86 ? 162 HIS A C   1 
ATOM   859  O O   . HIS A 1 147 ? 7.411   -1.686  11.429  1.00 11.39 ? 162 HIS A O   1 
ATOM   860  C CB  . HIS A 1 147 ? 7.681   1.132   10.311  1.00 12.62 ? 162 HIS A CB  1 
ATOM   861  C CG  . HIS A 1 147 ? 9.021   0.872   9.696   1.00 15.43 ? 162 HIS A CG  1 
ATOM   862  N ND1 . HIS A 1 147 ? 9.179   0.429   8.402   1.00 16.29 ? 162 HIS A ND1 1 
ATOM   863  C CD2 . HIS A 1 147 ? 10.271  1.057   10.185  1.00 17.53 ? 162 HIS A CD2 1 
ATOM   864  C CE1 . HIS A 1 147 ? 10.468  0.354   8.118   1.00 14.46 ? 162 HIS A CE1 1 
ATOM   865  N NE2 . HIS A 1 147 ? 11.153  0.730   9.182   1.00 21.11 ? 162 HIS A NE2 1 
ATOM   866  N N   . VAL A 1 148 ? 7.352   -2.086  9.208   1.00 10.18 ? 163 VAL A N   1 
ATOM   867  C CA  . VAL A 1 148 ? 7.957   -3.404  9.306   1.00 9.43  ? 163 VAL A CA  1 
ATOM   868  C C   . VAL A 1 148 ? 9.302   -3.236  8.610   1.00 10.97 ? 163 VAL A C   1 
ATOM   869  O O   . VAL A 1 148 ? 9.360   -3.040  7.394   1.00 11.49 ? 163 VAL A O   1 
ATOM   870  C CB  . VAL A 1 148 ? 7.141   -4.490  8.574   1.00 9.83  ? 163 VAL A CB  1 
ATOM   871  C CG1 . VAL A 1 148 ? 7.873   -5.835  8.671   1.00 10.94 ? 163 VAL A CG1 1 
ATOM   872  C CG2 . VAL A 1 148 ? 5.753   -4.607  9.189   1.00 10.09 ? 163 VAL A CG2 1 
ATOM   873  N N   . ALA A 1 149 ? 10.379  -3.278  9.388   1.00 10.83 ? 164 ALA A N   1 
ATOM   874  C CA  . ALA A 1 149 ? 11.720  -3.118  8.841   1.00 11.54 ? 164 ALA A CA  1 
ATOM   875  C C   . ALA A 1 149 ? 12.025  -4.206  7.816   1.00 11.29 ? 164 ALA A C   1 
ATOM   876  O O   . ALA A 1 149 ? 11.522  -5.326  7.912   1.00 11.80 ? 164 ALA A O   1 
ATOM   877  C CB  . ALA A 1 149 ? 12.741  -3.142  9.965   1.00 11.30 ? 164 ALA A CB  1 
ATOM   878  N N   . ALA A 1 150 ? 12.866  -3.868  6.842   1.00 11.67 ? 165 ALA A N   1 
ATOM   879  C CA  . ALA A 1 150 ? 13.219  -4.784  5.763   1.00 12.13 ? 165 ALA A CA  1 
ATOM   880  C C   . ALA A 1 150 ? 13.761  -6.150  6.179   1.00 11.96 ? 165 ALA A C   1 
ATOM   881  O O   . ALA A 1 150 ? 13.662  -7.108  5.413   1.00 13.94 ? 165 ALA A O   1 
ATOM   882  C CB  . ALA A 1 150 ? 14.207  -4.101  4.817   1.00 12.11 ? 165 ALA A CB  1 
ATOM   883  N N   . ASN A 1 151 ? 14.327  -6.244  7.381   1.00 11.13 ? 166 ASN A N   1 
ATOM   884  C CA  . ASN A 1 151 ? 14.880  -7.505  7.867   1.00 11.83 ? 166 ASN A CA  1 
ATOM   885  C C   . ASN A 1 151 ? 13.905  -8.320  8.712   1.00 13.16 ? 166 ASN A C   1 
ATOM   886  O O   . ASN A 1 151 ? 14.256  -9.379  9.226   1.00 14.15 ? 166 ASN A O   1 
ATOM   887  C CB  . ASN A 1 151 ? 16.170  -7.244  8.662   1.00 11.91 ? 166 ASN A CB  1 
ATOM   888  C CG  . ASN A 1 151 ? 15.948  -6.365  9.882   1.00 12.69 ? 166 ASN A CG  1 
ATOM   889  O OD1 . ASN A 1 151 ? 15.212  -5.376  9.829   1.00 12.97 ? 166 ASN A OD1 1 
ATOM   890  N ND2 . ASN A 1 151 ? 16.609  -6.707  10.984  1.00 13.32 ? 166 ASN A ND2 1 
ATOM   891  N N   . HIS A 1 152 ? 12.674  -7.836  8.844   1.00 11.81 ? 167 HIS A N   1 
ATOM   892  C CA  . HIS A 1 152 ? 11.672  -8.542  9.635   1.00 12.75 ? 167 HIS A CA  1 
ATOM   893  C C   . HIS A 1 152 ? 10.722  -9.291  8.709   1.00 13.81 ? 167 HIS A C   1 
ATOM   894  O O   . HIS A 1 152 ? 9.559   -8.919  8.539   1.00 13.71 ? 167 HIS A O   1 
ATOM   895  C CB  . HIS A 1 152 ? 10.915  -7.542  10.508  1.00 11.87 ? 167 HIS A CB  1 
ATOM   896  C CG  . HIS A 1 152 ? 11.786  -6.853  11.509  1.00 13.18 ? 167 HIS A CG  1 
ATOM   897  N ND1 . HIS A 1 152 ? 11.414  -5.691  12.148  1.00 13.43 ? 167 HIS A ND1 1 
ATOM   898  C CD2 . HIS A 1 152 ? 13.020  -7.161  11.976  1.00 13.66 ? 167 HIS A CD2 1 
ATOM   899  C CE1 . HIS A 1 152 ? 12.382  -5.310  12.963  1.00 13.69 ? 167 HIS A CE1 1 
ATOM   900  N NE2 . HIS A 1 152 ? 13.369  -6.185  12.877  1.00 13.75 ? 167 HIS A NE2 1 
ATOM   901  N N   . GLY A 1 153 ? 11.242  -10.356 8.111   1.00 14.88 ? 168 GLY A N   1 
ATOM   902  C CA  . GLY A 1 153 ? 10.469  -11.155 7.182   1.00 13.56 ? 168 GLY A CA  1 
ATOM   903  C C   . GLY A 1 153 ? 9.116   -11.637 7.669   1.00 14.21 ? 168 GLY A C   1 
ATOM   904  O O   . GLY A 1 153 ? 8.954   -12.032 8.825   1.00 15.09 ? 168 GLY A O   1 
ATOM   905  N N   . TYR A 1 154 ? 8.148   -11.591 6.758   1.00 14.76 ? 169 TYR A N   1 
ATOM   906  C CA  . TYR A 1 154 ? 6.779   -12.032 6.997   1.00 13.55 ? 169 TYR A CA  1 
ATOM   907  C C   . TYR A 1 154 ? 6.116   -11.491 8.255   1.00 13.80 ? 169 TYR A C   1 
ATOM   908  O O   . TYR A 1 154 ? 5.236   -12.138 8.822   1.00 17.34 ? 169 TYR A O   1 
ATOM   909  C CB  . TYR A 1 154 ? 6.732   -13.560 7.012   1.00 14.51 ? 169 TYR A CB  1 
ATOM   910  C CG  . TYR A 1 154 ? 7.321   -14.181 5.769   1.00 16.33 ? 169 TYR A CG  1 
ATOM   911  C CD1 . TYR A 1 154 ? 8.661   -14.568 5.726   1.00 20.06 ? 169 TYR A CD1 1 
ATOM   912  C CD2 . TYR A 1 154 ? 6.551   -14.348 4.622   1.00 15.48 ? 169 TYR A CD2 1 
ATOM   913  C CE1 . TYR A 1 154 ? 9.217   -15.108 4.568   1.00 19.28 ? 169 TYR A CE1 1 
ATOM   914  C CE2 . TYR A 1 154 ? 7.095   -14.883 3.459   1.00 17.26 ? 169 TYR A CE2 1 
ATOM   915  C CZ  . TYR A 1 154 ? 8.427   -15.262 3.440   1.00 19.41 ? 169 TYR A CZ  1 
ATOM   916  O OH  . TYR A 1 154 ? 8.966   -15.797 2.293   1.00 21.60 ? 169 TYR A OH  1 
ATOM   917  N N   . SER A 1 155 ? 6.517   -10.300 8.683   1.00 11.55 ? 170 SER A N   1 
ATOM   918  C CA  . SER A 1 155 ? 5.941   -9.716  9.888   1.00 9.99  ? 170 SER A CA  1 
ATOM   919  C C   . SER A 1 155 ? 4.825   -8.714  9.621   1.00 9.48  ? 170 SER A C   1 
ATOM   920  O O   . SER A 1 155 ? 4.569   -8.330  8.479   1.00 10.02 ? 170 SER A O   1 
ATOM   921  C CB  . SER A 1 155 ? 7.040   -9.075  10.736  1.00 10.57 ? 170 SER A CB  1 
ATOM   922  O OG  . SER A 1 155 ? 7.926   -10.074 11.214  1.00 12.33 ? 170 SER A OG  1 
ATOM   923  N N   . ILE A 1 156 ? 4.162   -8.299  10.695  1.00 9.40  ? 171 ILE A N   1 
ATOM   924  C CA  . ILE A 1 156 ? 3.043   -7.368  10.612  1.00 9.10  ? 171 ILE A CA  1 
ATOM   925  C C   . ILE A 1 156 ? 3.125   -6.323  11.717  1.00 8.90  ? 171 ILE A C   1 
ATOM   926  O O   . ILE A 1 156 ? 3.481   -6.638  12.852  1.00 9.86  ? 171 ILE A O   1 
ATOM   927  C CB  . ILE A 1 156 ? 1.688   -8.110  10.787  1.00 10.18 ? 171 ILE A CB  1 
ATOM   928  C CG1 . ILE A 1 156 ? 1.520   -9.176  9.706   1.00 11.34 ? 171 ILE A CG1 1 
ATOM   929  C CG2 . ILE A 1 156 ? 0.528   -7.122  10.753  1.00 11.43 ? 171 ILE A CG2 1 
ATOM   930  C CD1 . ILE A 1 156 ? 2.145   -10.509 10.072  1.00 11.76 ? 171 ILE A CD1 1 
ATOM   931  N N   . ALA A 1 157 ? 2.800   -5.081  11.375  1.00 8.25  ? 172 ALA A N   1 
ATOM   932  C CA  . ALA A 1 157 ? 2.770   -3.990  12.344  1.00 8.56  ? 172 ALA A CA  1 
ATOM   933  C C   . ALA A 1 157 ? 1.353   -3.431  12.256  1.00 9.48  ? 172 ALA A C   1 
ATOM   934  O O   . ALA A 1 157 ? 0.897   -3.061  11.174  1.00 9.96  ? 172 ALA A O   1 
ATOM   935  C CB  . ALA A 1 157 ? 3.793   -2.916  11.982  1.00 11.28 ? 172 ALA A CB  1 
ATOM   936  N N   A ILE A 1 158 ? 0.676   -3.379  13.402  0.50 8.45  ? 173 ILE A N   1 
ATOM   937  N N   B ILE A 1 158 ? 0.642   -3.377  13.376  0.50 9.17  ? 173 ILE A N   1 
ATOM   938  C CA  A ILE A 1 158 ? -0.701  -2.902  13.493  0.50 8.29  ? 173 ILE A CA  1 
ATOM   939  C CA  B ILE A 1 158 ? -0.710  -2.835  13.344  0.50 9.62  ? 173 ILE A CA  1 
ATOM   940  C C   A ILE A 1 158 ? -0.857  -1.715  14.439  0.50 9.10  ? 173 ILE A C   1 
ATOM   941  C C   B ILE A 1 158 ? -0.899  -1.748  14.392  0.50 10.01 ? 173 ILE A C   1 
ATOM   942  O O   A ILE A 1 158 ? -0.536  -1.821  15.622  0.50 8.71  ? 173 ILE A O   1 
ATOM   943  O O   B ILE A 1 158 ? -0.638  -1.949  15.580  0.50 9.70  ? 173 ILE A O   1 
ATOM   944  C CB  A ILE A 1 158 ? -1.627  -4.027  14.020  0.50 9.24  ? 173 ILE A CB  1 
ATOM   945  C CB  B ILE A 1 158 ? -1.774  -3.940  13.536  0.50 12.00 ? 173 ILE A CB  1 
ATOM   946  C CG1 A ILE A 1 158 ? -1.619  -5.209  13.051  0.50 9.34  ? 173 ILE A CG1 1 
ATOM   947  C CG1 B ILE A 1 158 ? -3.174  -3.339  13.372  0.50 12.00 ? 173 ILE A CG1 1 
ATOM   948  C CG2 A ILE A 1 158 ? -3.037  -3.497  14.235  0.50 9.95  ? 173 ILE A CG2 1 
ATOM   949  C CG2 B ILE A 1 158 ? -1.607  -4.597  14.890  0.50 12.78 ? 173 ILE A CG2 1 
ATOM   950  C CD1 A ILE A 1 158 ? -2.344  -6.426  13.583  0.50 11.55 ? 173 ILE A CD1 1 
ATOM   951  C CD1 B ILE A 1 158 ? -4.289  -4.365  13.402  0.50 15.99 ? 173 ILE A CD1 1 
ATOM   952  N N   . GLY A 1 159 ? -1.356  -0.592  13.923  1.00 9.35  ? 174 GLY A N   1 
ATOM   953  C CA  . GLY A 1 159 ? -1.573  0.558   14.783  1.00 9.17  ? 174 GLY A CA  1 
ATOM   954  C C   . GLY A 1 159 ? -0.692  1.756   14.496  1.00 9.92  ? 174 GLY A C   1 
ATOM   955  O O   . GLY A 1 159 ? 0.361   1.638   13.867  1.00 10.53 ? 174 GLY A O   1 
ATOM   956  N N   . ASP A 1 160 ? -1.133  2.922   14.959  1.00 10.47 ? 175 ASP A N   1 
ATOM   957  C CA  . ASP A 1 160 ? -0.366  4.146   14.774  1.00 10.47 ? 175 ASP A CA  1 
ATOM   958  C C   . ASP A 1 160 ? 1.055   3.949   15.304  1.00 11.03 ? 175 ASP A C   1 
ATOM   959  O O   . ASP A 1 160 ? 1.249   3.537   16.449  1.00 11.11 ? 175 ASP A O   1 
ATOM   960  C CB  . ASP A 1 160 ? -1.031  5.307   15.519  1.00 10.62 ? 175 ASP A CB  1 
ATOM   961  C CG  . ASP A 1 160 ? -0.230  6.591   15.427  1.00 13.14 ? 175 ASP A CG  1 
ATOM   962  O OD1 . ASP A 1 160 ? 0.561   6.880   16.355  1.00 13.83 ? 175 ASP A OD1 1 
ATOM   963  O OD2 . ASP A 1 160 ? -0.384  7.306   14.418  1.00 14.47 ? 175 ASP A OD2 1 
ATOM   964  N N   . ARG A 1 161 ? 2.032   4.228   14.446  1.00 11.51 ? 176 ARG A N   1 
ATOM   965  C CA  . ARG A 1 161 ? 3.451   4.127   14.776  1.00 11.63 ? 176 ARG A CA  1 
ATOM   966  C C   . ARG A 1 161 ? 3.953   2.758   15.236  1.00 11.82 ? 176 ARG A C   1 
ATOM   967  O O   . ARG A 1 161 ? 5.077   2.642   15.727  1.00 12.81 ? 176 ARG A O   1 
ATOM   968  C CB  . ARG A 1 161 ? 3.815   5.190   15.819  1.00 11.34 ? 176 ARG A CB  1 
ATOM   969  C CG  . ARG A 1 161 ? 3.684   6.621   15.302  1.00 12.96 ? 176 ARG A CG  1 
ATOM   970  C CD  . ARG A 1 161 ? 4.008   7.640   16.390  1.00 16.78 ? 176 ARG A CD  1 
ATOM   971  N NE  . ARG A 1 161 ? 4.040   9.015   15.889  1.00 20.09 ? 176 ARG A NE  1 
ATOM   972  C CZ  . ARG A 1 161 ? 2.970   9.780   15.693  1.00 22.76 ? 176 ARG A CZ  1 
ATOM   973  N NH1 . ARG A 1 161 ? 1.752   9.320   15.951  1.00 19.58 ? 176 ARG A NH1 1 
ATOM   974  N NH2 . ARG A 1 161 ? 3.119   11.022  15.247  1.00 23.59 ? 176 ARG A NH2 1 
ATOM   975  N N   . SER A 1 162 ? 3.142   1.719   15.078  1.00 11.72 ? 177 SER A N   1 
ATOM   976  C CA  . SER A 1 162 ? 3.581   0.390   15.483  1.00 10.40 ? 177 SER A CA  1 
ATOM   977  C C   . SER A 1 162 ? 4.755   -0.044  14.620  1.00 11.23 ? 177 SER A C   1 
ATOM   978  O O   . SER A 1 162 ? 4.772   0.176   13.410  1.00 10.50 ? 177 SER A O   1 
ATOM   979  C CB  . SER A 1 162 ? 2.442   -0.621  15.369  1.00 10.81 ? 177 SER A CB  1 
ATOM   980  O OG  . SER A 1 162 ? 1.457   -0.355  16.347  1.00 10.46 ? 177 SER A OG  1 
ATOM   981  N N   . LYS A 1 163 ? 5.740   -0.661  15.260  1.00 11.31 ? 178 LYS A N   1 
ATOM   982  C CA  . LYS A 1 163 ? 6.936   -1.106  14.569  1.00 11.85 ? 178 LYS A CA  1 
ATOM   983  C C   . LYS A 1 163 ? 7.331   -2.491  15.038  1.00 11.24 ? 178 LYS A C   1 
ATOM   984  O O   . LYS A 1 163 ? 7.275   -2.796  16.232  1.00 12.08 ? 178 LYS A O   1 
ATOM   985  C CB  . LYS A 1 163 ? 8.080   -0.126  14.833  1.00 13.50 ? 178 LYS A CB  1 
ATOM   986  N N   . THR A 1 164 ? 7.725   -3.335  14.094  1.00 10.98 ? 179 THR A N   1 
ATOM   987  C CA  . THR A 1 164 ? 8.160   -4.680  14.431  1.00 10.86 ? 179 THR A CA  1 
ATOM   988  C C   . THR A 1 164 ? 9.591   -4.605  14.945  1.00 12.47 ? 179 THR A C   1 
ATOM   989  O O   . THR A 1 164 ? 10.323  -3.658  14.638  1.00 12.84 ? 179 THR A O   1 
ATOM   990  C CB  . THR A 1 164 ? 8.103   -5.602  13.204  1.00 11.18 ? 179 THR A CB  1 
ATOM   991  O OG1 . THR A 1 164 ? 8.771   -4.975  12.101  1.00 11.38 ? 179 THR A OG1 1 
ATOM   992  C CG2 . THR A 1 164 ? 6.655   -5.886  12.825  1.00 12.82 ? 179 THR A CG2 1 
ATOM   993  N N   . ASP A 1 165 ? 9.983   -5.597  15.737  1.00 12.23 ? 180 ASP A N   1 
ATOM   994  C CA  . ASP A 1 165 ? 11.333  -5.644  16.288  1.00 13.49 ? 180 ASP A CA  1 
ATOM   995  C C   . ASP A 1 165 ? 12.006  -6.973  15.962  1.00 15.14 ? 180 ASP A C   1 
ATOM   996  O O   . ASP A 1 165 ? 13.129  -7.233  16.400  1.00 14.70 ? 180 ASP A O   1 
ATOM   997  C CB  . ASP A 1 165 ? 11.292  -5.435  17.809  1.00 11.97 ? 180 ASP A CB  1 
ATOM   998  C CG  . ASP A 1 165 ? 10.669  -6.608  18.553  1.00 13.79 ? 180 ASP A CG  1 
ATOM   999  O OD1 . ASP A 1 165 ? 10.009  -7.459  17.917  1.00 14.17 ? 180 ASP A OD1 1 
ATOM   1000 O OD2 . ASP A 1 165 ? 10.837  -6.673  19.791  1.00 17.57 ? 180 ASP A OD2 1 
ATOM   1001 N N   . ARG A 1 166 ? 11.324  -7.805  15.180  1.00 12.69 ? 181 ARG A N   1 
ATOM   1002 C CA  . ARG A 1 166 ? 11.857  -9.110  14.810  1.00 13.33 ? 181 ARG A CA  1 
ATOM   1003 C C   . ARG A 1 166 ? 11.038  -9.727  13.679  1.00 13.42 ? 181 ARG A C   1 
ATOM   1004 O O   . ARG A 1 166 ? 9.917   -9.299  13.404  1.00 13.54 ? 181 ARG A O   1 
ATOM   1005 C CB  . ARG A 1 166 ? 11.834  -10.042 16.027  1.00 14.36 ? 181 ARG A CB  1 
ATOM   1006 C CG  . ARG A 1 166 ? 10.453  -10.607 16.344  1.00 14.71 ? 181 ARG A CG  1 
ATOM   1007 C CD  . ARG A 1 166 ? 10.370  -11.187 17.748  1.00 12.67 ? 181 ARG A CD  1 
ATOM   1008 N NE  . ARG A 1 166 ? 10.281  -10.137 18.759  1.00 13.58 ? 181 ARG A NE  1 
ATOM   1009 C CZ  . ARG A 1 166 ? 9.922   -10.348 20.022  1.00 12.65 ? 181 ARG A CZ  1 
ATOM   1010 N NH1 . ARG A 1 166 ? 9.624   -11.574 20.428  1.00 13.67 ? 181 ARG A NH1 1 
ATOM   1011 N NH2 . ARG A 1 166 ? 9.845   -9.333  20.873  1.00 13.76 ? 181 ARG A NH2 1 
ATOM   1012 N N   . GLU A 1 167 ? 11.602  -10.742 13.035  1.00 13.23 ? 182 GLU A N   1 
ATOM   1013 C CA  . GLU A 1 167 ? 10.928  -11.427 11.939  1.00 13.48 ? 182 GLU A CA  1 
ATOM   1014 C C   . GLU A 1 167 ? 9.838   -12.348 12.490  1.00 14.19 ? 182 GLU A C   1 
ATOM   1015 O O   . GLU A 1 167 ? 9.787   -12.607 13.695  1.00 13.42 ? 182 GLU A O   1 
ATOM   1016 C CB  . GLU A 1 167 ? 11.940  -12.260 11.148  1.00 15.31 ? 182 GLU A CB  1 
ATOM   1017 C CG  . GLU A 1 167 ? 12.425  -13.492 11.900  1.00 16.60 ? 182 GLU A CG  1 
ATOM   1018 C CD  . GLU A 1 167 ? 13.498  -14.263 11.151  1.00 20.04 ? 182 GLU A CD  1 
ATOM   1019 O OE1 . GLU A 1 167 ? 13.589  -14.121 9.913   1.00 20.65 ? 182 GLU A OE1 1 
ATOM   1020 O OE2 . GLU A 1 167 ? 14.240  -15.023 11.805  1.00 24.05 ? 182 GLU A OE2 1 
ATOM   1021 N N   . ASN A 1 168 ? 8.975   -12.832 11.601  1.00 13.92 ? 183 ASN A N   1 
ATOM   1022 C CA  . ASN A 1 168 ? 7.900   -13.752 11.971  1.00 14.24 ? 183 ASN A CA  1 
ATOM   1023 C C   . ASN A 1 168 ? 7.102   -13.266 13.170  1.00 14.23 ? 183 ASN A C   1 
ATOM   1024 O O   . ASN A 1 168 ? 6.785   -14.050 14.068  1.00 15.47 ? 183 ASN A O   1 
ATOM   1025 C CB  . ASN A 1 168 ? 8.491   -15.128 12.292  1.00 15.65 ? 183 ASN A CB  1 
ATOM   1026 C CG  . ASN A 1 168 ? 9.188   -15.757 11.105  1.00 18.75 ? 183 ASN A CG  1 
ATOM   1027 O OD1 . ASN A 1 168 ? 10.062  -16.612 11.267  1.00 22.40 ? 183 ASN A OD1 1 
ATOM   1028 N ND2 . ASN A 1 168 ? 8.800   -15.350 9.905   1.00 15.89 ? 183 ASN A ND2 1 
ATOM   1029 N N   . SER A 1 169 ? 6.756   -11.984 13.185  1.00 12.45 ? 184 SER A N   1 
ATOM   1030 C CA  . SER A 1 169 ? 6.017   -11.448 14.317  1.00 10.69 ? 184 SER A CA  1 
ATOM   1031 C C   . SER A 1 169 ? 4.922   -10.465 13.946  1.00 11.64 ? 184 SER A C   1 
ATOM   1032 O O   . SER A 1 169 ? 4.816   -10.021 12.805  1.00 11.15 ? 184 SER A O   1 
ATOM   1033 C CB  . SER A 1 169 ? 6.980   -10.754 15.284  1.00 12.56 ? 184 SER A CB  1 
ATOM   1034 O OG  . SER A 1 169 ? 7.472   -9.543  14.723  1.00 12.19 ? 184 SER A OG  1 
ATOM   1035 N N   . VAL A 1 170 ? 4.106   -10.147 14.943  1.00 10.23 ? 185 VAL A N   1 
ATOM   1036 C CA  . VAL A 1 170 ? 3.024   -9.182  14.815  1.00 9.63  ? 185 VAL A CA  1 
ATOM   1037 C C   . VAL A 1 170 ? 3.241   -8.191  15.950  1.00 10.13 ? 185 VAL A C   1 
ATOM   1038 O O   . VAL A 1 170 ? 3.237   -8.574  17.119  1.00 11.08 ? 185 VAL A O   1 
ATOM   1039 C CB  . VAL A 1 170 ? 1.634   -9.831  15.004  1.00 11.15 ? 185 VAL A CB  1 
ATOM   1040 C CG1 . VAL A 1 170 ? 0.550   -8.755  14.956  1.00 12.33 ? 185 VAL A CG1 1 
ATOM   1041 C CG2 . VAL A 1 170 ? 1.385   -10.876 13.927  1.00 12.11 ? 185 VAL A CG2 1 
ATOM   1042 N N   . SER A 1 171 ? 3.452   -6.925  15.609  1.00 8.79  ? 186 SER A N   1 
ATOM   1043 C CA  . SER A 1 171 ? 3.651   -5.911  16.631  1.00 9.70  ? 186 SER A CA  1 
ATOM   1044 C C   . SER A 1 171 ? 2.443   -5.000  16.735  1.00 9.83  ? 186 SER A C   1 
ATOM   1045 O O   . SER A 1 171 ? 1.924   -4.530  15.721  1.00 10.54 ? 186 SER A O   1 
ATOM   1046 C CB  . SER A 1 171 ? 4.872   -5.049  16.318  1.00 9.66  ? 186 SER A CB  1 
ATOM   1047 O OG  . SER A 1 171 ? 4.909   -3.942  17.206  1.00 10.18 ? 186 SER A OG  1 
ATOM   1048 N N   . ILE A 1 172 ? 1.994   -4.753  17.961  1.00 9.92  ? 187 ILE A N   1 
ATOM   1049 C CA  . ILE A 1 172 ? 0.866   -3.857  18.169  1.00 9.84  ? 187 ILE A CA  1 
ATOM   1050 C C   . ILE A 1 172 ? 1.316   -2.621  18.946  1.00 10.27 ? 187 ILE A C   1 
ATOM   1051 O O   . ILE A 1 172 ? 0.514   -1.962  19.603  1.00 10.65 ? 187 ILE A O   1 
ATOM   1052 C CB  . ILE A 1 172 ? -0.311  -4.549  18.916  1.00 10.60 ? 187 ILE A CB  1 
ATOM   1053 C CG1 . ILE A 1 172 ? 0.150   -5.120  20.260  1.00 10.56 ? 187 ILE A CG1 1 
ATOM   1054 C CG2 . ILE A 1 172 ? -0.895  -5.652  18.041  1.00 11.73 ? 187 ILE A CG2 1 
ATOM   1055 C CD1 . ILE A 1 172 ? -0.995  -5.683  21.094  1.00 11.65 ? 187 ILE A CD1 1 
ATOM   1056 N N   . GLY A 1 173 ? 2.606   -2.307  18.858  1.00 10.41 ? 188 GLY A N   1 
ATOM   1057 C CA  . GLY A 1 173 ? 3.126   -1.142  19.555  1.00 11.22 ? 188 GLY A CA  1 
ATOM   1058 C C   . GLY A 1 173 ? 4.516   -0.743  19.095  1.00 12.23 ? 188 GLY A C   1 
ATOM   1059 O O   . GLY A 1 173 ? 4.990   -1.188  18.052  1.00 11.66 ? 188 GLY A O   1 
ATOM   1060 N N   . HIS A 1 174 ? 5.175   0.105   19.876  1.00 13.17 ? 189 HIS A N   1 
ATOM   1061 C CA  . HIS A 1 174 ? 6.516   0.550   19.527  1.00 14.99 ? 189 HIS A CA  1 
ATOM   1062 C C   . HIS A 1 174 ? 7.335   0.883   20.766  1.00 17.59 ? 189 HIS A C   1 
ATOM   1063 O O   . HIS A 1 174 ? 6.918   0.586   21.883  1.00 17.05 ? 189 HIS A O   1 
ATOM   1064 C CB  . HIS A 1 174 ? 6.456   1.759   18.585  1.00 15.10 ? 189 HIS A CB  1 
ATOM   1065 C CG  . HIS A 1 174 ? 5.598   2.882   19.081  1.00 15.93 ? 189 HIS A CG  1 
ATOM   1066 N ND1 . HIS A 1 174 ? 4.270   3.016   18.738  1.00 19.58 ? 189 HIS A ND1 1 
ATOM   1067 C CD2 . HIS A 1 174 ? 5.886   3.937   19.880  1.00 17.27 ? 189 HIS A CD2 1 
ATOM   1068 C CE1 . HIS A 1 174 ? 3.778   4.105   19.299  1.00 18.36 ? 189 HIS A CE1 1 
ATOM   1069 N NE2 . HIS A 1 174 ? 4.739   4.683   19.998  1.00 19.58 ? 189 HIS A NE2 1 
ATOM   1070 N N   . GLU A 1 175 ? 8.495   1.499   20.556  1.00 20.40 ? 190 GLU A N   1 
ATOM   1071 C CA  . GLU A 1 175 ? 9.403   1.860   21.641  1.00 22.51 ? 190 GLU A CA  1 
ATOM   1072 C C   . GLU A 1 175 ? 8.754   2.548   22.838  1.00 23.10 ? 190 GLU A C   1 
ATOM   1073 O O   . GLU A 1 175 ? 9.086   2.242   23.985  1.00 25.37 ? 190 GLU A O   1 
ATOM   1074 C CB  . GLU A 1 175 ? 10.532  2.756   21.117  1.00 22.73 ? 190 GLU A CB  1 
ATOM   1075 C CG  . GLU A 1 175 ? 11.450  2.100   20.101  1.00 20.03 ? 190 GLU A CG  1 
ATOM   1076 C CD  . GLU A 1 175 ? 12.633  2.984   19.735  1.00 20.03 ? 190 GLU A CD  1 
ATOM   1077 O OE1 . GLU A 1 175 ? 13.467  3.261   20.626  1.00 20.03 ? 190 GLU A OE1 1 
ATOM   1078 O OE2 . GLU A 1 175 ? 12.726  3.407   18.562  1.00 20.03 ? 190 GLU A OE2 1 
ATOM   1079 N N   . SER A 1 176 ? 7.837   3.474   22.580  1.00 22.04 ? 191 SER A N   1 
ATOM   1080 C CA  . SER A 1 176 ? 7.190   4.202   23.664  1.00 22.40 ? 191 SER A CA  1 
ATOM   1081 C C   . SER A 1 176 ? 5.715   3.884   23.868  1.00 20.88 ? 191 SER A C   1 
ATOM   1082 O O   . SER A 1 176 ? 4.989   4.666   24.484  1.00 21.99 ? 191 SER A O   1 
ATOM   1083 C CB  . SER A 1 176 ? 7.365   5.709   23.454  1.00 24.17 ? 191 SER A CB  1 
ATOM   1084 O OG  . SER A 1 176 ? 6.812   6.122   22.219  1.00 26.76 ? 191 SER A OG  1 
ATOM   1085 N N   . LEU A 1 177 ? 5.263   2.742   23.362  1.00 17.34 ? 192 LEU A N   1 
ATOM   1086 C CA  . LEU A 1 177 ? 3.868   2.371   23.541  1.00 16.29 ? 192 LEU A CA  1 
ATOM   1087 C C   . LEU A 1 177 ? 3.571   0.890   23.392  1.00 15.93 ? 192 LEU A C   1 
ATOM   1088 O O   . LEU A 1 177 ? 3.845   0.287   22.355  1.00 17.00 ? 192 LEU A O   1 
ATOM   1089 C CB  . LEU A 1 177 ? 2.970   3.146   22.565  1.00 17.36 ? 192 LEU A CB  1 
ATOM   1090 C CG  . LEU A 1 177 ? 1.476   2.803   22.639  1.00 18.09 ? 192 LEU A CG  1 
ATOM   1091 C CD1 . LEU A 1 177 ? 0.921   3.207   24.000  1.00 20.16 ? 192 LEU A CD1 1 
ATOM   1092 C CD2 . LEU A 1 177 ? 0.718   3.521   21.531  1.00 20.07 ? 192 LEU A CD2 1 
ATOM   1093 N N   . ASN A 1 178 ? 3.020   0.309   24.453  1.00 14.03 ? 193 ASN A N   1 
ATOM   1094 C CA  . ASN A 1 178 ? 2.599   -1.081  24.437  1.00 12.34 ? 193 ASN A CA  1 
ATOM   1095 C C   . ASN A 1 178 ? 1.088   -0.987  24.544  1.00 13.75 ? 193 ASN A C   1 
ATOM   1096 O O   . ASN A 1 178 ? 0.565   -0.190  25.325  1.00 15.55 ? 193 ASN A O   1 
ATOM   1097 C CB  . ASN A 1 178 ? 3.146   -1.856  25.637  1.00 14.51 ? 193 ASN A CB  1 
ATOM   1098 C CG  . ASN A 1 178 ? 4.649   -1.997  25.599  1.00 17.33 ? 193 ASN A CG  1 
ATOM   1099 O OD1 . ASN A 1 178 ? 5.233   -2.268  24.547  1.00 18.08 ? 193 ASN A OD1 1 
ATOM   1100 N ND2 . ASN A 1 178 ? 5.290   -1.823  26.750  1.00 20.00 ? 193 ASN A ND2 1 
ATOM   1101 N N   . ARG A 1 179 ? 0.386   -1.787  23.755  1.00 12.13 ? 194 ARG A N   1 
ATOM   1102 C CA  . ARG A 1 179 ? -1.067  -1.763  23.773  1.00 10.67 ? 194 ARG A CA  1 
ATOM   1103 C C   . ARG A 1 179 ? -1.653  -3.029  24.375  1.00 11.89 ? 194 ARG A C   1 
ATOM   1104 O O   . ARG A 1 179 ? -1.089  -4.115  24.240  1.00 12.88 ? 194 ARG A O   1 
ATOM   1105 C CB  . ARG A 1 179 ? -1.612  -1.606  22.350  1.00 10.67 ? 194 ARG A CB  1 
ATOM   1106 C CG  . ARG A 1 179 ? -1.276  -0.292  21.659  1.00 10.34 ? 194 ARG A CG  1 
ATOM   1107 C CD  . ARG A 1 179 ? -2.058  -0.201  20.351  1.00 10.51 ? 194 ARG A CD  1 
ATOM   1108 N NE  . ARG A 1 179 ? -1.945  1.092   19.677  1.00 10.94 ? 194 ARG A NE  1 
ATOM   1109 C CZ  . ARG A 1 179 ? -0.939  1.453   18.885  1.00 9.41  ? 194 ARG A CZ  1 
ATOM   1110 N NH1 . ARG A 1 179 ? 0.072   0.625   18.653  1.00 11.35 ? 194 ARG A NH1 1 
ATOM   1111 N NH2 . ARG A 1 179 ? -0.964  2.641   18.296  1.00 11.16 ? 194 ARG A NH2 1 
ATOM   1112 N N   . GLN A 1 180 ? -2.787  -2.886  25.049  1.00 12.76 ? 195 GLN A N   1 
ATOM   1113 C CA  . GLN A 1 180 ? -3.457  -4.046  25.615  1.00 11.44 ? 195 GLN A CA  1 
ATOM   1114 C C   . GLN A 1 180 ? -4.307  -4.643  24.501  1.00 12.54 ? 195 GLN A C   1 
ATOM   1115 O O   . GLN A 1 180 ? -4.778  -3.923  23.620  1.00 12.98 ? 195 GLN A O   1 
ATOM   1116 C CB  . GLN A 1 180 ? -4.386  -3.643  26.760  1.00 11.61 ? 195 GLN A CB  1 
ATOM   1117 C CG  . GLN A 1 180 ? -3.691  -3.206  28.032  1.00 13.44 ? 195 GLN A CG  1 
ATOM   1118 C CD  . GLN A 1 180 ? -4.684  -2.850  29.117  1.00 13.50 ? 195 GLN A CD  1 
ATOM   1119 O OE1 . GLN A 1 180 ? -5.443  -1.887  28.987  1.00 15.40 ? 195 GLN A OE1 1 
ATOM   1120 N NE2 . GLN A 1 180 ? -4.696  -3.633  30.192  1.00 14.06 ? 195 GLN A NE2 1 
ATOM   1121 N N   A LEU A 1 181 ? -4.488  -5.957  24.537  0.50 11.62 ? 196 LEU A N   1 
ATOM   1122 N N   B LEU A 1 181 ? -4.488  -5.958  24.540  0.50 20.03 ? 196 LEU A N   1 
ATOM   1123 C CA  A LEU A 1 181 ? -5.303  -6.651  23.547  0.50 11.85 ? 196 LEU A CA  1 
ATOM   1124 C CA  B LEU A 1 181 ? -5.299  -6.660  23.553  0.50 20.03 ? 196 LEU A CA  1 
ATOM   1125 C C   A LEU A 1 181 ? -6.576  -7.066  24.272  0.50 13.00 ? 196 LEU A C   1 
ATOM   1126 C C   B LEU A 1 181 ? -6.578  -7.070  24.273  0.50 20.03 ? 196 LEU A C   1 
ATOM   1127 O O   A LEU A 1 181 ? -6.521  -7.786  25.266  0.50 12.65 ? 196 LEU A O   1 
ATOM   1128 O O   B LEU A 1 181 ? -6.528  -7.792  25.268  0.50 20.03 ? 196 LEU A O   1 
ATOM   1129 C CB  A LEU A 1 181 ? -4.570  -7.885  23.015  0.50 14.11 ? 196 LEU A CB  1 
ATOM   1130 C CB  B LEU A 1 181 ? -4.559  -7.897  23.037  0.50 20.03 ? 196 LEU A CB  1 
ATOM   1131 C CG  A LEU A 1 181 ? -5.342  -8.750  22.014  0.50 16.34 ? 196 LEU A CG  1 
ATOM   1132 C CG  B LEU A 1 181 ? -5.264  -8.724  21.957  0.50 20.03 ? 196 LEU A CG  1 
ATOM   1133 C CD1 A LEU A 1 181 ? -5.729  -7.922  20.802  0.50 20.92 ? 196 LEU A CD1 1 
ATOM   1134 C CD1 B LEU A 1 181 ? -5.487  -7.874  20.718  0.50 20.03 ? 196 LEU A CD1 1 
ATOM   1135 C CD2 A LEU A 1 181 ? -4.486  -9.938  21.603  0.50 20.00 ? 196 LEU A CD2 1 
ATOM   1136 C CD2 B LEU A 1 181 ? -4.419  -9.945  21.621  0.50 20.03 ? 196 LEU A CD2 1 
ATOM   1137 N N   . THR A 1 182 ? -7.719  -6.612  23.770  1.00 11.71 ? 197 THR A N   1 
ATOM   1138 C CA  . THR A 1 182 ? -9.000  -6.904  24.408  1.00 11.56 ? 197 THR A CA  1 
ATOM   1139 C C   . THR A 1 182 ? -9.998  -7.756  23.637  1.00 11.75 ? 197 THR A C   1 
ATOM   1140 O O   . THR A 1 182 ? -9.879  -7.941  22.425  1.00 11.68 ? 197 THR A O   1 
ATOM   1141 C CB  . THR A 1 182 ? -9.698  -5.592  24.772  1.00 10.54 ? 197 THR A CB  1 
ATOM   1142 O OG1 . THR A 1 182 ? -10.135 -4.944  23.570  1.00 11.74 ? 197 THR A OG1 1 
ATOM   1143 C CG2 . THR A 1 182 ? -8.734  -4.664  25.497  1.00 13.51 ? 197 THR A CG2 1 
ATOM   1144 N N   . HIS A 1 183 ? -10.998 -8.248  24.367  1.00 12.75 ? 198 HIS A N   1 
ATOM   1145 C CA  . HIS A 1 183 ? -12.061 -9.087  23.824  1.00 12.21 ? 198 HIS A CA  1 
ATOM   1146 C C   . HIS A 1 183 ? -11.505 -10.393 23.276  1.00 12.33 ? 198 HIS A C   1 
ATOM   1147 O O   . HIS A 1 183 ? -11.926 -10.882 22.222  1.00 12.35 ? 198 HIS A O   1 
ATOM   1148 C CB  . HIS A 1 183 ? -12.825 -8.322  22.739  1.00 12.89 ? 198 HIS A CB  1 
ATOM   1149 C CG  . HIS A 1 183 ? -13.447 -7.050  23.227  1.00 13.69 ? 198 HIS A CG  1 
ATOM   1150 N ND1 . HIS A 1 183 ? -14.708 -6.998  23.780  1.00 19.66 ? 198 HIS A ND1 1 
ATOM   1151 C CD2 . HIS A 1 183 ? -12.963 -5.786  23.277  1.00 12.97 ? 198 HIS A CD2 1 
ATOM   1152 C CE1 . HIS A 1 183 ? -14.976 -5.757  24.147  1.00 15.38 ? 198 HIS A CE1 1 
ATOM   1153 N NE2 . HIS A 1 183 ? -13.932 -5.002  23.854  1.00 20.02 ? 198 HIS A NE2 1 
ATOM   1154 N N   . LEU A 1 184 ? -10.557 -10.954 24.022  1.00 12.26 ? 199 LEU A N   1 
ATOM   1155 C CA  . LEU A 1 184 ? -9.910  -12.210 23.669  1.00 12.46 ? 199 LEU A CA  1 
ATOM   1156 C C   . LEU A 1 184 ? -10.575 -13.374 24.396  1.00 13.84 ? 199 LEU A C   1 
ATOM   1157 O O   . LEU A 1 184 ? -10.637 -13.387 25.627  1.00 14.57 ? 199 LEU A O   1 
ATOM   1158 C CB  . LEU A 1 184 ? -8.431  -12.160 24.064  1.00 12.35 ? 199 LEU A CB  1 
ATOM   1159 C CG  . LEU A 1 184 ? -7.628  -13.452 23.892  1.00 11.78 ? 199 LEU A CG  1 
ATOM   1160 C CD1 . LEU A 1 184 ? -7.435  -13.748 22.411  1.00 12.99 ? 199 LEU A CD1 1 
ATOM   1161 C CD2 . LEU A 1 184 ? -6.277  -13.313 24.584  1.00 14.08 ? 199 LEU A CD2 1 
ATOM   1162 N N   . ALA A 1 185 ? -11.079 -14.339 23.633  1.00 12.31 ? 200 ALA A N   1 
ATOM   1163 C CA  . ALA A 1 185 ? -11.703 -15.522 24.213  1.00 13.64 ? 200 ALA A CA  1 
ATOM   1164 C C   . ALA A 1 185 ? -10.569 -16.452 24.637  1.00 13.58 ? 200 ALA A C   1 
ATOM   1165 O O   . ALA A 1 185 ? -9.521  -16.495 23.991  1.00 13.88 ? 200 ALA A O   1 
ATOM   1166 C CB  . ALA A 1 185 ? -12.595 -16.209 23.184  1.00 13.75 ? 200 ALA A CB  1 
ATOM   1167 N N   . ALA A 1 186 ? -10.780 -17.198 25.718  1.00 13.18 ? 201 ALA A N   1 
ATOM   1168 C CA  . ALA A 1 186 ? -9.759  -18.109 26.221  1.00 13.48 ? 201 ALA A CA  1 
ATOM   1169 C C   . ALA A 1 186 ? -9.254  -19.073 25.155  1.00 13.63 ? 201 ALA A C   1 
ATOM   1170 O O   . ALA A 1 186 ? -10.032 -19.619 24.369  1.00 14.45 ? 201 ALA A O   1 
ATOM   1171 C CB  . ALA A 1 186 ? -10.303 -18.891 27.416  1.00 14.18 ? 201 ALA A CB  1 
ATOM   1172 N N   . GLY A 1 187 ? -7.940  -19.277 25.133  1.00 13.31 ? 202 GLY A N   1 
ATOM   1173 C CA  . GLY A 1 187 ? -7.353  -20.183 24.163  1.00 13.57 ? 202 GLY A CA  1 
ATOM   1174 C C   . GLY A 1 187 ? -7.597  -21.635 24.534  1.00 15.64 ? 202 GLY A C   1 
ATOM   1175 O O   . GLY A 1 187 ? -7.774  -21.963 25.709  1.00 17.00 ? 202 GLY A O   1 
ATOM   1176 N N   . THR A 1 188 ? -7.615  -22.503 23.528  1.00 16.14 ? 203 THR A N   1 
ATOM   1177 C CA  . THR A 1 188 ? -7.835  -23.927 23.749  1.00 17.66 ? 203 THR A CA  1 
ATOM   1178 C C   . THR A 1 188 ? -6.670  -24.755 23.213  1.00 20.38 ? 203 THR A C   1 
ATOM   1179 O O   . THR A 1 188 ? -6.166  -25.644 23.901  1.00 21.90 ? 203 THR A O   1 
ATOM   1180 C CB  . THR A 1 188 ? -9.159  -24.393 23.097  1.00 18.78 ? 203 THR A CB  1 
ATOM   1181 O OG1 . THR A 1 188 ? -9.231  -23.921 21.746  1.00 18.14 ? 203 THR A OG1 1 
ATOM   1182 C CG2 . THR A 1 188 ? -10.347 -23.850 23.876  1.00 17.38 ? 203 THR A CG2 1 
ATOM   1183 N N   . LYS A 1 189 ? -6.237  -24.462 21.990  1.00 18.32 ? 204 LYS A N   1 
ATOM   1184 C CA  . LYS A 1 189 ? -5.114  -25.179 21.397  1.00 17.34 ? 204 LYS A CA  1 
ATOM   1185 C C   . LYS A 1 189 ? -3.809  -24.624 21.961  1.00 16.55 ? 204 LYS A C   1 
ATOM   1186 O O   . LYS A 1 189 ? -3.771  -23.500 22.464  1.00 17.39 ? 204 LYS A O   1 
ATOM   1187 C CB  . LYS A 1 189 ? -5.126  -25.039 19.872  1.00 19.11 ? 204 LYS A CB  1 
ATOM   1188 C CG  . LYS A 1 189 ? -6.309  -25.712 19.200  1.00 22.92 ? 204 LYS A CG  1 
ATOM   1189 C CD  . LYS A 1 189 ? -6.169  -25.681 17.686  1.00 28.08 ? 204 LYS A CD  1 
ATOM   1190 C CE  . LYS A 1 189 ? -7.360  -26.340 17.005  1.00 30.36 ? 204 LYS A CE  1 
ATOM   1191 N NZ  . LYS A 1 189 ? -7.236  -26.306 15.520  1.00 33.71 ? 204 LYS A NZ  1 
ATOM   1192 N N   . ASP A 1 190 ? -2.740  -25.408 21.871  1.00 16.89 ? 205 ASP A N   1 
ATOM   1193 C CA  . ASP A 1 190 ? -1.447  -24.993 22.402  1.00 17.24 ? 205 ASP A CA  1 
ATOM   1194 C C   . ASP A 1 190 ? -0.955  -23.642 21.904  1.00 16.33 ? 205 ASP A C   1 
ATOM   1195 O O   . ASP A 1 190 ? -0.353  -22.886 22.663  1.00 15.78 ? 205 ASP A O   1 
ATOM   1196 C CB  . ASP A 1 190 ? -0.380  -26.050 22.113  1.00 21.26 ? 205 ASP A CB  1 
ATOM   1197 C CG  . ASP A 1 190 ? -0.606  -27.330 22.889  1.00 26.56 ? 205 ASP A CG  1 
ATOM   1198 O OD1 . ASP A 1 190 ? -0.993  -27.243 24.073  1.00 29.50 ? 205 ASP A OD1 1 
ATOM   1199 O OD2 . ASP A 1 190 ? -0.384  -28.419 22.319  1.00 30.71 ? 205 ASP A OD2 1 
ATOM   1200 N N   . THR A 1 191 ? -1.215  -23.335 20.636  1.00 15.42 ? 206 THR A N   1 
ATOM   1201 C CA  . THR A 1 191 ? -0.767  -22.068 20.071  1.00 14.94 ? 206 THR A CA  1 
ATOM   1202 C C   . THR A 1 191 ? -1.828  -20.969 20.056  1.00 14.77 ? 206 THR A C   1 
ATOM   1203 O O   . THR A 1 191 ? -1.766  -20.044 19.244  1.00 14.57 ? 206 THR A O   1 
ATOM   1204 C CB  . THR A 1 191 ? -0.208  -22.267 18.647  1.00 14.67 ? 206 THR A CB  1 
ATOM   1205 O OG1 . THR A 1 191 ? -1.154  -22.988 17.849  1.00 14.73 ? 206 THR A OG1 1 
ATOM   1206 C CG2 . THR A 1 191 ? 1.100   -23.052 18.701  1.00 15.46 ? 206 THR A CG2 1 
ATOM   1207 N N   . ASP A 1 192 ? -2.804  -21.073 20.953  1.00 13.39 ? 207 ASP A N   1 
ATOM   1208 C CA  . ASP A 1 192 ? -3.847  -20.057 21.076  1.00 12.08 ? 207 ASP A CA  1 
ATOM   1209 C C   . ASP A 1 192 ? -3.390  -19.084 22.163  1.00 12.38 ? 207 ASP A C   1 
ATOM   1210 O O   . ASP A 1 192 ? -2.649  -19.466 23.071  1.00 14.03 ? 207 ASP A O   1 
ATOM   1211 C CB  . ASP A 1 192 ? -5.183  -20.663 21.521  1.00 12.12 ? 207 ASP A CB  1 
ATOM   1212 C CG  . ASP A 1 192 ? -5.896  -21.430 20.421  1.00 13.40 ? 207 ASP A CG  1 
ATOM   1213 O OD1 . ASP A 1 192 ? -5.426  -21.447 19.264  1.00 14.80 ? 207 ASP A OD1 1 
ATOM   1214 O OD2 . ASP A 1 192 ? -6.956  -22.019 20.726  1.00 13.95 ? 207 ASP A OD2 1 
ATOM   1215 N N   . ALA A 1 193 ? -3.843  -17.838 22.081  1.00 12.31 ? 208 ALA A N   1 
ATOM   1216 C CA  . ALA A 1 193 ? -3.485  -16.835 23.074  1.00 13.43 ? 208 ALA A CA  1 
ATOM   1217 C C   . ALA A 1 193 ? -4.239  -17.101 24.371  1.00 14.30 ? 208 ALA A C   1 
ATOM   1218 O O   . ALA A 1 193 ? -5.310  -17.706 24.367  1.00 14.69 ? 208 ALA A O   1 
ATOM   1219 C CB  . ALA A 1 193 ? -3.810  -15.436 22.556  1.00 13.48 ? 208 ALA A CB  1 
ATOM   1220 N N   . VAL A 1 194 ? -3.668  -16.641 25.479  1.00 15.61 ? 209 VAL A N   1 
ATOM   1221 C CA  . VAL A 1 194 ? -4.262  -16.819 26.803  1.00 15.40 ? 209 VAL A CA  1 
ATOM   1222 C C   . VAL A 1 194 ? -4.781  -15.485 27.336  1.00 14.90 ? 209 VAL A C   1 
ATOM   1223 O O   . VAL A 1 194 ? -4.123  -14.459 27.168  1.00 14.70 ? 209 VAL A O   1 
ATOM   1224 C CB  . VAL A 1 194 ? -3.202  -17.373 27.797  1.00 16.63 ? 209 VAL A CB  1 
ATOM   1225 C CG1 . VAL A 1 194 ? -3.726  -17.310 29.225  1.00 17.73 ? 209 VAL A CG1 1 
ATOM   1226 C CG2 . VAL A 1 194 ? -2.848  -18.805 27.429  1.00 17.92 ? 209 VAL A CG2 1 
ATOM   1227 N N   . ASN A 1 195 ? -5.961  -15.484 27.959  1.00 15.42 ? 210 ASN A N   1 
ATOM   1228 C CA  . ASN A 1 195 ? -6.473  -14.242 28.530  1.00 15.19 ? 210 ASN A CA  1 
ATOM   1229 C C   . ASN A 1 195 ? -6.290  -14.249 30.044  1.00 16.71 ? 210 ASN A C   1 
ATOM   1230 O O   . ASN A 1 195 ? -5.891  -15.261 30.620  1.00 15.22 ? 210 ASN A O   1 
ATOM   1231 C CB  . ASN A 1 195 ? -7.944  -13.972 28.142  1.00 15.14 ? 210 ASN A CB  1 
ATOM   1232 C CG  . ASN A 1 195 ? -8.923  -14.994 28.698  1.00 17.08 ? 210 ASN A CG  1 
ATOM   1233 O OD1 . ASN A 1 195 ? -8.669  -15.651 29.707  1.00 17.15 ? 210 ASN A OD1 1 
ATOM   1234 N ND2 . ASN A 1 195 ? -10.077 -15.106 28.043  1.00 14.70 ? 210 ASN A ND2 1 
ATOM   1235 N N   . VAL A 1 196 ? -6.558  -13.112 30.678  1.00 16.46 ? 211 VAL A N   1 
ATOM   1236 C CA  . VAL A 1 196 ? -6.389  -12.973 32.121  1.00 15.54 ? 211 VAL A CA  1 
ATOM   1237 C C   . VAL A 1 196 ? -7.175  -13.991 32.947  1.00 16.95 ? 211 VAL A C   1 
ATOM   1238 O O   . VAL A 1 196 ? -6.620  -14.614 33.856  1.00 17.17 ? 211 VAL A O   1 
ATOM   1239 C CB  . VAL A 1 196 ? -6.755  -11.540 32.574  1.00 16.18 ? 211 VAL A CB  1 
ATOM   1240 C CG1 . VAL A 1 196 ? -6.761  -11.449 34.097  1.00 18.18 ? 211 VAL A CG1 1 
ATOM   1241 C CG2 . VAL A 1 196 ? -5.747  -10.546 31.999  1.00 15.82 ? 211 VAL A CG2 1 
ATOM   1242 N N   . ALA A 1 197 ? -8.454  -14.162 32.632  1.00 17.70 ? 212 ALA A N   1 
ATOM   1243 C CA  . ALA A 1 197 ? -9.301  -15.108 33.359  1.00 18.29 ? 212 ALA A CA  1 
ATOM   1244 C C   . ALA A 1 197 ? -8.708  -16.511 33.319  1.00 19.88 ? 212 ALA A C   1 
ATOM   1245 O O   . ALA A 1 197 ? -8.739  -17.248 34.308  1.00 19.43 ? 212 ALA A O   1 
ATOM   1246 C CB  . ALA A 1 197 ? -10.700 -15.121 32.757  1.00 19.36 ? 212 ALA A CB  1 
ATOM   1247 N N   . GLN A 1 198 ? -8.175  -16.870 32.158  1.00 18.98 ? 213 GLN A N   1 
ATOM   1248 C CA  . GLN A 1 198 ? -7.570  -18.176 31.937  1.00 21.19 ? 213 GLN A CA  1 
ATOM   1249 C C   . GLN A 1 198 ? -6.304  -18.343 32.775  1.00 21.62 ? 213 GLN A C   1 
ATOM   1250 O O   . GLN A 1 198 ? -6.069  -19.402 33.361  1.00 22.83 ? 213 GLN A O   1 
ATOM   1251 C CB  . GLN A 1 198 ? -7.266  -18.319 30.447  1.00 21.44 ? 213 GLN A CB  1 
ATOM   1252 C CG  . GLN A 1 198 ? -6.572  -19.588 30.024  1.00 23.04 ? 213 GLN A CG  1 
ATOM   1253 C CD  . GLN A 1 198 ? -6.659  -19.783 28.525  1.00 21.85 ? 213 GLN A CD  1 
ATOM   1254 O OE1 . GLN A 1 198 ? -6.614  -18.816 27.760  1.00 21.37 ? 213 GLN A OE1 1 
ATOM   1255 N NE2 . GLN A 1 198 ? -6.779  -21.032 28.096  1.00 20.66 ? 213 GLN A NE2 1 
ATOM   1256 N N   . LEU A 1 199 ? -5.492  -17.293 32.831  1.00 22.00 ? 214 LEU A N   1 
ATOM   1257 C CA  . LEU A 1 199 ? -4.261  -17.320 33.611  1.00 23.64 ? 214 LEU A CA  1 
ATOM   1258 C C   . LEU A 1 199 ? -4.601  -17.574 35.075  1.00 25.74 ? 214 LEU A C   1 
ATOM   1259 O O   . LEU A 1 199 ? -4.028  -18.456 35.713  1.00 27.72 ? 214 LEU A O   1 
ATOM   1260 C CB  . LEU A 1 199 ? -3.525  -15.984 33.479  1.00 22.42 ? 214 LEU A CB  1 
ATOM   1261 C CG  . LEU A 1 199 ? -2.296  -15.767 34.367  1.00 22.59 ? 214 LEU A CG  1 
ATOM   1262 C CD1 . LEU A 1 199 ? -1.227  -16.799 34.048  1.00 24.42 ? 214 LEU A CD1 1 
ATOM   1263 C CD2 . LEU A 1 199 ? -1.759  -14.361 34.148  1.00 22.71 ? 214 LEU A CD2 1 
ATOM   1264 N N   . LYS A 1 200 ? -5.545  -16.797 35.597  1.00 26.09 ? 215 LYS A N   1 
ATOM   1265 C CA  . LYS A 1 200 ? -5.966  -16.929 36.987  1.00 28.50 ? 215 LYS A CA  1 
ATOM   1266 C C   . LYS A 1 200 ? -6.529  -18.316 37.284  1.00 30.05 ? 215 LYS A C   1 
ATOM   1267 O O   . LYS A 1 200 ? -6.154  -18.950 38.272  1.00 30.87 ? 215 LYS A O   1 
ATOM   1268 C CB  . LYS A 1 200 ? -7.015  -15.866 37.319  1.00 27.79 ? 215 LYS A CB  1 
ATOM   1269 C CG  . LYS A 1 200 ? -6.494  -14.439 37.225  1.00 32.75 ? 215 LYS A CG  1 
ATOM   1270 C CD  . LYS A 1 200 ? -7.578  -13.427 37.549  1.00 34.44 ? 215 LYS A CD  1 
ATOM   1271 C CE  . LYS A 1 200 ? -7.029  -12.010 37.530  1.00 37.10 ? 215 LYS A CE  1 
ATOM   1272 N NZ  . LYS A 1 200 ? -8.074  -11.005 37.872  1.00 37.63 ? 215 LYS A NZ  1 
ATOM   1273 N N   . LYS A 1 201 ? -7.428  -18.783 36.423  1.00 30.30 ? 216 LYS A N   1 
ATOM   1274 C CA  . LYS A 1 201 ? -8.047  -20.092 36.596  1.00 32.74 ? 216 LYS A CA  1 
ATOM   1275 C C   . LYS A 1 201 ? -7.010  -21.207 36.686  1.00 35.03 ? 216 LYS A C   1 
ATOM   1276 O O   . LYS A 1 201 ? -6.989  -21.968 37.654  1.00 35.61 ? 216 LYS A O   1 
ATOM   1277 C CB  . LYS A 1 201 ? -9.011  -20.365 35.447  1.00 32.52 ? 216 LYS A CB  1 
ATOM   1278 N N   . GLU A 1 202 ? -6.151  -21.302 35.675  1.00 36.08 ? 217 GLU A N   1 
ATOM   1279 C CA  . GLU A 1 202 ? -5.121  -22.335 35.648  1.00 39.14 ? 217 GLU A CA  1 
ATOM   1280 C C   . GLU A 1 202 ? -4.242  -22.309 36.893  1.00 40.26 ? 217 GLU A C   1 
ATOM   1281 O O   . GLU A 1 202 ? -3.904  -23.359 37.440  1.00 41.15 ? 217 GLU A O   1 
ATOM   1282 C CB  . GLU A 1 202 ? -4.250  -22.185 34.397  1.00 39.94 ? 217 GLU A CB  1 
ATOM   1283 C CG  . GLU A 1 202 ? -4.988  -22.443 33.092  1.00 43.46 ? 217 GLU A CG  1 
ATOM   1284 C CD  . GLU A 1 202 ? -5.602  -23.831 33.029  1.00 46.11 ? 217 GLU A CD  1 
ATOM   1285 O OE1 . GLU A 1 202 ? -6.522  -24.117 33.823  1.00 46.85 ? 217 GLU A OE1 1 
ATOM   1286 O OE2 . GLU A 1 202 ? -5.162  -24.638 32.182  1.00 48.03 ? 217 GLU A OE2 1 
ATOM   1287 N N   . ILE A 1 203 ? -3.874  -21.113 37.338  1.00 40.98 ? 218 ILE A N   1 
ATOM   1288 C CA  . ILE A 1 203 ? -3.039  -20.975 38.525  1.00 42.72 ? 218 ILE A CA  1 
ATOM   1289 C C   . ILE A 1 203 ? -3.780  -21.473 39.762  1.00 44.23 ? 218 ILE A C   1 
ATOM   1290 O O   . ILE A 1 203 ? -3.249  -22.273 40.533  1.00 45.50 ? 218 ILE A O   1 
ATOM   1291 C CB  . ILE A 1 203 ? -2.622  -19.505 38.756  1.00 42.44 ? 218 ILE A CB  1 
ATOM   1292 C CG1 . ILE A 1 203 ? -1.727  -19.032 37.609  1.00 42.64 ? 218 ILE A CG1 1 
ATOM   1293 C CG2 . ILE A 1 203 ? -1.891  -19.373 40.085  1.00 43.06 ? 218 ILE A CG2 1 
ATOM   1294 C CD1 . ILE A 1 203 ? -1.260  -17.598 37.745  1.00 42.62 ? 218 ILE A CD1 1 
ATOM   1295 N N   . GLU A 1 204 ? -5.008  -20.998 39.943  1.00 45.35 ? 219 GLU A N   1 
ATOM   1296 C CA  . GLU A 1 204 ? -5.824  -21.392 41.086  1.00 46.63 ? 219 GLU A CA  1 
ATOM   1297 C C   . GLU A 1 204 ? -5.823  -22.908 41.254  1.00 47.70 ? 219 GLU A C   1 
ATOM   1298 O O   . GLU A 1 204 ? -5.668  -23.418 42.363  1.00 47.95 ? 219 GLU A O   1 
ATOM   1299 C CB  . GLU A 1 204 ? -7.250  -20.885 40.909  1.00 46.50 ? 219 GLU A CB  1 
ATOM   1300 N N   . LYS A 1 205 ? -5.998  -23.624 40.148  1.00 48.38 ? 220 LYS A N   1 
ATOM   1301 C CA  . LYS A 1 205 ? -6.009  -25.080 40.183  1.00 49.67 ? 220 LYS A CA  1 
ATOM   1302 C C   . LYS A 1 205 ? -4.608  -25.640 39.946  1.00 50.28 ? 220 LYS A C   1 
ATOM   1303 O O   . LYS A 1 205 ? -4.423  -26.389 38.962  1.00 51.03 ? 220 LYS A O   1 
ATOM   1304 C CB  . LYS A 1 205 ? -6.980  -25.627 39.131  1.00 49.40 ? 220 LYS A CB  1 
ATOM   1305 C CG  . LYS A 1 205 ? -6.709  -25.149 37.714  1.00 49.93 ? 220 LYS A CG  1 
ATOM   1306 C CD  . LYS A 1 205 ? -7.693  -25.755 36.723  1.00 49.95 ? 220 LYS A CD  1 
ATOM   1307 C CE  . LYS A 1 205 ? -9.126  -25.352 37.040  1.00 49.95 ? 220 LYS A CE  1 
ATOM   1308 N NZ  . LYS A 1 205 ? -10.092 -25.908 36.050  1.00 50.79 ? 220 LYS A NZ  1 
HETATM 1309 O O   . HOH B 2 .   ? -3.714  7.394   7.572   1.00 11.70 ? 242 HOH A O   1 
HETATM 1310 O O   . HOH B 2 .   ? -7.382  -17.360 22.329  1.00 13.68 ? 243 HOH A O   1 
HETATM 1311 O O   . HOH B 2 .   ? -1.665  -6.010  -5.905  1.00 12.91 ? 244 HOH A O   1 
HETATM 1312 O O   . HOH B 2 .   ? -3.521  -4.493  -10.091 1.00 12.01 ? 245 HOH A O   1 
HETATM 1313 O O   . HOH B 2 .   ? 3.175   -10.645 6.658   1.00 12.77 ? 246 HOH A O   1 
HETATM 1314 O O   . HOH B 2 .   ? -3.536  -21.878 17.502  1.00 13.31 ? 247 HOH A O   1 
HETATM 1315 O O   . HOH B 2 .   ? 1.567   -9.349  2.427   1.00 13.20 ? 248 HOH A O   1 
HETATM 1316 O O   . HOH B 2 .   ? -4.001  16.876  -14.337 1.00 14.30 ? 249 HOH A O   1 
HETATM 1317 O O   . HOH B 2 .   ? 7.686   -7.361  16.551  1.00 12.46 ? 250 HOH A O   1 
HETATM 1318 O O   . HOH B 2 .   ? -7.179  -0.959  -18.019 1.00 13.18 ? 251 HOH A O   1 
HETATM 1319 O O   . HOH B 2 .   ? 9.418   7.998   -9.953  1.00 17.14 ? 252 HOH A O   1 
HETATM 1320 O O   . HOH B 2 .   ? 6.332   4.089   8.614   1.00 19.02 ? 253 HOH A O   1 
HETATM 1321 O O   . HOH B 2 .   ? 8.113   7.040   -20.482 1.00 20.50 ? 254 HOH A O   1 
HETATM 1322 O O   . HOH B 2 .   ? 10.337  -2.262  12.195  1.00 16.41 ? 255 HOH A O   1 
HETATM 1323 O O   . HOH B 2 .   ? 2.033   13.898  -4.280  1.00 22.19 ? 256 HOH A O   1 
HETATM 1324 O O   . HOH B 2 .   ? 1.226   5.753   18.898  1.00 20.94 ? 257 HOH A O   1 
HETATM 1325 O O   . HOH B 2 .   ? 4.043   9.908   -14.802 1.00 22.48 ? 258 HOH A O   1 
HETATM 1326 O O   . HOH B 2 .   ? 1.813   -10.312 -10.915 1.00 21.27 ? 259 HOH A O   1 
HETATM 1327 O O   . HOH B 2 .   ? 8.673   -4.542  -8.367  1.00 21.41 ? 260 HOH A O   1 
HETATM 1328 O O   . HOH B 2 .   ? 14.472  -10.844 13.575  1.00 18.28 ? 261 HOH A O   1 
HETATM 1329 O O   . HOH B 2 .   ? 6.089   11.503  -11.654 1.00 22.84 ? 262 HOH A O   1 
HETATM 1330 O O   . HOH B 2 .   ? 8.336   -0.139  1.519   1.00 22.53 ? 263 HOH A O   1 
HETATM 1331 O O   . HOH B 2 .   ? -12.740 -20.103 24.389  1.00 22.87 ? 264 HOH A O   1 
HETATM 1332 O O   . HOH B 2 .   ? -13.381 -16.964 26.964  1.00 19.25 ? 265 HOH A O   1 
HETATM 1333 O O   . HOH B 2 .   ? 7.169   -6.541  -12.200 1.00 20.28 ? 266 HOH A O   1 
HETATM 1334 O O   . HOH B 2 .   ? 7.709   -11.570 -2.375  1.00 19.57 ? 267 HOH A O   1 
HETATM 1335 O O   . HOH B 2 .   ? 13.514  -12.146 8.111   1.00 21.32 ? 268 HOH A O   1 
HETATM 1336 O O   . HOH B 2 .   ? 7.662   -2.515  -13.769 1.00 24.77 ? 269 HOH A O   1 
HETATM 1337 O O   . HOH B 2 .   ? 10.388  2.658   3.113   1.00 27.60 ? 270 HOH A O   1 
HETATM 1338 O O   . HOH B 2 .   ? -5.960  -7.670  -17.598 1.00 22.45 ? 271 HOH A O   1 
HETATM 1339 O O   . HOH B 2 .   ? 7.936   0.739   -2.405  1.00 25.37 ? 272 HOH A O   1 
HETATM 1340 O O   . HOH B 2 .   ? 0.667   -3.584  -24.287 1.00 28.36 ? 273 HOH A O   1 
HETATM 1341 O O   . HOH B 2 .   ? 12.243  2.867   5.767   1.00 27.31 ? 274 HOH A O   1 
HETATM 1342 O O   . HOH B 2 .   ? 7.923   3.715   -19.621 1.00 24.70 ? 275 HOH A O   1 
HETATM 1343 O O   . HOH B 2 .   ? 6.435   5.483   3.466   1.00 38.35 ? 276 HOH A O   1 
HETATM 1344 O O   . HOH B 2 .   ? 1.531   10.994  -24.827 1.00 25.44 ? 277 HOH A O   1 
HETATM 1345 O O   . HOH B 2 .   ? 5.391   -14.769 -2.110  1.00 30.13 ? 278 HOH A O   1 
HETATM 1346 O O   . HOH B 2 .   ? 10.325  -11.118 3.618   1.00 39.88 ? 279 HOH A O   1 
HETATM 1347 O O   . HOH B 2 .   ? 3.165   1.754   26.978  1.00 20.31 ? 280 HOH A O   1 
HETATM 1348 O O   . HOH B 2 .   ? -1.111  18.467  -22.089 1.00 29.73 ? 281 HOH A O   1 
HETATM 1349 O O   . HOH B 2 .   ? -1.536  0.175   27.268  1.00 32.25 ? 282 HOH A O   1 
HETATM 1350 O O   . HOH B 2 .   ? 3.667   11.455  9.627   1.00 26.94 ? 283 HOH A O   1 
HETATM 1351 O O   . HOH B 2 .   ? 7.297   4.097   15.639  1.00 25.08 ? 284 HOH A O   1 
HETATM 1352 O O   . HOH B 2 .   ? 5.397   9.814   -20.546 1.00 27.69 ? 285 HOH A O   1 
HETATM 1353 O O   . HOH B 2 .   ? 2.930   11.184  -19.472 1.00 23.09 ? 286 HOH A O   1 
HETATM 1354 O O   . HOH B 2 .   ? 15.919  -3.292  11.372  1.00 19.59 ? 287 HOH A O   1 
HETATM 1355 O O   . HOH B 2 .   ? -4.297  -23.593 15.194  1.00 21.73 ? 288 HOH A O   1 
HETATM 1356 O O   . HOH B 2 .   ? -15.579 -15.336 25.820  1.00 24.72 ? 289 HOH A O   1 
HETATM 1357 O O   . HOH B 2 .   ? 2.571   -5.041  -21.635 1.00 25.92 ? 290 HOH A O   1 
HETATM 1358 O O   . HOH B 2 .   ? -3.049  -28.022 20.829  1.00 28.93 ? 291 HOH A O   1 
HETATM 1359 O O   . HOH B 2 .   ? 5.910   6.158   -1.105  1.00 28.36 ? 292 HOH A O   1 
HETATM 1360 O O   . HOH B 2 .   ? -7.960  15.750  -23.025 1.00 27.50 ? 293 HOH A O   1 
HETATM 1361 O O   . HOH B 2 .   ? 7.216   4.778   12.596  1.00 34.67 ? 294 HOH A O   1 
HETATM 1362 O O   . HOH B 2 .   ? 2.369   16.795  -13.824 1.00 29.95 ? 295 HOH A O   1 
HETATM 1363 O O   . HOH B 2 .   ? 7.216   -0.399  -17.807 1.00 27.42 ? 296 HOH A O   1 
HETATM 1364 O O   . HOH B 2 .   ? 12.801  -9.660  5.216   1.00 30.09 ? 297 HOH A O   1 
HETATM 1365 O O   . HOH B 2 .   ? 8.781   5.572   9.629   1.00 34.48 ? 298 HOH A O   1 
HETATM 1366 O O   . HOH B 2 .   ? -12.402 -16.284 29.672  1.00 25.52 ? 299 HOH A O   1 
HETATM 1367 O O   . HOH B 2 .   ? 5.237   7.632   -5.089  1.00 26.09 ? 300 HOH A O   1 
HETATM 1368 O O   . HOH B 2 .   ? -8.526  -5.324  -28.187 1.00 37.22 ? 301 HOH A O   1 
HETATM 1369 O O   . HOH B 2 .   ? 10.543  -2.110  -9.714  1.00 37.80 ? 302 HOH A O   1 
HETATM 1370 O O   . HOH B 2 .   ? 5.598   14.779  -13.747 1.00 29.11 ? 303 HOH A O   1 
HETATM 1371 O O   . HOH B 2 .   ? 5.530   8.943   -23.600 1.00 44.02 ? 304 HOH A O   1 
HETATM 1372 O O   . HOH B 2 .   ? 1.344   0.482   29.383  1.00 35.02 ? 305 HOH A O   1 
HETATM 1373 O O   . HOH B 2 .   ? 4.211   14.438  -20.637 1.00 35.45 ? 306 HOH A O   1 
HETATM 1374 O O   . HOH B 2 .   ? 9.575   -1.948  17.881  1.00 33.93 ? 307 HOH A O   1 
HETATM 1375 O O   . HOH B 2 .   ? 7.196   -16.063 0.234   1.00 27.85 ? 308 HOH A O   1 
HETATM 1376 O O   . HOH B 2 .   ? -1.577  -25.720 18.632  1.00 30.68 ? 309 HOH A O   1 
HETATM 1377 O O   . HOH B 2 .   ? 8.905   -17.298 7.871   1.00 31.68 ? 310 HOH A O   1 
HETATM 1378 O O   . HOH B 2 .   ? 7.280   -0.274  24.431  1.00 28.65 ? 311 HOH A O   1 
HETATM 1379 O O   . HOH B 2 .   ? -10.641 -16.864 36.282  1.00 36.32 ? 312 HOH A O   1 
HETATM 1380 O O   . HOH B 2 .   ? 8.322   -2.059  27.488  1.00 32.68 ? 313 HOH A O   1 
HETATM 1381 O O   . HOH B 2 .   ? -4.733  0.199   27.273  1.00 33.07 ? 314 HOH A O   1 
HETATM 1382 O O   . HOH B 2 .   ? 15.929  -6.001  14.093  1.00 34.17 ? 315 HOH A O   1 
HETATM 1383 O O   . HOH B 2 .   ? 10.288  -7.264  -8.082  1.00 35.39 ? 316 HOH A O   1 
HETATM 1384 O O   . HOH B 2 .   ? 2.084   7.878   -25.388 1.00 36.56 ? 317 HOH A O   1 
HETATM 1385 O O   . HOH B 2 .   ? -1.392  6.192   -26.311 1.00 37.39 ? 318 HOH A O   1 
HETATM 1386 O O   . HOH B 2 .   ? -9.819  -22.675 27.502  1.00 35.99 ? 319 HOH A O   1 
HETATM 1387 O O   . HOH B 2 .   ? -3.971  -1.054  -29.645 1.00 35.23 ? 320 HOH A O   1 
HETATM 1388 O O   . HOH B 2 .   ? 3.495   16.106  -11.046 1.00 36.36 ? 321 HOH A O   1 
HETATM 1389 O O   . HOH B 2 .   ? -2.912  -10.361 -11.216 1.00 39.41 ? 322 HOH A O   1 
HETATM 1390 O O   . HOH B 2 .   ? 14.988  -5.156  17.088  1.00 38.01 ? 323 HOH A O   1 
HETATM 1391 O O   . HOH B 2 .   ? 2.714   -13.183 -8.880  1.00 30.95 ? 324 HOH A O   1 
HETATM 1392 O O   . HOH B 2 .   ? 12.171  -13.968 15.211  1.00 41.35 ? 325 HOH A O   1 
HETATM 1393 O O   . HOH B 2 .   ? 7.627   10.225  -9.248  1.00 22.52 ? 326 HOH A O   1 
HETATM 1394 O O   . HOH B 2 .   ? 6.874   -5.009  -15.413 1.00 32.05 ? 327 HOH A O   1 
HETATM 1395 O O   . HOH B 2 .   ? 7.686   -3.489  24.696  1.00 29.69 ? 328 HOH A O   1 
HETATM 1396 O O   . HOH B 2 .   ? 7.200   9.026   -3.040  1.00 34.05 ? 329 HOH A O   1 
HETATM 1397 O O   . HOH B 2 .   ? 12.316  -0.020  12.959  1.00 30.91 ? 330 HOH A O   1 
HETATM 1398 O O   . HOH B 2 .   ? -10.345 1.283   -33.310 1.00 40.56 ? 331 HOH A O   1 
HETATM 1399 O O   . HOH B 2 .   ? 14.013  -2.555  13.619  1.00 33.29 ? 332 HOH A O   1 
HETATM 1400 O O   . HOH B 2 .   ? 12.512  -8.101  2.452   1.00 39.71 ? 333 HOH A O   1 
HETATM 1401 O O   . HOH B 2 .   ? -6.473  -23.087 30.067  1.00 38.27 ? 334 HOH A O   1 
HETATM 1402 O O   . HOH B 2 .   ? 12.344  -1.640  16.286  1.00 39.77 ? 335 HOH A O   1 
HETATM 1403 O O   . HOH B 2 .   ? 10.081  3.620   12.000  1.00 40.87 ? 336 HOH A O   1 
HETATM 1404 O O   . HOH B 2 .   ? 5.828   0.823   -22.368 1.00 32.07 ? 337 HOH A O   1 
HETATM 1405 O O   . HOH B 2 .   ? -4.039  -27.362 24.325  1.00 32.71 ? 338 HOH A O   1 
HETATM 1406 O O   . HOH B 2 .   ? 4.767   8.907   -9.765  1.00 28.72 ? 339 HOH A O   1 
HETATM 1407 O O   . HOH B 2 .   ? -17.958 22.602  -17.942 1.00 41.14 ? 340 HOH A O   1 
HETATM 1408 O O   . HOH B 2 .   ? 9.522   3.584   17.826  1.00 37.49 ? 341 HOH A O   1 
HETATM 1409 O O   . HOH B 2 .   ? 12.707  -5.250  0.768   1.00 39.64 ? 342 HOH A O   1 
HETATM 1410 O O   . HOH B 2 .   ? -14.473 -14.327 31.019  1.00 37.22 ? 343 HOH A O   1 
HETATM 1411 O O   . HOH B 2 .   ? 11.299  -16.965 14.294  1.00 44.51 ? 344 HOH A O   1 
HETATM 1412 O O   . HOH B 2 .   ? 4.101   -10.808 -13.089 1.00 40.97 ? 345 HOH A O   1 
HETATM 1413 O O   . HOH B 2 .   ? 11.298  -14.695 8.363   1.00 31.26 ? 346 HOH A O   1 
# 
